data_6XEI
# 
_entry.id   6XEI 
# 
_audit_conform.dict_name       mmcif_pdbx.dic 
_audit_conform.dict_version    5.380 
_audit_conform.dict_location   http://mmcif.pdb.org/dictionaries/ascii/mmcif_pdbx.dic 
# 
loop_
_database_2.database_id 
_database_2.database_code 
_database_2.pdbx_database_accession 
_database_2.pdbx_DOI 
PDB   6XEI         pdb_00006xei 10.2210/pdb6xei/pdb 
WWPDB D_1000249240 ?            ?                   
# 
_pdbx_database_status.status_code                     REL 
_pdbx_database_status.status_code_sf                  REL 
_pdbx_database_status.status_code_mr                  ? 
_pdbx_database_status.entry_id                        6XEI 
_pdbx_database_status.recvd_initial_deposition_date   2020-06-12 
_pdbx_database_status.SG_entry                        N 
_pdbx_database_status.deposit_site                    RCSB 
_pdbx_database_status.process_site                    RCSB 
_pdbx_database_status.status_code_cs                  ? 
_pdbx_database_status.status_code_nmr_data            ? 
_pdbx_database_status.methods_development_category    ? 
_pdbx_database_status.pdb_format_compatible           Y 
# 
loop_
_audit_author.name 
_audit_author.pdbx_ordinal 
_audit_author.identifier_ORCID 
'Simmons, C.R.'      1 0000-0002-2290-6132 
'MacCulloch, T.'     2 0000-0001-5875-3361 
'Stephanopoulos, N.' 3 0000-0001-7859-410X 
'Yan, H.'            4 0000-0001-7397-9852 
# 
_citation.abstract                  ? 
_citation.abstract_id_CAS           ? 
_citation.book_id_ISBN              ? 
_citation.book_publisher            ? 
_citation.book_publisher_city       ? 
_citation.book_title                ? 
_citation.coordinate_linkage        ? 
_citation.country                   UK 
_citation.database_id_Medline       ? 
_citation.details                   ? 
_citation.id                        primary 
_citation.journal_abbrev            'Nat Commun' 
_citation.journal_id_ASTM           ? 
_citation.journal_id_CSD            ? 
_citation.journal_id_ISSN           2041-1723 
_citation.journal_full              ? 
_citation.journal_issue             ? 
_citation.journal_volume            13 
_citation.language                  ? 
_citation.page_first                3112 
_citation.page_last                 3112 
_citation.title                     'The influence of Holliday junction sequence and dynamics on DNA crystal self-assembly.' 
_citation.year                      2022 
_citation.database_id_CSD           ? 
_citation.pdbx_database_id_DOI      10.1038/s41467-022-30779-6 
_citation.pdbx_database_id_PubMed   35662248 
_citation.unpublished_flag          ? 
# 
loop_
_citation_author.citation_id 
_citation_author.name 
_citation_author.ordinal 
_citation_author.identifier_ORCID 
primary 'Simmons, C.R.'      1  ?                   
primary 'MacCulloch, T.'     2  ?                   
primary 'Krepl, M.'          3  0000-0002-9833-4281 
primary 'Matthies, M.'       4  ?                   
primary 'Buchberger, A.'     5  ?                   
primary 'Crawford, I.'       6  ?                   
primary 'Sponer, J.'         7  0000-0001-6558-6186 
primary 'Sulc, P.'           8  0000-0003-1565-6769 
primary 'Stephanopoulos, N.' 9  0000-0001-7859-410X 
primary 'Yan, H.'            10 0000-0001-7397-9852 
# 
_cell.angle_alpha                  90.000 
_cell.angle_alpha_esd              ? 
_cell.angle_beta                   90.000 
_cell.angle_beta_esd               ? 
_cell.angle_gamma                  120.000 
_cell.angle_gamma_esd              ? 
_cell.entry_id                     6XEI 
_cell.details                      ? 
_cell.formula_units_Z              ? 
_cell.length_a                     68.731 
_cell.length_a_esd                 ? 
_cell.length_b                     68.731 
_cell.length_b_esd                 ? 
_cell.length_c                     60.829 
_cell.length_c_esd                 ? 
_cell.volume                       ? 
_cell.volume_esd                   ? 
_cell.Z_PDB                        3 
_cell.reciprocal_angle_alpha       ? 
_cell.reciprocal_angle_beta        ? 
_cell.reciprocal_angle_gamma       ? 
_cell.reciprocal_angle_alpha_esd   ? 
_cell.reciprocal_angle_beta_esd    ? 
_cell.reciprocal_angle_gamma_esd   ? 
_cell.reciprocal_length_a          ? 
_cell.reciprocal_length_b          ? 
_cell.reciprocal_length_c          ? 
_cell.reciprocal_length_a_esd      ? 
_cell.reciprocal_length_b_esd      ? 
_cell.reciprocal_length_c_esd      ? 
_cell.pdbx_unique_axis             ? 
# 
_symmetry.entry_id                         6XEI 
_symmetry.cell_setting                     ? 
_symmetry.Int_Tables_number                145 
_symmetry.space_group_name_Hall            ? 
_symmetry.space_group_name_H-M             'P 32' 
_symmetry.pdbx_full_space_group_name_H-M   ? 
# 
loop_
_entity.id 
_entity.type 
_entity.src_method 
_entity.pdbx_description 
_entity.formula_weight 
_entity.pdbx_number_of_molecules 
_entity.pdbx_ec 
_entity.pdbx_mutation 
_entity.pdbx_fragment 
_entity.details 
1 polymer     syn 
;DNA (5'-D(*GP*AP*GP*CP*AP*GP*AP*CP*GP*TP*G)-3')
;
3423.248 1 ? ? ? ? 
2 polymer     syn 
;DNA (5'-D(P*AP*CP*TP*GP*CP*AP*CP*TP*CP*A)-3')
;
2988.982 1 ? ? ? ? 
3 polymer     syn 
;DNA (5'-D(P*CP*AP*AP*GP*T)-3')
;
1504.037 1 ? ? ? ? 
4 polymer     syn 
;DNA (5'-D(*TP*CP*TP*GP*AP*GP*TP*GP*CP*CP*GP*TP*CP*TP*GP*C)-3')
;
4881.151 1 ? ? ? ? 
5 non-polymer syn 'CACODYLATE ION'                                                 136.989  3 ? ? ? ? 
# 
loop_
_entity_poly.entity_id 
_entity_poly.type 
_entity_poly.nstd_linkage 
_entity_poly.nstd_monomer 
_entity_poly.pdbx_seq_one_letter_code 
_entity_poly.pdbx_seq_one_letter_code_can 
_entity_poly.pdbx_strand_id 
_entity_poly.pdbx_target_identifier 
1 polydeoxyribonucleotide no no '(DG)(DA)(DG)(DC)(DA)(DG)(DA)(DC)(DG)(DT)(DG)'                     GAGCAGACGTG      A ? 
2 polydeoxyribonucleotide no no '(DA)(DC)(DT)(DG)(DC)(DA)(DC)(DT)(DC)(DA)'                         ACTGCACTCA       B ? 
3 polydeoxyribonucleotide no no '(DC)(DA)(DA)(DG)(DT)'                                             CAAGT            C ? 
4 polydeoxyribonucleotide no no '(DT)(DC)(DT)(DG)(DA)(DG)(DT)(DG)(DC)(DC)(DG)(DT)(DC)(DT)(DG)(DC)' TCTGAGTGCCGTCTGC D ? 
# 
loop_
_entity_poly_seq.entity_id 
_entity_poly_seq.num 
_entity_poly_seq.mon_id 
_entity_poly_seq.hetero 
1 1  DG n 
1 2  DA n 
1 3  DG n 
1 4  DC n 
1 5  DA n 
1 6  DG n 
1 7  DA n 
1 8  DC n 
1 9  DG n 
1 10 DT n 
1 11 DG n 
2 1  DA n 
2 2  DC n 
2 3  DT n 
2 4  DG n 
2 5  DC n 
2 6  DA n 
2 7  DC n 
2 8  DT n 
2 9  DC n 
2 10 DA n 
3 1  DC n 
3 2  DA n 
3 3  DA n 
3 4  DG n 
3 5  DT n 
4 1  DT n 
4 2  DC n 
4 3  DT n 
4 4  DG n 
4 5  DA n 
4 6  DG n 
4 7  DT n 
4 8  DG n 
4 9  DC n 
4 10 DC n 
4 11 DG n 
4 12 DT n 
4 13 DC n 
4 14 DT n 
4 15 DG n 
4 16 DC n 
# 
loop_
_pdbx_entity_src_syn.entity_id 
_pdbx_entity_src_syn.pdbx_src_id 
_pdbx_entity_src_syn.pdbx_alt_source_flag 
_pdbx_entity_src_syn.pdbx_beg_seq_num 
_pdbx_entity_src_syn.pdbx_end_seq_num 
_pdbx_entity_src_syn.organism_scientific 
_pdbx_entity_src_syn.organism_common_name 
_pdbx_entity_src_syn.ncbi_taxonomy_id 
_pdbx_entity_src_syn.details 
1 1 sample 1 11 'synthetic construct' ? 32630 ? 
2 1 sample 1 10 'synthetic construct' ? 32630 ? 
3 1 sample 1 5  'synthetic construct' ? 32630 ? 
4 1 sample 1 16 'synthetic construct' ? 32630 ? 
# 
loop_
_struct_ref.id 
_struct_ref.db_name 
_struct_ref.db_code 
_struct_ref.pdbx_db_accession 
_struct_ref.pdbx_db_isoform 
_struct_ref.entity_id 
_struct_ref.pdbx_seq_one_letter_code 
_struct_ref.pdbx_align_begin 
1 PDB 6XEI 6XEI ? 1 ? 1 
2 PDB 6XEI 6XEI ? 2 ? 1 
3 PDB 6XEI 6XEI ? 3 ? 1 
4 PDB 6XEI 6XEI ? 4 ? 1 
# 
loop_
_struct_ref_seq.align_id 
_struct_ref_seq.ref_id 
_struct_ref_seq.pdbx_PDB_id_code 
_struct_ref_seq.pdbx_strand_id 
_struct_ref_seq.seq_align_beg 
_struct_ref_seq.pdbx_seq_align_beg_ins_code 
_struct_ref_seq.seq_align_end 
_struct_ref_seq.pdbx_seq_align_end_ins_code 
_struct_ref_seq.pdbx_db_accession 
_struct_ref_seq.db_align_beg 
_struct_ref_seq.pdbx_db_align_beg_ins_code 
_struct_ref_seq.db_align_end 
_struct_ref_seq.pdbx_db_align_end_ins_code 
_struct_ref_seq.pdbx_auth_seq_align_beg 
_struct_ref_seq.pdbx_auth_seq_align_end 
1 1 6XEI A 1 ? 11 ? 6XEI 1  ? 11 ? 1  11 
2 2 6XEI B 1 ? 10 ? 6XEI 12 ? 21 ? 12 21 
3 3 6XEI C 1 ? 5  ? 6XEI 1  ? 5  ? 1  5  
4 4 6XEI D 1 ? 16 ? 6XEI 1  ? 16 ? 1  16 
# 
loop_
_chem_comp.id 
_chem_comp.type 
_chem_comp.mon_nstd_flag 
_chem_comp.name 
_chem_comp.pdbx_synonyms 
_chem_comp.formula 
_chem_comp.formula_weight 
CAC non-polymer   . 'CACODYLATE ION'                     dimethylarsinate 'C2 H6 As O2 -1'  136.989 
DA  'DNA linking' y "2'-DEOXYADENOSINE-5'-MONOPHOSPHATE" ?                'C10 H14 N5 O6 P' 331.222 
DC  'DNA linking' y "2'-DEOXYCYTIDINE-5'-MONOPHOSPHATE"  ?                'C9 H14 N3 O7 P'  307.197 
DG  'DNA linking' y "2'-DEOXYGUANOSINE-5'-MONOPHOSPHATE" ?                'C10 H14 N5 O7 P' 347.221 
DT  'DNA linking' y "THYMIDINE-5'-MONOPHOSPHATE"         ?                'C10 H15 N2 O8 P' 322.208 
# 
_exptl.absorpt_coefficient_mu     ? 
_exptl.absorpt_correction_T_max   ? 
_exptl.absorpt_correction_T_min   ? 
_exptl.absorpt_correction_type    ? 
_exptl.absorpt_process_details    ? 
_exptl.entry_id                   6XEI 
_exptl.crystals_number            1 
_exptl.details                    ? 
_exptl.method                     'X-RAY DIFFRACTION' 
_exptl.method_details             ? 
# 
_exptl_crystal.colour                      ? 
_exptl_crystal.density_diffrn              ? 
_exptl_crystal.density_Matthews            6.48 
_exptl_crystal.density_method              ? 
_exptl_crystal.density_percent_sol         81.02 
_exptl_crystal.description                 ? 
_exptl_crystal.F_000                       ? 
_exptl_crystal.id                          1 
_exptl_crystal.preparation                 ? 
_exptl_crystal.size_max                    ? 
_exptl_crystal.size_mid                    ? 
_exptl_crystal.size_min                    ? 
_exptl_crystal.size_rad                    ? 
_exptl_crystal.colour_lustre               ? 
_exptl_crystal.colour_modifier             ? 
_exptl_crystal.colour_primary              ? 
_exptl_crystal.density_meas                ? 
_exptl_crystal.density_meas_esd            ? 
_exptl_crystal.density_meas_gt             ? 
_exptl_crystal.density_meas_lt             ? 
_exptl_crystal.density_meas_temp           ? 
_exptl_crystal.density_meas_temp_esd       ? 
_exptl_crystal.density_meas_temp_gt        ? 
_exptl_crystal.density_meas_temp_lt        ? 
_exptl_crystal.pdbx_crystal_image_url      ? 
_exptl_crystal.pdbx_crystal_image_format   ? 
_exptl_crystal.pdbx_mosaicity              ? 
_exptl_crystal.pdbx_mosaicity_esd          ? 
# 
_exptl_crystal_grow.apparatus       ? 
_exptl_crystal_grow.atmosphere      ? 
_exptl_crystal_grow.crystal_id      1 
_exptl_crystal_grow.details         ? 
_exptl_crystal_grow.method          'VAPOR DIFFUSION, SITTING DROP' 
_exptl_crystal_grow.method_ref      ? 
_exptl_crystal_grow.pH              ? 
_exptl_crystal_grow.pressure        ? 
_exptl_crystal_grow.pressure_esd    ? 
_exptl_crystal_grow.seeding         ? 
_exptl_crystal_grow.seeding_ref     ? 
_exptl_crystal_grow.temp            298 
_exptl_crystal_grow.temp_details    'temperature gradient generated from 60 to 25 C at 0.3 degrees per hour' 
_exptl_crystal_grow.temp_esd        ? 
_exptl_crystal_grow.time            ? 
_exptl_crystal_grow.pdbx_details    
;0.5 mL of 0.05 M Cacodylate pH 6.0 with 20 mM MgCl2, 1.0 mM spermine, and 15% Ethanol was added to the reservoir with 2 uL added to the drop containing 4 uL of DNA stock
;
_exptl_crystal_grow.pdbx_pH_range   ? 
# 
_diffrn.ambient_environment              ? 
_diffrn.ambient_temp                     100 
_diffrn.ambient_temp_details             ? 
_diffrn.ambient_temp_esd                 ? 
_diffrn.crystal_id                       1 
_diffrn.crystal_support                  ? 
_diffrn.crystal_treatment                ? 
_diffrn.details                          ? 
_diffrn.id                               1 
_diffrn.ambient_pressure                 ? 
_diffrn.ambient_pressure_esd             ? 
_diffrn.ambient_pressure_gt              ? 
_diffrn.ambient_pressure_lt              ? 
_diffrn.ambient_temp_gt                  ? 
_diffrn.ambient_temp_lt                  ? 
_diffrn.pdbx_serial_crystal_experiment   N 
# 
_diffrn_detector.details                      ? 
_diffrn_detector.detector                     PIXEL 
_diffrn_detector.diffrn_id                    1 
_diffrn_detector.type                         'DECTRIS PILATUS3 6M' 
_diffrn_detector.area_resol_mean              ? 
_diffrn_detector.dtime                        ? 
_diffrn_detector.pdbx_frames_total            ? 
_diffrn_detector.pdbx_collection_time_total   ? 
_diffrn_detector.pdbx_collection_date         2018-03-15 
_diffrn_detector.pdbx_frequency               ? 
# 
_diffrn_radiation.collimation                      ? 
_diffrn_radiation.diffrn_id                        1 
_diffrn_radiation.filter_edge                      ? 
_diffrn_radiation.inhomogeneity                    ? 
_diffrn_radiation.monochromator                    ? 
_diffrn_radiation.polarisn_norm                    ? 
_diffrn_radiation.polarisn_ratio                   ? 
_diffrn_radiation.probe                            ? 
_diffrn_radiation.type                             ? 
_diffrn_radiation.xray_symbol                      ? 
_diffrn_radiation.wavelength_id                    1 
_diffrn_radiation.pdbx_monochromatic_or_laue_m_l   M 
_diffrn_radiation.pdbx_wavelength_list             ? 
_diffrn_radiation.pdbx_wavelength                  ? 
_diffrn_radiation.pdbx_diffrn_protocol             'SINGLE WAVELENGTH' 
_diffrn_radiation.pdbx_analyzer                    ? 
_diffrn_radiation.pdbx_scattering_type             x-ray 
# 
_diffrn_radiation_wavelength.id           1 
_diffrn_radiation_wavelength.wavelength   0.92 
_diffrn_radiation_wavelength.wt           1.0 
# 
_diffrn_source.current                     ? 
_diffrn_source.details                     ? 
_diffrn_source.diffrn_id                   1 
_diffrn_source.power                       ? 
_diffrn_source.size                        ? 
_diffrn_source.source                      SYNCHROTRON 
_diffrn_source.target                      ? 
_diffrn_source.type                        'APS BEAMLINE 19-ID' 
_diffrn_source.voltage                     ? 
_diffrn_source.take-off_angle              ? 
_diffrn_source.pdbx_wavelength_list        0.92 
_diffrn_source.pdbx_wavelength             ? 
_diffrn_source.pdbx_synchrotron_beamline   19-ID 
_diffrn_source.pdbx_synchrotron_site       APS 
# 
_reflns.B_iso_Wilson_estimate            96.020 
_reflns.entry_id                         6XEI 
_reflns.data_reduction_details           ? 
_reflns.data_reduction_method            ? 
_reflns.d_resolution_high                3.049 
_reflns.d_resolution_low                 50.000 
_reflns.details                          ? 
_reflns.limit_h_max                      ? 
_reflns.limit_h_min                      ? 
_reflns.limit_k_max                      ? 
_reflns.limit_k_min                      ? 
_reflns.limit_l_max                      ? 
_reflns.limit_l_min                      ? 
_reflns.number_all                       ? 
_reflns.number_obs                       5886 
_reflns.observed_criterion               ? 
_reflns.observed_criterion_F_max         ? 
_reflns.observed_criterion_F_min         ? 
_reflns.observed_criterion_I_max         ? 
_reflns.observed_criterion_I_min         ? 
_reflns.observed_criterion_sigma_F       ? 
_reflns.observed_criterion_sigma_I       ? 
_reflns.percent_possible_obs             95.900 
_reflns.R_free_details                   ? 
_reflns.Rmerge_F_all                     ? 
_reflns.Rmerge_F_obs                     ? 
_reflns.Friedel_coverage                 ? 
_reflns.number_gt                        ? 
_reflns.threshold_expression             ? 
_reflns.pdbx_redundancy                  9.700 
_reflns.pdbx_Rmerge_I_obs                0.093 
_reflns.pdbx_Rmerge_I_all                ? 
_reflns.pdbx_Rsym_value                  ? 
_reflns.pdbx_netI_over_av_sigmaI         ? 
_reflns.pdbx_netI_over_sigmaI            5.500 
_reflns.pdbx_res_netI_over_av_sigmaI_2   ? 
_reflns.pdbx_res_netI_over_sigmaI_2      ? 
_reflns.pdbx_chi_squared                 2.857 
_reflns.pdbx_scaling_rejects             ? 
_reflns.pdbx_d_res_high_opt              ? 
_reflns.pdbx_d_res_low_opt               ? 
_reflns.pdbx_d_res_opt_method            ? 
_reflns.phase_calculation_details        ? 
_reflns.pdbx_Rrim_I_all                  0.098 
_reflns.pdbx_Rpim_I_all                  0.031 
_reflns.pdbx_d_opt                       ? 
_reflns.pdbx_number_measured_all         ? 
_reflns.pdbx_diffrn_id                   1 
_reflns.pdbx_ordinal                     1 
_reflns.pdbx_CC_half                     0.972 
_reflns.pdbx_CC_star                     ? 
_reflns.pdbx_R_split                     ? 
# 
loop_
_reflns_shell.d_res_high 
_reflns_shell.d_res_low 
_reflns_shell.meanI_over_sigI_all 
_reflns_shell.meanI_over_sigI_obs 
_reflns_shell.number_measured_all 
_reflns_shell.number_measured_obs 
_reflns_shell.number_possible 
_reflns_shell.number_unique_all 
_reflns_shell.number_unique_obs 
_reflns_shell.percent_possible_all 
_reflns_shell.percent_possible_obs 
_reflns_shell.Rmerge_F_all 
_reflns_shell.Rmerge_F_obs 
_reflns_shell.Rmerge_I_all 
_reflns_shell.Rmerge_I_obs 
_reflns_shell.meanI_over_sigI_gt 
_reflns_shell.meanI_over_uI_all 
_reflns_shell.meanI_over_uI_gt 
_reflns_shell.number_measured_gt 
_reflns_shell.number_unique_gt 
_reflns_shell.percent_possible_gt 
_reflns_shell.Rmerge_F_gt 
_reflns_shell.Rmerge_I_gt 
_reflns_shell.pdbx_redundancy 
_reflns_shell.pdbx_Rsym_value 
_reflns_shell.pdbx_chi_squared 
_reflns_shell.pdbx_netI_over_sigmaI_all 
_reflns_shell.pdbx_netI_over_sigmaI_obs 
_reflns_shell.pdbx_Rrim_I_all 
_reflns_shell.pdbx_Rpim_I_all 
_reflns_shell.pdbx_rejects 
_reflns_shell.pdbx_ordinal 
_reflns_shell.pdbx_diffrn_id 
_reflns_shell.pdbx_CC_half 
_reflns_shell.pdbx_CC_star 
_reflns_shell.pdbx_R_split 
3.050 3.100  ? ? ? ? ? ? 199 66.800  ? ? ? ? 0.725 ? ? ? ? ? ? ? ? 7.700  ? 0.440  ? ? 0.770 0.251 ? 1  1 0.901 ? ? 
3.100 3.160  ? ? ? ? ? ? 226 74.300  ? ? ? ? 0.519 ? ? ? ? ? ? ? ? 7.700  ? 0.484  ? ? 0.550 0.177 ? 2  1 0.966 ? ? 
3.160 3.220  ? ? ? ? ? ? 268 86.200  ? ? ? ? 0.218 ? ? ? ? ? ? ? ? 7.100  ? 0.514  ? ? 0.232 0.079 ? 3  1 0.994 ? ? 
3.220 3.290  ? ? ? ? ? ? 289 92.600  ? ? ? ? 0.127 ? ? ? ? ? ? ? ? 6.900  ? 0.513  ? ? 0.137 0.051 ? 4  1 0.996 ? ? 
3.290 3.360  ? ? ? ? ? ? 307 99.400  ? ? ? ? 0.188 ? ? ? ? ? ? ? ? 8.800  ? 0.490  ? ? 0.198 0.061 ? 5  1 0.996 ? ? 
3.360 3.430  ? ? ? ? ? ? 314 99.700  ? ? ? ? 0.156 ? ? ? ? ? ? ? ? 9.600  ? 0.546  ? ? 0.164 0.050 ? 6  1 0.997 ? ? 
3.430 3.520  ? ? ? ? ? ? 290 100.000 ? ? ? ? 0.221 ? ? ? ? ? ? ? ? 9.600  ? 0.456  ? ? 0.232 0.072 ? 7  1 0.994 ? ? 
3.520 3.620  ? ? ? ? ? ? 315 100.000 ? ? ? ? 0.198 ? ? ? ? ? ? ? ? 10.300 ? 0.483  ? ? 0.208 0.063 ? 8  1 0.994 ? ? 
3.620 3.720  ? ? ? ? ? ? 291 100.000 ? ? ? ? 0.299 ? ? ? ? ? ? ? ? 10.200 ? 0.464  ? ? 0.314 0.096 ? 9  1 0.975 ? ? 
3.720 3.840  ? ? ? ? ? ? 334 100.000 ? ? ? ? 0.217 ? ? ? ? ? ? ? ? 10.300 ? 0.489  ? ? 0.229 0.070 ? 10 1 0.990 ? ? 
3.840 3.980  ? ? ? ? ? ? 300 99.700  ? ? ? ? 0.147 ? ? ? ? ? ? ? ? 9.900  ? 0.530  ? ? 0.155 0.048 ? 11 1 0.994 ? ? 
3.980 4.140  ? ? ? ? ? ? 291 100.000 ? ? ? ? 0.118 ? ? ? ? ? ? ? ? 9.500  ? 0.628  ? ? 0.125 0.041 ? 12 1 0.995 ? ? 
4.140 4.330  ? ? ? ? ? ? 320 100.000 ? ? ? ? 0.108 ? ? ? ? ? ? ? ? 10.800 ? 0.836  ? ? 0.113 0.034 ? 13 1 0.997 ? ? 
4.330 4.560  ? ? ? ? ? ? 313 100.000 ? ? ? ? 0.092 ? ? ? ? ? ? ? ? 10.900 ? 0.538  ? ? 0.097 0.029 ? 14 1 0.997 ? ? 
4.560 4.840  ? ? ? ? ? ? 297 99.700  ? ? ? ? 0.081 ? ? ? ? ? ? ? ? 10.600 ? 1.499  ? ? 0.085 0.026 ? 15 1 0.996 ? ? 
4.840 5.210  ? ? ? ? ? ? 303 100.000 ? ? ? ? 0.066 ? ? ? ? ? ? ? ? 10.300 ? 2.141  ? ? 0.070 0.022 ? 16 1 0.998 ? ? 
5.210 5.740  ? ? ? ? ? ? 317 100.000 ? ? ? ? 0.065 ? ? ? ? ? ? ? ? 10.300 ? 5.117  ? ? 0.068 0.021 ? 17 1 0.994 ? ? 
5.740 6.570  ? ? ? ? ? ? 302 100.000 ? ? ? ? 0.069 ? ? ? ? ? ? ? ? 11.000 ? 5.403  ? ? 0.072 0.022 ? 18 1 0.988 ? ? 
6.570 8.270  ? ? ? ? ? ? 305 100.000 ? ? ? ? 0.047 ? ? ? ? ? ? ? ? 10.200 ? 4.525  ? ? 0.049 0.015 ? 19 1 0.999 ? ? 
8.270 50.000 ? ? ? ? ? ? 305 99.000  ? ? ? ? 0.096 ? ? ? ? ? ? ? ? 10.500 ? 25.344 ? ? 0.102 0.033 ? 20 1 0.990 ? ? 
# 
_refine.aniso_B[1][1]                            ? 
_refine.aniso_B[1][2]                            ? 
_refine.aniso_B[1][3]                            ? 
_refine.aniso_B[2][2]                            ? 
_refine.aniso_B[2][3]                            ? 
_refine.aniso_B[3][3]                            ? 
_refine.B_iso_max                                204.010 
_refine.B_iso_mean                               115.8111 
_refine.B_iso_min                                58.640 
_refine.correlation_coeff_Fo_to_Fc               ? 
_refine.correlation_coeff_Fo_to_Fc_free          ? 
_refine.details                                  ? 
_refine.diff_density_max                         ? 
_refine.diff_density_max_esd                     ? 
_refine.diff_density_min                         ? 
_refine.diff_density_min_esd                     ? 
_refine.diff_density_rms                         ? 
_refine.diff_density_rms_esd                     ? 
_refine.entry_id                                 6XEI 
_refine.pdbx_refine_id                           'X-RAY DIFFRACTION' 
_refine.ls_abs_structure_details                 ? 
_refine.ls_abs_structure_Flack                   ? 
_refine.ls_abs_structure_Flack_esd               ? 
_refine.ls_abs_structure_Rogers                  ? 
_refine.ls_abs_structure_Rogers_esd              ? 
_refine.ls_d_res_high                            3.0490 
_refine.ls_d_res_low                             34.3650 
_refine.ls_extinction_coef                       ? 
_refine.ls_extinction_coef_esd                   ? 
_refine.ls_extinction_expression                 ? 
_refine.ls_extinction_method                     ? 
_refine.ls_goodness_of_fit_all                   ? 
_refine.ls_goodness_of_fit_all_esd               ? 
_refine.ls_goodness_of_fit_obs                   ? 
_refine.ls_goodness_of_fit_obs_esd               ? 
_refine.ls_hydrogen_treatment                    ? 
_refine.ls_matrix_type                           ? 
_refine.ls_number_constraints                    ? 
_refine.ls_number_parameters                     ? 
_refine.ls_number_reflns_all                     ? 
_refine.ls_number_reflns_obs                     5828 
_refine.ls_number_reflns_R_free                  302 
_refine.ls_number_reflns_R_work                  5526 
_refine.ls_number_restraints                     ? 
_refine.ls_percent_reflns_obs                    95.1800 
_refine.ls_percent_reflns_R_free                 5.1800 
_refine.ls_R_factor_all                          ? 
_refine.ls_R_factor_obs                          0.2468 
_refine.ls_R_factor_R_free                       0.2674 
_refine.ls_R_factor_R_free_error                 ? 
_refine.ls_R_factor_R_free_error_details         ? 
_refine.ls_R_factor_R_work                       0.2455 
_refine.ls_R_Fsqd_factor_obs                     ? 
_refine.ls_R_I_factor_obs                        ? 
_refine.ls_redundancy_reflns_all                 ? 
_refine.ls_redundancy_reflns_obs                 ? 
_refine.ls_restrained_S_all                      ? 
_refine.ls_restrained_S_obs                      ? 
_refine.ls_shift_over_esd_max                    ? 
_refine.ls_shift_over_esd_mean                   ? 
_refine.ls_structure_factor_coef                 ? 
_refine.ls_weighting_details                     ? 
_refine.ls_weighting_scheme                      ? 
_refine.ls_wR_factor_all                         ? 
_refine.ls_wR_factor_obs                         ? 
_refine.ls_wR_factor_R_free                      ? 
_refine.ls_wR_factor_R_work                      ? 
_refine.occupancy_max                            ? 
_refine.occupancy_min                            ? 
_refine.solvent_model_details                    'FLAT BULK SOLVENT MODEL' 
_refine.solvent_model_param_bsol                 ? 
_refine.solvent_model_param_ksol                 ? 
_refine.pdbx_R_complete                          ? 
_refine.ls_R_factor_gt                           ? 
_refine.ls_goodness_of_fit_gt                    ? 
_refine.ls_goodness_of_fit_ref                   ? 
_refine.ls_shift_over_su_max                     ? 
_refine.ls_shift_over_su_max_lt                  ? 
_refine.ls_shift_over_su_mean                    ? 
_refine.ls_shift_over_su_mean_lt                 ? 
_refine.pdbx_ls_sigma_I                          ? 
_refine.pdbx_ls_sigma_F                          100.000 
_refine.pdbx_ls_sigma_Fsqd                       ? 
_refine.pdbx_data_cutoff_high_absF               ? 
_refine.pdbx_data_cutoff_high_rms_absF           ? 
_refine.pdbx_data_cutoff_low_absF                ? 
_refine.pdbx_isotropic_thermal_model             ? 
_refine.pdbx_ls_cross_valid_method               THROUGHOUT 
_refine.pdbx_method_to_determine_struct          'MOLECULAR REPLACEMENT' 
_refine.pdbx_starting_model                      6x8c 
_refine.pdbx_stereochemistry_target_values       ML 
_refine.pdbx_R_Free_selection_details            ? 
_refine.pdbx_stereochem_target_val_spec_case     ? 
_refine.pdbx_overall_ESU_R                       ? 
_refine.pdbx_overall_ESU_R_Free                  ? 
_refine.pdbx_solvent_vdw_probe_radii             1.1100 
_refine.pdbx_solvent_ion_probe_radii             ? 
_refine.pdbx_solvent_shrinkage_radii             0.9000 
_refine.pdbx_real_space_R                        ? 
_refine.pdbx_density_correlation                 ? 
_refine.pdbx_pd_number_of_powder_patterns        ? 
_refine.pdbx_pd_number_of_points                 ? 
_refine.pdbx_pd_meas_number_of_points            ? 
_refine.pdbx_pd_proc_ls_prof_R_factor            ? 
_refine.pdbx_pd_proc_ls_prof_wR_factor           ? 
_refine.pdbx_pd_Marquardt_correlation_coeff      ? 
_refine.pdbx_pd_Fsqrd_R_factor                   ? 
_refine.pdbx_pd_ls_matrix_band_width             ? 
_refine.pdbx_overall_phase_error                 38.7600 
_refine.pdbx_overall_SU_R_free_Cruickshank_DPI   ? 
_refine.pdbx_overall_SU_R_free_Blow_DPI          ? 
_refine.pdbx_overall_SU_R_Blow_DPI               ? 
_refine.pdbx_TLS_residual_ADP_flag               ? 
_refine.pdbx_diffrn_id                           1 
_refine.overall_SU_B                             ? 
_refine.overall_SU_ML                            0.4800 
_refine.overall_SU_R_Cruickshank_DPI             ? 
_refine.overall_SU_R_free                        ? 
_refine.overall_FOM_free_R_set                   ? 
_refine.overall_FOM_work_R_set                   ? 
_refine.pdbx_average_fsc_overall                 ? 
_refine.pdbx_average_fsc_work                    ? 
_refine.pdbx_average_fsc_free                    ? 
# 
_refine_hist.pdbx_refine_id                   'X-RAY DIFFRACTION' 
_refine_hist.cycle_id                         final 
_refine_hist.details                          ? 
_refine_hist.d_res_high                       3.0490 
_refine_hist.d_res_low                        34.3650 
_refine_hist.number_atoms_solvent             0 
_refine_hist.number_atoms_total               858 
_refine_hist.number_reflns_all                ? 
_refine_hist.number_reflns_obs                ? 
_refine_hist.number_reflns_R_free             ? 
_refine_hist.number_reflns_R_work             ? 
_refine_hist.R_factor_all                     ? 
_refine_hist.R_factor_obs                     ? 
_refine_hist.R_factor_R_free                  ? 
_refine_hist.R_factor_R_work                  ? 
_refine_hist.pdbx_number_residues_total       42 
_refine_hist.pdbx_B_iso_mean_ligand           152.87 
_refine_hist.pdbx_B_iso_mean_solvent          ? 
_refine_hist.pdbx_number_atoms_protein        0 
_refine_hist.pdbx_number_atoms_nucleic_acid   855 
_refine_hist.pdbx_number_atoms_ligand         3 
_refine_hist.pdbx_number_atoms_lipid          ? 
_refine_hist.pdbx_number_atoms_carb           ? 
_refine_hist.pdbx_pseudo_atom_details         ? 
# 
loop_
_refine_ls_restr.pdbx_refine_id 
_refine_ls_restr.criterion 
_refine_ls_restr.dev_ideal 
_refine_ls_restr.dev_ideal_target 
_refine_ls_restr.number 
_refine_ls_restr.rejects 
_refine_ls_restr.type 
_refine_ls_restr.weight 
_refine_ls_restr.pdbx_restraint_function 
'X-RAY DIFFRACTION' ? 0.005  ? 956  ? f_bond_d           ? ? 
'X-RAY DIFFRACTION' ? 0.669  ? 1467 ? f_angle_d          ? ? 
'X-RAY DIFFRACTION' ? 0.036  ? 166  ? f_chiral_restr     ? ? 
'X-RAY DIFFRACTION' ? 0.004  ? 42   ? f_plane_restr      ? ? 
'X-RAY DIFFRACTION' ? 34.401 ? 406  ? f_dihedral_angle_d ? ? 
# 
loop_
_refine_ls_shell.pdbx_refine_id 
_refine_ls_shell.d_res_high 
_refine_ls_shell.d_res_low 
_refine_ls_shell.number_reflns_all 
_refine_ls_shell.number_reflns_obs 
_refine_ls_shell.number_reflns_R_free 
_refine_ls_shell.number_reflns_R_work 
_refine_ls_shell.percent_reflns_obs 
_refine_ls_shell.percent_reflns_R_free 
_refine_ls_shell.R_factor_all 
_refine_ls_shell.R_factor_obs 
_refine_ls_shell.R_factor_R_free 
_refine_ls_shell.R_factor_R_free_error 
_refine_ls_shell.R_factor_R_work 
_refine_ls_shell.redundancy_reflns_all 
_refine_ls_shell.redundancy_reflns_obs 
_refine_ls_shell.wR_factor_all 
_refine_ls_shell.wR_factor_obs 
_refine_ls_shell.wR_factor_R_free 
_refine_ls_shell.wR_factor_R_work 
_refine_ls_shell.pdbx_R_complete 
_refine_ls_shell.pdbx_total_number_of_bins_used 
_refine_ls_shell.pdbx_phase_error 
_refine_ls_shell.pdbx_fsc_work 
_refine_ls_shell.pdbx_fsc_free 
'X-RAY DIFFRACTION' 3.0494 3.8412  . . 143 2660 91.0000 . . . 0.3771 0.0000 0.3184 . . . . . . . . . . . 
'X-RAY DIFFRACTION' 3.8412 34.3650 . . 159 2866 99.0000 . . . 0.2443 0.0000 0.2273 . . . . . . . . . . . 
# 
_struct.entry_id                     6XEI 
_struct.title                        
'Self-assembly of a 3D DNA crystal lattice (4x5 junction version) containing the J9 immobile Holliday junction' 
_struct.pdbx_model_details           ? 
_struct.pdbx_formula_weight          ? 
_struct.pdbx_formula_weight_method   ? 
_struct.pdbx_model_type_details      ? 
_struct.pdbx_CASP_flag               N 
# 
_struct_keywords.entry_id        6XEI 
_struct_keywords.text            
'Structural DNA nanotechnology, immobile Holliday junctions, 3D DNA self-assembly, designer DNA crystals, DNA' 
_struct_keywords.pdbx_keywords   DNA 
# 
loop_
_struct_asym.id 
_struct_asym.pdbx_blank_PDB_chainid_flag 
_struct_asym.pdbx_modified 
_struct_asym.entity_id 
_struct_asym.details 
A N N 1 ? 
B N N 2 ? 
C N N 3 ? 
D N N 4 ? 
E N N 5 ? 
F N N 5 ? 
G N N 5 ? 
# 
loop_
_struct_conn.id 
_struct_conn.conn_type_id 
_struct_conn.pdbx_leaving_atom_flag 
_struct_conn.pdbx_PDB_id 
_struct_conn.ptnr1_label_asym_id 
_struct_conn.ptnr1_label_comp_id 
_struct_conn.ptnr1_label_seq_id 
_struct_conn.ptnr1_label_atom_id 
_struct_conn.pdbx_ptnr1_label_alt_id 
_struct_conn.pdbx_ptnr1_PDB_ins_code 
_struct_conn.pdbx_ptnr1_standard_comp_id 
_struct_conn.ptnr1_symmetry 
_struct_conn.ptnr2_label_asym_id 
_struct_conn.ptnr2_label_comp_id 
_struct_conn.ptnr2_label_seq_id 
_struct_conn.ptnr2_label_atom_id 
_struct_conn.pdbx_ptnr2_label_alt_id 
_struct_conn.pdbx_ptnr2_PDB_ins_code 
_struct_conn.ptnr1_auth_asym_id 
_struct_conn.ptnr1_auth_comp_id 
_struct_conn.ptnr1_auth_seq_id 
_struct_conn.ptnr2_auth_asym_id 
_struct_conn.ptnr2_auth_comp_id 
_struct_conn.ptnr2_auth_seq_id 
_struct_conn.ptnr2_symmetry 
_struct_conn.pdbx_ptnr3_label_atom_id 
_struct_conn.pdbx_ptnr3_label_seq_id 
_struct_conn.pdbx_ptnr3_label_comp_id 
_struct_conn.pdbx_ptnr3_label_asym_id 
_struct_conn.pdbx_ptnr3_label_alt_id 
_struct_conn.pdbx_ptnr3_PDB_ins_code 
_struct_conn.details 
_struct_conn.pdbx_dist_value 
_struct_conn.pdbx_value_order 
_struct_conn.pdbx_role 
hydrog1  hydrog ? ? A DA 5  N1 ? ? ? 1_555 D DT 14 N3 ? ? A DA 5  D DT 14 1_555 ? ? ? ? ? ? 'DA-DT PAIR' ? ? ? 
hydrog2  hydrog ? ? A DG 6  O6 ? ? ? 1_555 D DC 13 N4 ? ? A DG 6  D DC 13 1_555 ? ? ? ? ? ? 'DG-DC PAIR' ? ? ? 
hydrog3  hydrog ? ? A DA 7  N1 ? ? ? 1_555 D DT 12 N3 ? ? A DA 7  D DT 12 1_555 ? ? ? ? ? ? WATSON-CRICK ? ? ? 
hydrog4  hydrog ? ? A DA 7  N6 ? ? ? 1_555 D DT 12 O4 ? ? A DA 7  D DT 12 1_555 ? ? ? ? ? ? WATSON-CRICK ? ? ? 
hydrog5  hydrog ? ? A DC 8  N3 ? ? ? 1_555 D DG 11 N2 ? ? A DC 8  D DG 11 1_555 ? ? ? ? ? ? 'DC-DG PAIR' ? ? ? 
hydrog6  hydrog ? ? A DG 9  N1 ? ? ? 1_555 D DC 10 N3 ? ? A DG 9  D DC 10 1_555 ? ? ? ? ? ? WATSON-CRICK ? ? ? 
hydrog7  hydrog ? ? A DG 9  N2 ? ? ? 1_555 D DC 10 O2 ? ? A DG 9  D DC 10 1_555 ? ? ? ? ? ? WATSON-CRICK ? ? ? 
hydrog8  hydrog ? ? A DG 9  O6 ? ? ? 1_555 D DC 10 N4 ? ? A DG 9  D DC 10 1_555 ? ? ? ? ? ? WATSON-CRICK ? ? ? 
hydrog9  hydrog ? ? A DT 10 N3 ? ? ? 1_555 C DA 2  N1 ? ? A DT 10 C DA 2  1_555 ? ? ? ? ? ? WATSON-CRICK ? ? ? 
hydrog10 hydrog ? ? A DT 10 O4 ? ? ? 1_555 C DA 2  N6 ? ? A DT 10 C DA 2  1_555 ? ? ? ? ? ? WATSON-CRICK ? ? ? 
hydrog11 hydrog ? ? A DG 11 N1 ? ? ? 1_555 C DC 1  N3 ? ? A DG 11 C DC 1  1_555 ? ? ? ? ? ? WATSON-CRICK ? ? ? 
hydrog12 hydrog ? ? A DG 11 N2 ? ? ? 1_555 C DC 1  O2 ? ? A DG 11 C DC 1  1_555 ? ? ? ? ? ? WATSON-CRICK ? ? ? 
hydrog13 hydrog ? ? A DG 11 O6 ? ? ? 1_555 C DC 1  N4 ? ? A DG 11 C DC 1  1_555 ? ? ? ? ? ? WATSON-CRICK ? ? ? 
hydrog14 hydrog ? ? B DA 1  N1 ? ? ? 1_555 C DT 5  N3 ? ? B DA 12 C DT 5  1_555 ? ? ? ? ? ? WATSON-CRICK ? ? ? 
hydrog15 hydrog ? ? B DA 1  N6 ? ? ? 1_555 C DT 5  O4 ? ? B DA 12 C DT 5  1_555 ? ? ? ? ? ? WATSON-CRICK ? ? ? 
hydrog16 hydrog ? ? B DC 2  N3 ? ? ? 1_555 C DG 4  N1 ? ? B DC 13 C DG 4  1_555 ? ? ? ? ? ? WATSON-CRICK ? ? ? 
hydrog17 hydrog ? ? B DC 2  N4 ? ? ? 1_555 C DG 4  O6 ? ? B DC 13 C DG 4  1_555 ? ? ? ? ? ? WATSON-CRICK ? ? ? 
hydrog18 hydrog ? ? B DC 2  O2 ? ? ? 1_555 C DG 4  N2 ? ? B DC 13 C DG 4  1_555 ? ? ? ? ? ? WATSON-CRICK ? ? ? 
hydrog19 hydrog ? ? B DT 3  N3 ? ? ? 1_555 C DA 3  N1 ? ? B DT 14 C DA 3  1_555 ? ? ? ? ? ? WATSON-CRICK ? ? ? 
hydrog20 hydrog ? ? B DT 3  O4 ? ? ? 1_555 C DA 3  N6 ? ? B DT 14 C DA 3  1_555 ? ? ? ? ? ? WATSON-CRICK ? ? ? 
hydrog21 hydrog ? ? B DG 4  N1 ? ? ? 1_555 D DC 9  N3 ? ? B DG 15 D DC 9  1_555 ? ? ? ? ? ? WATSON-CRICK ? ? ? 
hydrog22 hydrog ? ? B DG 4  N2 ? ? ? 1_555 D DC 9  O2 ? ? B DG 15 D DC 9  1_555 ? ? ? ? ? ? WATSON-CRICK ? ? ? 
hydrog23 hydrog ? ? B DG 4  O6 ? ? ? 1_555 D DC 9  N4 ? ? B DG 15 D DC 9  1_555 ? ? ? ? ? ? WATSON-CRICK ? ? ? 
hydrog24 hydrog ? ? B DC 5  N3 ? ? ? 1_555 D DG 8  N1 ? ? B DC 16 D DG 8  1_555 ? ? ? ? ? ? WATSON-CRICK ? ? ? 
hydrog25 hydrog ? ? B DC 5  N4 ? ? ? 1_555 D DG 8  O6 ? ? B DC 16 D DG 8  1_555 ? ? ? ? ? ? WATSON-CRICK ? ? ? 
hydrog26 hydrog ? ? B DC 5  O2 ? ? ? 1_555 D DG 8  N2 ? ? B DC 16 D DG 8  1_555 ? ? ? ? ? ? WATSON-CRICK ? ? ? 
hydrog27 hydrog ? ? B DA 6  N1 ? ? ? 1_555 D DT 7  N3 ? ? B DA 17 D DT 7  1_555 ? ? ? ? ? ? WATSON-CRICK ? ? ? 
hydrog28 hydrog ? ? B DA 6  N6 ? ? ? 1_555 D DT 7  O4 ? ? B DA 17 D DT 7  1_555 ? ? ? ? ? ? WATSON-CRICK ? ? ? 
hydrog29 hydrog ? ? B DC 7  N3 ? ? ? 1_555 D DG 6  N2 ? ? B DC 18 D DG 6  1_555 ? ? ? ? ? ? 'DC-DG PAIR' ? ? ? 
hydrog30 hydrog ? ? B DC 9  O2 ? ? ? 1_555 D DG 4  N2 ? ? B DC 20 D DG 4  1_555 ? ? ? ? ? ? 'DC-DG PAIR' ? ? ? 
# 
_struct_conn_type.id          hydrog 
_struct_conn_type.criteria    ? 
_struct_conn_type.reference   ? 
# 
_struct_site.id                   AC1 
_struct_site.pdbx_evidence_code   Software 
_struct_site.pdbx_auth_asym_id    C 
_struct_site.pdbx_auth_comp_id    CAC 
_struct_site.pdbx_auth_seq_id     101 
_struct_site.pdbx_auth_ins_code   ? 
_struct_site.pdbx_num_residues    1 
_struct_site.details              'binding site for residue CAC C 101' 
# 
_struct_site_gen.id                   1 
_struct_site_gen.site_id              AC1 
_struct_site_gen.pdbx_num_res         1 
_struct_site_gen.label_comp_id        DG 
_struct_site_gen.label_asym_id        C 
_struct_site_gen.label_seq_id         4 
_struct_site_gen.pdbx_auth_ins_code   ? 
_struct_site_gen.auth_comp_id         DG 
_struct_site_gen.auth_asym_id         C 
_struct_site_gen.auth_seq_id          4 
_struct_site_gen.label_atom_id        . 
_struct_site_gen.label_alt_id         ? 
_struct_site_gen.symmetry             1_555 
_struct_site_gen.details              ? 
# 
_atom_sites.entry_id                    6XEI 
_atom_sites.Cartn_transf_matrix[1][1]   ? 
_atom_sites.Cartn_transf_matrix[1][2]   ? 
_atom_sites.Cartn_transf_matrix[1][3]   ? 
_atom_sites.Cartn_transf_matrix[2][1]   ? 
_atom_sites.Cartn_transf_matrix[2][2]   ? 
_atom_sites.Cartn_transf_matrix[2][3]   ? 
_atom_sites.Cartn_transf_matrix[3][1]   ? 
_atom_sites.Cartn_transf_matrix[3][2]   ? 
_atom_sites.Cartn_transf_matrix[3][3]   ? 
_atom_sites.Cartn_transf_vector[1]      ? 
_atom_sites.Cartn_transf_vector[2]      ? 
_atom_sites.Cartn_transf_vector[3]      ? 
_atom_sites.fract_transf_matrix[1][1]   -0.01448462 
_atom_sites.fract_transf_matrix[1][2]   -0.00824299 
_atom_sites.fract_transf_matrix[1][3]   -0.00211715 
_atom_sites.fract_transf_matrix[2][1]   -0.00977868 
_atom_sites.fract_transf_matrix[2][2]   -0.00333910 
_atom_sites.fract_transf_matrix[2][3]   0.01324642 
_atom_sites.fract_transf_matrix[3][1]   -0.00781966 
_atom_sites.fract_transf_matrix[3][2]   0.01429770 
_atom_sites.fract_transf_matrix[3][3]   -0.00216847 
_atom_sites.fract_transf_vector[1]      1.157611 
_atom_sites.fract_transf_vector[2]      0.873092 
_atom_sites.fract_transf_vector[3]      0.082186 
_atom_sites.solution_primary            ? 
_atom_sites.solution_secondary          ? 
_atom_sites.solution_hydrogens          ? 
_atom_sites.special_details             ? 
# 
loop_
_atom_type.symbol 
AS 
C  
N  
O  
P  
# 
loop_
_atom_site.group_PDB 
_atom_site.id 
_atom_site.type_symbol 
_atom_site.label_atom_id 
_atom_site.label_alt_id 
_atom_site.label_comp_id 
_atom_site.label_asym_id 
_atom_site.label_entity_id 
_atom_site.label_seq_id 
_atom_site.pdbx_PDB_ins_code 
_atom_site.Cartn_x 
_atom_site.Cartn_y 
_atom_site.Cartn_z 
_atom_site.occupancy 
_atom_site.B_iso_or_equiv 
_atom_site.pdbx_formal_charge 
_atom_site.auth_seq_id 
_atom_site.auth_comp_id 
_atom_site.auth_asym_id 
_atom_site.auth_atom_id 
_atom_site.pdbx_PDB_model_num 
ATOM   1   O  "O5'" . DG  A 1 1  ? -27.045 1.474   -5.173  1.00 157.09 ? 1   DG  A "O5'" 1 
ATOM   2   C  "C5'" . DG  A 1 1  ? -25.742 0.957   -4.915  1.00 160.59 ? 1   DG  A "C5'" 1 
ATOM   3   C  "C4'" . DG  A 1 1  ? -25.546 -0.383  -5.604  1.00 162.52 ? 1   DG  A "C4'" 1 
ATOM   4   O  "O4'" . DG  A 1 1  ? -25.782 -0.235  -7.020  1.00 156.08 ? 1   DG  A "O4'" 1 
ATOM   5   C  "C3'" . DG  A 1 1  ? -24.144 -0.962  -5.498  1.00 161.11 ? 1   DG  A "C3'" 1 
ATOM   6   O  "O3'" . DG  A 1 1  ? -24.015 -1.722  -4.290  1.00 163.64 ? 1   DG  A "O3'" 1 
ATOM   7   C  "C2'" . DG  A 1 1  ? -24.063 -1.860  -6.733  1.00 155.70 ? 1   DG  A "C2'" 1 
ATOM   8   C  "C1'" . DG  A 1 1  ? -24.996 -1.169  -7.734  1.00 152.64 ? 1   DG  A "C1'" 1 
ATOM   9   N  N9    . DG  A 1 1  ? -24.306 -0.465  -8.813  1.00 145.11 ? 1   DG  A N9    1 
ATOM   10  C  C8    . DG  A 1 1  ? -24.560 0.812   -9.255  1.00 139.21 ? 1   DG  A C8    1 
ATOM   11  N  N7    . DG  A 1 1  ? -23.796 1.182   -10.244 1.00 135.95 ? 1   DG  A N7    1 
ATOM   12  C  C5    . DG  A 1 1  ? -22.984 0.079   -10.477 1.00 136.55 ? 1   DG  A C5    1 
ATOM   13  C  C6    . DG  A 1 1  ? -21.960 -0.107  -11.431 1.00 134.37 ? 1   DG  A C6    1 
ATOM   14  O  O6    . DG  A 1 1  ? -21.556 0.693   -12.284 1.00 129.19 ? 1   DG  A O6    1 
ATOM   15  N  N1    . DG  A 1 1  ? -21.386 -1.373  -11.331 1.00 136.31 ? 1   DG  A N1    1 
ATOM   16  C  C2    . DG  A 1 1  ? -21.757 -2.335  -10.423 1.00 138.16 ? 1   DG  A C2    1 
ATOM   17  N  N2    . DG  A 1 1  ? -21.088 -3.495  -10.478 1.00 140.21 ? 1   DG  A N2    1 
ATOM   18  N  N3    . DG  A 1 1  ? -22.717 -2.174  -9.525  1.00 137.37 ? 1   DG  A N3    1 
ATOM   19  C  C4    . DG  A 1 1  ? -23.286 -0.945  -9.609  1.00 140.46 ? 1   DG  A C4    1 
ATOM   20  P  P     . DA  A 1 2  ? -22.565 -2.171  -3.755  1.00 172.33 ? 2   DA  A P     1 
ATOM   21  O  OP1   . DA  A 1 2  ? -22.763 -2.952  -2.513  1.00 167.58 ? 2   DA  A OP1   1 
ATOM   22  O  OP2   . DA  A 1 2  ? -21.701 -0.969  -3.742  1.00 162.45 ? 2   DA  A OP2   1 
ATOM   23  O  "O5'" . DA  A 1 2  ? -22.016 -3.149  -4.895  1.00 156.83 ? 2   DA  A "O5'" 1 
ATOM   24  C  "C5'" . DA  A 1 2  ? -21.500 -4.425  -4.558  1.00 155.28 ? 2   DA  A "C5'" 1 
ATOM   25  C  "C4'" . DA  A 1 2  ? -20.338 -4.778  -5.464  1.00 153.57 ? 2   DA  A "C4'" 1 
ATOM   26  O  "O4'" . DA  A 1 2  ? -20.391 -3.941  -6.653  1.00 150.60 ? 2   DA  A "O4'" 1 
ATOM   27  C  "C3'" . DA  A 1 2  ? -18.964 -4.525  -4.863  1.00 152.61 ? 2   DA  A "C3'" 1 
ATOM   28  O  "O3'" . DA  A 1 2  ? -18.012 -5.393  -5.458  1.00 150.69 ? 2   DA  A "O3'" 1 
ATOM   29  C  "C2'" . DA  A 1 2  ? -18.716 -3.081  -5.263  1.00 151.11 ? 2   DA  A "C2'" 1 
ATOM   30  C  "C1'" . DA  A 1 2  ? -19.258 -3.094  -6.683  1.00 148.79 ? 2   DA  A "C1'" 1 
ATOM   31  N  N9    . DA  A 1 2  ? -19.661 -1.777  -7.163  1.00 144.89 ? 2   DA  A N9    1 
ATOM   32  C  C8    . DA  A 1 2  ? -20.619 -0.961  -6.632  1.00 144.04 ? 2   DA  A C8    1 
ATOM   33  N  N7    . DA  A 1 2  ? -20.760 0.176   -7.273  1.00 143.14 ? 2   DA  A N7    1 
ATOM   34  C  C5    . DA  A 1 2  ? -19.829 0.099   -8.296  1.00 140.08 ? 2   DA  A C5    1 
ATOM   35  C  C6    . DA  A 1 2  ? -19.479 0.987   -9.332  1.00 140.62 ? 2   DA  A C6    1 
ATOM   36  N  N6    . DA  A 1 2  ? -20.060 2.179   -9.507  1.00 139.62 ? 2   DA  A N6    1 
ATOM   37  N  N1    . DA  A 1 2  ? -18.506 0.601   -10.184 1.00 139.62 ? 2   DA  A N1    1 
ATOM   38  C  C2    . DA  A 1 2  ? -17.927 -0.592  -10.006 1.00 140.03 ? 2   DA  A C2    1 
ATOM   39  N  N3    . DA  A 1 2  ? -18.171 -1.511  -9.072  1.00 140.90 ? 2   DA  A N3    1 
ATOM   40  C  C4    . DA  A 1 2  ? -19.142 -1.098  -8.241  1.00 140.53 ? 2   DA  A C4    1 
ATOM   41  P  P     . DG  A 1 3  ? -16.446 -5.192  -5.165  1.00 152.29 ? 3   DG  A P     1 
ATOM   42  O  OP1   . DG  A 1 3  ? -15.750 -6.444  -5.532  1.00 151.13 ? 3   DG  A OP1   1 
ATOM   43  O  OP2   . DG  A 1 3  ? -16.312 -4.645  -3.798  1.00 154.91 ? 3   DG  A OP2   1 
ATOM   44  O  "O5'" . DG  A 1 3  ? -16.004 -4.054  -6.193  1.00 143.25 ? 3   DG  A "O5'" 1 
ATOM   45  C  "C5'" . DG  A 1 3  ? -15.892 -4.357  -7.565  1.00 144.77 ? 3   DG  A "C5'" 1 
ATOM   46  C  "C4'" . DG  A 1 3  ? -14.518 -3.982  -8.088  1.00 152.02 ? 3   DG  A "C4'" 1 
ATOM   47  O  "O4'" . DG  A 1 3  ? -14.562 -2.656  -8.663  1.00 149.47 ? 3   DG  A "O4'" 1 
ATOM   48  C  "C3'" . DG  A 1 3  ? -13.404 -3.947  -7.051  1.00 160.54 ? 3   DG  A "C3'" 1 
ATOM   49  O  "O3'" . DG  A 1 3  ? -12.166 -4.316  -7.662  1.00 172.42 ? 3   DG  A "O3'" 1 
ATOM   50  C  "C2'" . DG  A 1 3  ? -13.403 -2.486  -6.595  1.00 155.28 ? 3   DG  A "C2'" 1 
ATOM   51  C  "C1'" . DG  A 1 3  ? -13.859 -1.738  -7.848  1.00 147.45 ? 3   DG  A "C1'" 1 
ATOM   52  N  N9    . DG  A 1 3  ? -14.753 -0.621  -7.564  1.00 138.62 ? 3   DG  A N9    1 
ATOM   53  C  C8    . DG  A 1 3  ? -15.688 -0.545  -6.560  1.00 137.30 ? 3   DG  A C8    1 
ATOM   54  N  N7    . DG  A 1 3  ? -16.355 0.577   -6.556  1.00 134.55 ? 3   DG  A N7    1 
ATOM   55  C  C5    . DG  A 1 3  ? -15.832 1.288   -7.631  1.00 136.78 ? 3   DG  A C5    1 
ATOM   56  C  C6    . DG  A 1 3  ? -16.161 2.576   -8.124  1.00 137.44 ? 3   DG  A C6    1 
ATOM   57  O  O6    . DG  A 1 3  ? -17.009 3.370   -7.692  1.00 137.72 ? 3   DG  A O6    1 
ATOM   58  N  N1    . DG  A 1 3  ? -15.390 2.918   -9.234  1.00 135.92 ? 3   DG  A N1    1 
ATOM   59  C  C2    . DG  A 1 3  ? -14.423 2.117   -9.796  1.00 136.71 ? 3   DG  A C2    1 
ATOM   60  N  N2    . DG  A 1 3  ? -13.783 2.619   -10.864 1.00 132.43 ? 3   DG  A N2    1 
ATOM   61  N  N3    . DG  A 1 3  ? -14.105 0.910   -9.346  1.00 136.64 ? 3   DG  A N3    1 
ATOM   62  C  C4    . DG  A 1 3  ? -14.846 0.562   -8.263  1.00 137.65 ? 3   DG  A C4    1 
ATOM   63  P  P     . DC  A 1 4  ? -10.801 -4.349  -6.813  1.00 184.83 ? 4   DC  A P     1 
ATOM   64  O  OP1   . DC  A 1 4  ? -10.054 -5.550  -7.250  1.00 178.97 ? 4   DC  A OP1   1 
ATOM   65  O  OP2   . DC  A 1 4  ? -11.126 -4.198  -5.375  1.00 174.50 ? 4   DC  A OP2   1 
ATOM   66  O  "O5'" . DC  A 1 4  ? -10.006 -3.051  -7.324  1.00 166.15 ? 4   DC  A "O5'" 1 
ATOM   67  C  "C5'" . DC  A 1 4  ? -9.481  -3.025  -8.651  1.00 160.76 ? 4   DC  A "C5'" 1 
ATOM   68  C  "C4'" . DC  A 1 4  ? -9.121  -1.612  -9.084  1.00 160.65 ? 4   DC  A "C4'" 1 
ATOM   69  O  "O4'" . DC  A 1 4  ? -10.237 -0.716  -8.856  1.00 156.55 ? 4   DC  A "O4'" 1 
ATOM   70  C  "C3'" . DC  A 1 4  ? -7.915  -0.980  -8.371  1.00 158.17 ? 4   DC  A "C3'" 1 
ATOM   71  O  "O3'" . DC  A 1 4  ? -6.989  -0.500  -9.348  1.00 160.14 ? 4   DC  A "O3'" 1 
ATOM   72  C  "C2'" . DC  A 1 4  ? -8.534  0.170   -7.564  1.00 150.97 ? 4   DC  A "C2'" 1 
ATOM   73  C  "C1'" . DC  A 1 4  ? -9.729  0.522   -8.431  1.00 149.25 ? 4   DC  A "C1'" 1 
ATOM   74  N  N1    . DC  A 1 4  ? -10.810 1.263   -7.722  1.00 138.33 ? 4   DC  A N1    1 
ATOM   75  C  C2    . DC  A 1 4  ? -11.240 2.499   -8.219  1.00 136.12 ? 4   DC  A C2    1 
ATOM   76  O  O2    . DC  A 1 4  ? -10.705 2.961   -9.236  1.00 134.81 ? 4   DC  A O2    1 
ATOM   77  N  N3    . DC  A 1 4  ? -12.231 3.160   -7.569  1.00 135.19 ? 4   DC  A N3    1 
ATOM   78  C  C4    . DC  A 1 4  ? -12.782 2.627   -6.475  1.00 136.87 ? 4   DC  A C4    1 
ATOM   79  N  N4    . DC  A 1 4  ? -13.756 3.315   -5.868  1.00 136.98 ? 4   DC  A N4    1 
ATOM   80  C  C5    . DC  A 1 4  ? -12.360 1.367   -5.957  1.00 137.20 ? 4   DC  A C5    1 
ATOM   81  C  C6    . DC  A 1 4  ? -11.383 0.726   -6.608  1.00 139.32 ? 4   DC  A C6    1 
ATOM   82  P  P     . DA  A 1 5  ? -5.571  0.113   -8.906  1.00 167.84 ? 5   DA  A P     1 
ATOM   83  O  OP1   . DA  A 1 5  ? -4.567  -0.309  -9.910  1.00 167.34 ? 5   DA  A OP1   1 
ATOM   84  O  OP2   . DA  A 1 5  ? -5.367  -0.217  -7.478  1.00 164.13 ? 5   DA  A OP2   1 
ATOM   85  O  "O5'" . DA  A 1 5  ? -5.776  1.697   -9.035  1.00 155.67 ? 5   DA  A "O5'" 1 
ATOM   86  C  "C5'" . DA  A 1 5  ? -5.876  2.305   -10.322 1.00 149.81 ? 5   DA  A "C5'" 1 
ATOM   87  C  "C4'" . DA  A 1 5  ? -5.915  3.822   -10.203 1.00 151.22 ? 5   DA  A "C4'" 1 
ATOM   88  O  "O4'" . DA  A 1 5  ? -7.077  4.213   -9.425  1.00 147.36 ? 5   DA  A "O4'" 1 
ATOM   89  C  "C3'" . DA  A 1 5  ? -4.700  4.448   -9.518  1.00 148.14 ? 5   DA  A "C3'" 1 
ATOM   90  O  "O3'" . DA  A 1 5  ? -4.295  5.640   -10.195 1.00 148.21 ? 5   DA  A "O3'" 1 
ATOM   91  C  "C2'" . DA  A 1 5  ? -5.192  4.741   -8.103  1.00 143.09 ? 5   DA  A "C2'" 1 
ATOM   92  C  "C1'" . DA  A 1 5  ? -6.685  4.979   -8.305  1.00 138.06 ? 5   DA  A "C1'" 1 
ATOM   93  N  N9    . DA  A 1 5  ? -7.486  4.559   -7.155  1.00 133.04 ? 5   DA  A N9    1 
ATOM   94  C  C8    . DA  A 1 5  ? -7.310  3.430   -6.402  1.00 135.52 ? 5   DA  A C8    1 
ATOM   95  N  N7    . DA  A 1 5  ? -8.173  3.306   -5.421  1.00 133.25 ? 5   DA  A N7    1 
ATOM   96  C  C5    . DA  A 1 5  ? -8.969  4.434   -5.535  1.00 130.13 ? 5   DA  A C5    1 
ATOM   97  C  C6    . DA  A 1 5  ? -10.072 4.895   -4.789  1.00 127.71 ? 5   DA  A C6    1 
ATOM   98  N  N6    . DA  A 1 5  ? -10.576 4.241   -3.736  1.00 124.41 ? 5   DA  A N6    1 
ATOM   99  N  N1    . DA  A 1 5  ? -10.638 6.059   -5.168  1.00 126.99 ? 5   DA  A N1    1 
ATOM   100 C  C2    . DA  A 1 5  ? -10.131 6.711   -6.222  1.00 127.55 ? 5   DA  A C2    1 
ATOM   101 N  N3    . DA  A 1 5  ? -9.100  6.379   -6.998  1.00 124.41 ? 5   DA  A N3    1 
ATOM   102 C  C4    . DA  A 1 5  ? -8.557  5.218   -6.598  1.00 129.07 ? 5   DA  A C4    1 
ATOM   103 P  P     . DG  A 1 6  ? -2.761  6.123   -10.124 1.00 157.26 ? 6   DG  A P     1 
ATOM   104 O  OP1   . DG  A 1 6  ? -2.544  7.139   -11.178 1.00 150.92 ? 6   DG  A OP1   1 
ATOM   105 O  OP2   . DG  A 1 6  ? -1.919  4.906   -10.097 1.00 152.80 ? 6   DG  A OP2   1 
ATOM   106 O  "O5'" . DG  A 1 6  ? -2.642  6.831   -8.693  1.00 146.73 ? 6   DG  A "O5'" 1 
ATOM   107 C  "C5'" . DG  A 1 6  ? -2.466  8.242   -8.604  1.00 139.83 ? 6   DG  A "C5'" 1 
ATOM   108 C  "C4'" . DG  A 1 6  ? -3.798  8.939   -8.388  1.00 136.99 ? 6   DG  A "C4'" 1 
ATOM   109 O  "O4'" . DG  A 1 6  ? -4.712  8.036   -7.755  1.00 129.67 ? 6   DG  A "O4'" 1 
ATOM   110 C  "C3'" . DG  A 1 6  ? -3.747  10.144  -7.463  1.00 139.92 ? 6   DG  A "C3'" 1 
ATOM   111 O  "O3'" . DG  A 1 6  ? -3.514  11.327  -8.222  1.00 147.32 ? 6   DG  A "O3'" 1 
ATOM   112 C  "C2'" . DG  A 1 6  ? -5.134  10.161  -6.794  1.00 128.91 ? 6   DG  A "C2'" 1 
ATOM   113 C  "C1'" . DG  A 1 6  ? -5.722  8.785   -7.126  1.00 126.68 ? 6   DG  A "C1'" 1 
ATOM   114 N  N9    . DG  A 1 6  ? -6.186  8.034   -5.966  1.00 122.59 ? 6   DG  A N9    1 
ATOM   115 C  C8    . DG  A 1 6  ? -5.656  6.864   -5.481  1.00 122.90 ? 6   DG  A C8    1 
ATOM   116 N  N7    . DG  A 1 6  ? -6.282  6.400   -4.438  1.00 119.92 ? 6   DG  A N7    1 
ATOM   117 C  C5    . DG  A 1 6  ? -7.296  7.320   -4.213  1.00 121.64 ? 6   DG  A C5    1 
ATOM   118 C  C6    . DG  A 1 6  ? -8.299  7.341   -3.214  1.00 120.32 ? 6   DG  A C6    1 
ATOM   119 O  O6    . DG  A 1 6  ? -8.489  6.526   -2.300  1.00 119.16 ? 6   DG  A O6    1 
ATOM   120 N  N1    . DG  A 1 6  ? -9.130  8.451   -3.341  1.00 122.03 ? 6   DG  A N1    1 
ATOM   121 C  C2    . DG  A 1 6  ? -9.010  9.417   -4.314  1.00 125.32 ? 6   DG  A C2    1 
ATOM   122 N  N2    . DG  A 1 6  ? -9.909  10.414  -4.274  1.00 125.78 ? 6   DG  A N2    1 
ATOM   123 N  N3    . DG  A 1 6  ? -8.073  9.409   -5.259  1.00 123.34 ? 6   DG  A N3    1 
ATOM   124 C  C4    . DG  A 1 6  ? -7.255  8.334   -5.147  1.00 123.19 ? 6   DG  A C4    1 
ATOM   125 P  P     . DA  A 1 7  ? -2.786  12.592  -7.550  1.00 158.89 ? 7   DA  A P     1 
ATOM   126 O  OP1   . DA  A 1 7  ? -2.887  13.731  -8.491  1.00 155.43 ? 7   DA  A OP1   1 
ATOM   127 O  OP2   . DA  A 1 7  ? -1.454  12.159  -7.070  1.00 147.53 ? 7   DA  A OP2   1 
ATOM   128 O  "O5'" . DA  A 1 7  ? -3.693  12.908  -6.278  1.00 138.06 ? 7   DA  A "O5'" 1 
ATOM   129 C  "C5'" . DA  A 1 7  ? -3.639  14.177  -5.680  1.00 133.15 ? 7   DA  A "C5'" 1 
ATOM   130 C  "C4'" . DA  A 1 7  ? -5.032  14.659  -5.351  1.00 131.62 ? 7   DA  A "C4'" 1 
ATOM   131 O  "O4'" . DA  A 1 7  ? -5.879  13.517  -5.050  1.00 128.07 ? 7   DA  A "O4'" 1 
ATOM   132 C  "C3'" . DA  A 1 7  ? -5.114  15.563  -4.136  1.00 131.51 ? 7   DA  A "C3'" 1 
ATOM   133 O  "O3'" . DA  A 1 7  ? -6.171  16.485  -4.298  1.00 137.59 ? 7   DA  A "O3'" 1 
ATOM   134 C  "C2'" . DA  A 1 7  ? -5.395  14.574  -3.010  1.00 128.50 ? 7   DA  A "C2'" 1 
ATOM   135 C  "C1'" . DA  A 1 7  ? -6.312  13.581  -3.705  1.00 123.02 ? 7   DA  A "C1'" 1 
ATOM   136 N  N9    . DA  A 1 7  ? -6.256  12.238  -3.140  1.00 118.87 ? 7   DA  A N9    1 
ATOM   137 C  C8    . DA  A 1 7  ? -5.390  11.236  -3.483  1.00 118.81 ? 7   DA  A C8    1 
ATOM   138 N  N7    . DA  A 1 7  ? -5.573  10.124  -2.807  1.00 114.33 ? 7   DA  A N7    1 
ATOM   139 C  C5    . DA  A 1 7  ? -6.633  10.417  -1.964  1.00 111.14 ? 7   DA  A C5    1 
ATOM   140 C  C6    . DA  A 1 7  ? -7.312  9.657   -0.991  1.00 110.04 ? 7   DA  A C6    1 
ATOM   141 N  N6    . DA  A 1 7  ? -7.002  8.390   -0.696  1.00 106.17 ? 7   DA  A N6    1 
ATOM   142 N  N1    . DA  A 1 7  ? -8.325  10.252  -0.327  1.00 109.17 ? 7   DA  A N1    1 
ATOM   143 C  C2    . DA  A 1 7  ? -8.632  11.521  -0.622  1.00 110.99 ? 7   DA  A C2    1 
ATOM   144 N  N3    . DA  A 1 7  ? -8.066  12.336  -1.513  1.00 112.43 ? 7   DA  A N3    1 
ATOM   145 C  C4    . DA  A 1 7  ? -7.065  11.717  -2.156  1.00 114.16 ? 7   DA  A C4    1 
ATOM   146 P  P     . DC  A 1 8  ? -6.278  17.752  -3.321  1.00 157.28 ? 8   DC  A P     1 
ATOM   147 O  OP1   . DC  A 1 8  ? -7.286  18.684  -3.875  1.00 161.93 ? 8   DC  A OP1   1 
ATOM   148 O  OP2   . DC  A 1 8  ? -4.898  18.223  -3.059  1.00 147.27 ? 8   DC  A OP2   1 
ATOM   149 O  "O5'" . DC  A 1 8  ? -6.848  17.132  -1.967  1.00 137.42 ? 8   DC  A "O5'" 1 
ATOM   150 C  "C5'" . DC  A 1 8  ? -6.717  17.847  -0.764  1.00 133.39 ? 8   DC  A "C5'" 1 
ATOM   151 C  "C4'" . DC  A 1 8  ? -7.588  17.239  0.309   1.00 130.02 ? 8   DC  A "C4'" 1 
ATOM   152 O  "O4'" . DC  A 1 8  ? -7.533  15.791  0.218   1.00 120.90 ? 8   DC  A "O4'" 1 
ATOM   153 C  "C3'" . DC  A 1 8  ? -7.181  17.597  1.735   1.00 122.91 ? 8   DC  A "C3'" 1 
ATOM   154 O  "O3'" . DC  A 1 8  ? -8.331  17.939  2.483   1.00 129.04 ? 8   DC  A "O3'" 1 
ATOM   155 C  "C2'" . DC  A 1 8  ? -6.531  16.314  2.249   1.00 117.06 ? 8   DC  A "C2'" 1 
ATOM   156 C  "C1'" . DC  A 1 8  ? -7.325  15.259  1.502   1.00 116.10 ? 8   DC  A "C1'" 1 
ATOM   157 N  N1    . DC  A 1 8  ? -6.619  13.949  1.373   1.00 111.41 ? 8   DC  A N1    1 
ATOM   158 C  C2    . DC  A 1 8  ? -7.064  12.853  2.119   1.00 107.78 ? 8   DC  A C2    1 
ATOM   159 O  O2    . DC  A 1 8  ? -8.034  12.993  2.873   1.00 108.43 ? 8   DC  A O2    1 
ATOM   160 N  N3    . DC  A 1 8  ? -6.414  11.667  2.002   1.00 101.59 ? 8   DC  A N3    1 
ATOM   161 C  C4    . DC  A 1 8  ? -5.371  11.558  1.180   1.00 103.07 ? 8   DC  A C4    1 
ATOM   162 N  N4    . DC  A 1 8  ? -4.765  10.367  1.095   1.00 95.56  ? 8   DC  A N4    1 
ATOM   163 C  C5    . DC  A 1 8  ? -4.903  12.665  0.408   1.00 103.45 ? 8   DC  A C5    1 
ATOM   164 C  C6    . DC  A 1 8  ? -5.550  13.830  0.536   1.00 107.23 ? 8   DC  A C6    1 
ATOM   165 P  P     . DG  A 1 9  ? -8.180  18.478  3.987   1.00 146.33 ? 9   DG  A P     1 
ATOM   166 O  OP1   . DG  A 1 9  ? -9.401  19.238  4.338   1.00 140.79 ? 9   DG  A OP1   1 
ATOM   167 O  OP2   . DG  A 1 9  ? -6.856  19.130  4.077   1.00 137.46 ? 9   DG  A OP2   1 
ATOM   168 O  "O5'" . DG  A 1 9  ? -8.145  17.142  4.861   1.00 132.55 ? 9   DG  A "O5'" 1 
ATOM   169 C  "C5'" . DG  A 1 9  ? -9.160  16.164  4.693   1.00 124.41 ? 9   DG  A "C5'" 1 
ATOM   170 C  "C4'" . DG  A 1 9  ? -9.189  15.214  5.874   1.00 123.75 ? 9   DG  A "C4'" 1 
ATOM   171 O  "O4'" . DG  A 1 9  ? -8.487  13.986  5.540   1.00 117.51 ? 9   DG  A "O4'" 1 
ATOM   172 C  "C3'" . DG  A 1 9  ? -8.531  15.745  7.144   1.00 120.05 ? 9   DG  A "C3'" 1 
ATOM   173 O  "O3'" . DG  A 1 9  ? -9.304  15.357  8.269   1.00 118.55 ? 9   DG  A "O3'" 1 
ATOM   174 C  "C2'" . DG  A 1 9  ? -7.163  15.060  7.130   1.00 115.69 ? 9   DG  A "C2'" 1 
ATOM   175 C  "C1'" . DG  A 1 9  ? -7.526  13.710  6.535   1.00 110.62 ? 9   DG  A "C1'" 1 
ATOM   176 N  N9    . DG  A 1 9  ? -6.410  13.005  5.905   1.00 102.86 ? 9   DG  A N9    1 
ATOM   177 C  C8    . DG  A 1 9  ? -5.669  13.422  4.826   1.00 102.35 ? 9   DG  A C8    1 
ATOM   178 N  N7    . DG  A 1 9  ? -4.747  12.570  4.467   1.00 95.63  ? 9   DG  A N7    1 
ATOM   179 C  C5    . DG  A 1 9  ? -4.888  11.520  5.363   1.00 88.42  ? 9   DG  A C5    1 
ATOM   180 C  C6    . DG  A 1 9  ? -4.163  10.309  5.470   1.00 75.21  ? 9   DG  A C6    1 
ATOM   181 O  O6    . DG  A 1 9  ? -3.221  9.914   4.767   1.00 68.04  ? 9   DG  A O6    1 
ATOM   182 N  N1    . DG  A 1 9  ? -4.633  9.520   6.519   1.00 71.21  ? 9   DG  A N1    1 
ATOM   183 C  C2    . DG  A 1 9  ? -5.665  9.860   7.361   1.00 78.30  ? 9   DG  A C2    1 
ATOM   184 N  N2    . DG  A 1 9  ? -5.970  8.973   8.319   1.00 73.85  ? 9   DG  A N2    1 
ATOM   185 N  N3    . DG  A 1 9  ? -6.353  10.991  7.271   1.00 90.78  ? 9   DG  A N3    1 
ATOM   186 C  C4    . DG  A 1 9  ? -5.911  11.769  6.254   1.00 92.14  ? 9   DG  A C4    1 
ATOM   187 P  P     . DT  A 1 10 ? -8.839  15.768  9.750   1.00 133.86 ? 10  DT  A P     1 
ATOM   188 O  OP1   . DT  A 1 10 ? -10.015 15.704  10.648  1.00 122.44 ? 10  DT  A OP1   1 
ATOM   189 O  OP2   . DT  A 1 10 ? -8.074  17.028  9.631   1.00 132.26 ? 10  DT  A OP2   1 
ATOM   190 O  "O5'" . DT  A 1 10 ? -7.805  14.618  10.150  1.00 120.21 ? 10  DT  A "O5'" 1 
ATOM   191 C  "C5'" . DT  A 1 10 ? -8.192  13.250  10.085  1.00 112.36 ? 10  DT  A "C5'" 1 
ATOM   192 C  "C4'" . DT  A 1 10 ? -7.746  12.521  11.333  1.00 111.62 ? 10  DT  A "C4'" 1 
ATOM   193 O  "O4'" . DT  A 1 10 ? -6.750  11.524  10.985  1.00 108.61 ? 10  DT  A "O4'" 1 
ATOM   194 C  "C3'" . DT  A 1 10 ? -7.079  13.406  12.369  1.00 104.78 ? 10  DT  A "C3'" 1 
ATOM   195 O  "O3'" . DT  A 1 10 ? -7.259  12.860  13.650  1.00 109.81 ? 10  DT  A "O3'" 1 
ATOM   196 C  "C2'" . DT  A 1 10 ? -5.620  13.349  11.945  1.00 100.30 ? 10  DT  A "C2'" 1 
ATOM   197 C  "C1'" . DT  A 1 10 ? -5.489  11.895  11.514  1.00 92.86  ? 10  DT  A "C1'" 1 
ATOM   198 N  N1    . DT  A 1 10 ? -4.472  11.680  10.458  1.00 89.30  ? 10  DT  A N1    1 
ATOM   199 C  C2    . DT  A 1 10 ? -3.781  10.488  10.416  1.00 88.68  ? 10  DT  A C2    1 
ATOM   200 O  O2    . DT  A 1 10 ? -3.956  9.588   11.218  1.00 88.62  ? 10  DT  A O2    1 
ATOM   201 N  N3    . DT  A 1 10 ? -2.871  10.388  9.396   1.00 73.82  ? 10  DT  A N3    1 
ATOM   202 C  C4    . DT  A 1 10 ? -2.593  11.340  8.437   1.00 74.53  ? 10  DT  A C4    1 
ATOM   203 O  O4    . DT  A 1 10 ? -1.757  11.161  7.558   1.00 68.83  ? 10  DT  A O4    1 
ATOM   204 C  C5    . DT  A 1 10 ? -3.354  12.564  8.540   1.00 80.06  ? 10  DT  A C5    1 
ATOM   205 C  C7    . DT  A 1 10 ? -3.139  13.669  7.555   1.00 80.75  ? 10  DT  A C7    1 
ATOM   206 C  C6    . DT  A 1 10 ? -4.246  12.672  9.533   1.00 79.92  ? 10  DT  A C6    1 
ATOM   207 P  P     . DG  A 1 11 ? -7.396  13.841  14.909  1.00 119.70 ? 11  DG  A P     1 
ATOM   208 O  OP1   . DG  A 1 11 ? -8.779  13.735  15.426  1.00 108.19 ? 11  DG  A OP1   1 
ATOM   209 O  OP2   . DG  A 1 11 ? -6.843  15.148  14.489  1.00 116.95 ? 11  DG  A OP2   1 
ATOM   210 O  "O5'" . DG  A 1 11 ? -6.410  13.213  15.984  1.00 106.12 ? 11  DG  A "O5'" 1 
ATOM   211 C  "C5'" . DG  A 1 11 ? -6.670  11.928  16.496  1.00 107.43 ? 11  DG  A "C5'" 1 
ATOM   212 C  "C4'" . DG  A 1 11 ? -5.382  11.289  16.959  1.00 112.27 ? 11  DG  A "C4'" 1 
ATOM   213 O  "O4'" . DG  A 1 11 ? -4.750  10.614  15.844  1.00 106.85 ? 11  DG  A "O4'" 1 
ATOM   214 C  "C3'" . DG  A 1 11 ? -4.344  12.275  17.455  1.00 109.85 ? 11  DG  A "C3'" 1 
ATOM   215 O  "O3'" . DG  A 1 11 ? -4.553  12.556  18.835  1.00 105.72 ? 11  DG  A "O3'" 1 
ATOM   216 C  "C2'" . DG  A 1 11 ? -3.049  11.508  17.226  1.00 99.71  ? 11  DG  A "C2'" 1 
ATOM   217 C  "C1'" . DG  A 1 11 ? -3.342  10.755  15.930  1.00 94.27  ? 11  DG  A "C1'" 1 
ATOM   218 N  N9    . DG  A 1 11 ? -2.868  11.447  14.730  1.00 91.32  ? 11  DG  A N9    1 
ATOM   219 C  C8    . DG  A 1 11 ? -3.250  12.691  14.286  1.00 93.51  ? 11  DG  A C8    1 
ATOM   220 N  N7    . DG  A 1 11 ? -2.657  13.053  13.180  1.00 89.22  ? 11  DG  A N7    1 
ATOM   221 C  C5    . DG  A 1 11 ? -1.833  11.981  12.865  1.00 76.36  ? 11  DG  A C5    1 
ATOM   222 C  C6    . DG  A 1 11 ? -0.949  11.798  11.773  1.00 76.91  ? 11  DG  A C6    1 
ATOM   223 O  O6    . DG  A 1 11 ? -0.709  12.576  10.838  1.00 79.26  ? 11  DG  A O6    1 
ATOM   224 N  N1    . DG  A 1 11 ? -0.301  10.568  11.833  1.00 73.80  ? 11  DG  A N1    1 
ATOM   225 C  C2    . DG  A 1 11 ? -0.482  9.633   12.822  1.00 76.46  ? 11  DG  A C2    1 
ATOM   226 N  N2    . DG  A 1 11 ? 0.235   8.504   12.707  1.00 67.01  ? 11  DG  A N2    1 
ATOM   227 N  N3    . DG  A 1 11 ? -1.308  9.791   13.853  1.00 78.81  ? 11  DG  A N3    1 
ATOM   228 C  C4    . DG  A 1 11 ? -1.947  10.985  13.810  1.00 80.16  ? 11  DG  A C4    1 
ATOM   229 P  P     . DA  B 2 1  ? 18.924  -1.561  19.147  1.00 128.78 ? 12  DA  B P     1 
ATOM   230 O  OP1   . DA  B 2 1  ? 18.731  -0.802  17.881  1.00 114.85 ? 12  DA  B OP1   1 
ATOM   231 O  OP2   . DA  B 2 1  ? 18.574  -1.012  20.478  1.00 127.28 ? 12  DA  B OP2   1 
ATOM   232 O  "O5'" . DA  B 2 1  ? 18.176  -2.961  19.004  1.00 102.89 ? 12  DA  B "O5'" 1 
ATOM   233 C  "C5'" . DA  B 2 1  ? 17.926  -3.465  17.716  1.00 101.96 ? 12  DA  B "C5'" 1 
ATOM   234 C  "C4'" . DA  B 2 1  ? 17.529  -4.921  17.754  1.00 89.00  ? 12  DA  B "C4'" 1 
ATOM   235 O  "O4'" . DA  B 2 1  ? 16.141  -5.023  18.172  1.00 91.89  ? 12  DA  B "O4'" 1 
ATOM   236 C  "C3'" . DA  B 2 1  ? 17.614  -5.598  16.395  1.00 87.96  ? 12  DA  B "C3'" 1 
ATOM   237 O  "O3'" . DA  B 2 1  ? 18.107  -6.913  16.501  1.00 96.38  ? 12  DA  B "O3'" 1 
ATOM   238 C  "C2'" . DA  B 2 1  ? 16.182  -5.570  15.894  1.00 86.76  ? 12  DA  B "C2'" 1 
ATOM   239 C  "C1'" . DA  B 2 1  ? 15.375  -5.669  17.174  1.00 83.09  ? 12  DA  B "C1'" 1 
ATOM   240 N  N9    . DA  B 2 1  ? 14.092  -4.986  17.045  1.00 82.07  ? 12  DA  B N9    1 
ATOM   241 C  C8    . DA  B 2 1  ? 13.898  -3.642  16.879  1.00 81.91  ? 12  DA  B C8    1 
ATOM   242 N  N7    . DA  B 2 1  ? 12.636  -3.298  16.750  1.00 85.85  ? 12  DA  B N7    1 
ATOM   243 C  C5    . DA  B 2 1  ? 11.952  -4.501  16.820  1.00 82.09  ? 12  DA  B C5    1 
ATOM   244 C  C6    . DA  B 2 1  ? 10.576  -4.817  16.745  1.00 78.00  ? 12  DA  B C6    1 
ATOM   245 N  N6    . DA  B 2 1  ? 9.618   -3.897  16.581  1.00 69.36  ? 12  DA  B N6    1 
ATOM   246 N  N1    . DA  B 2 1  ? 10.227  -6.115  16.846  1.00 75.69  ? 12  DA  B N1    1 
ATOM   247 C  C2    . DA  B 2 1  ? 11.191  -7.031  17.011  1.00 70.88  ? 12  DA  B C2    1 
ATOM   248 N  N3    . DA  B 2 1  ? 12.515  -6.858  17.093  1.00 69.36  ? 12  DA  B N3    1 
ATOM   249 C  C4    . DA  B 2 1  ? 12.834  -5.556  16.993  1.00 76.63  ? 12  DA  B C4    1 
ATOM   250 P  P     . DC  B 2 2  ? 18.903  -7.533  15.254  1.00 105.36 ? 13  DC  B P     1 
ATOM   251 O  OP1   . DC  B 2 2  ? 18.886  -9.009  15.367  1.00 100.16 ? 13  DC  B OP1   1 
ATOM   252 O  OP2   . DC  B 2 2  ? 20.198  -6.812  15.200  1.00 98.16  ? 13  DC  B OP2   1 
ATOM   253 O  "O5'" . DC  B 2 2  ? 18.015  -7.070  14.003  1.00 87.87  ? 13  DC  B "O5'" 1 
ATOM   254 C  "C5'" . DC  B 2 2  ? 17.482  -8.025  13.089  1.00 94.33  ? 13  DC  B "C5'" 1 
ATOM   255 C  "C4'" . DC  B 2 2  ? 16.263  -8.743  13.654  1.00 90.05  ? 13  DC  B "C4'" 1 
ATOM   256 O  "O4'" . DC  B 2 2  ? 15.346  -7.797  14.219  1.00 81.13  ? 13  DC  B "O4'" 1 
ATOM   257 C  "C3'" . DC  B 2 2  ? 15.425  -9.455  12.619  1.00 93.03  ? 13  DC  B "C3'" 1 
ATOM   258 O  "O3'" . DC  B 2 2  ? 15.961  -10.710 12.347  1.00 101.80 ? 13  DC  B "O3'" 1 
ATOM   259 C  "C2'" . DC  B 2 2  ? 14.068  -9.577  13.307  1.00 81.90  ? 13  DC  B "C2'" 1 
ATOM   260 C  "C1'" . DC  B 2 2  ? 14.062  -8.394  14.279  1.00 82.35  ? 13  DC  B "C1'" 1 
ATOM   261 N  N1    . DC  B 2 2  ? 13.016  -7.345  13.985  1.00 77.56  ? 13  DC  B N1    1 
ATOM   262 C  C2    . DC  B 2 2  ? 11.655  -7.701  13.884  1.00 79.71  ? 13  DC  B C2    1 
ATOM   263 O  O2    . DC  B 2 2  ? 11.317  -8.883  14.024  1.00 80.16  ? 13  DC  B O2    1 
ATOM   264 N  N3    . DC  B 2 2  ? 10.739  -6.730  13.635  1.00 78.58  ? 13  DC  B N3    1 
ATOM   265 C  C4    . DC  B 2 2  ? 11.126  -5.463  13.494  1.00 78.36  ? 13  DC  B C4    1 
ATOM   266 N  N4    . DC  B 2 2  ? 10.182  -4.546  13.248  1.00 77.73  ? 13  DC  B N4    1 
ATOM   267 C  C5    . DC  B 2 2  ? 12.496  -5.080  13.596  1.00 70.93  ? 13  DC  B C5    1 
ATOM   268 C  C6    . DC  B 2 2  ? 13.396  -6.042  13.841  1.00 73.61  ? 13  DC  B C6    1 
ATOM   269 P  P     . DT  B 2 3  ? 15.747  -11.346 10.894  1.00 109.12 ? 14  DT  B P     1 
ATOM   270 O  OP1   . DT  B 2 3  ? 16.559  -12.578 10.807  1.00 100.07 ? 14  DT  B OP1   1 
ATOM   271 O  OP2   . DT  B 2 3  ? 15.965  -10.246 9.931   1.00 108.20 ? 14  DT  B OP2   1 
ATOM   272 O  "O5'" . DT  B 2 3  ? 14.187  -11.707 10.852  1.00 91.84  ? 14  DT  B "O5'" 1 
ATOM   273 C  "C5'" . DT  B 2 3  ? 13.657  -12.685 11.736  1.00 90.86  ? 14  DT  B "C5'" 1 
ATOM   274 C  "C4'" . DT  B 2 3  ? 12.165  -12.848 11.518  1.00 94.90  ? 14  DT  B "C4'" 1 
ATOM   275 O  "O4'" . DT  B 2 3  ? 11.508  -11.559 11.665  1.00 94.63  ? 14  DT  B "O4'" 1 
ATOM   276 C  "C3'" . DT  B 2 3  ? 11.759  -13.361 10.130  1.00 95.94  ? 14  DT  B "C3'" 1 
ATOM   277 O  "O3'" . DT  B 2 3  ? 10.672  -14.274 10.257  1.00 102.35 ? 14  DT  B "O3'" 1 
ATOM   278 C  "C2'" . DT  B 2 3  ? 11.317  -12.085 9.425   1.00 94.85  ? 14  DT  B "C2'" 1 
ATOM   279 C  "C1'" . DT  B 2 3  ? 10.638  -11.375 10.576  1.00 82.99  ? 14  DT  B "C1'" 1 
ATOM   280 N  N1    . DT  B 2 3  ? 10.418  -9.917  10.353  1.00 78.98  ? 14  DT  B N1    1 
ATOM   281 C  C2    . DT  B 2 3  ? 9.137   -9.463  10.137  1.00 85.43  ? 14  DT  B C2    1 
ATOM   282 O  O2    . DT  B 2 3  ? 8.163   -10.198 10.117  1.00 88.22  ? 14  DT  B O2    1 
ATOM   283 N  N3    . DT  B 2 3  ? 9.031   -8.113  9.944   1.00 77.29  ? 14  DT  B N3    1 
ATOM   284 C  C4    . DT  B 2 3  ? 10.058  -7.188  9.944   1.00 79.66  ? 14  DT  B C4    1 
ATOM   285 O  O4    . DT  B 2 3  ? 9.866   -5.990  9.761   1.00 78.52  ? 14  DT  B O4    1 
ATOM   286 C  C5    . DT  B 2 3  ? 11.373  -7.728  10.176  1.00 77.33  ? 14  DT  B C5    1 
ATOM   287 C  C7    . DT  B 2 3  ? 12.562  -6.816  10.199  1.00 69.64  ? 14  DT  B C7    1 
ATOM   288 C  C6    . DT  B 2 3  ? 11.491  -9.053  10.368  1.00 78.09  ? 14  DT  B C6    1 
ATOM   289 P  P     . DG  B 2 4  ? 10.037  -14.977 8.958   1.00 107.40 ? 15  DG  B P     1 
ATOM   290 O  OP1   . DG  B 2 4  ? 9.217   -16.117 9.430   1.00 91.20  ? 15  DG  B OP1   1 
ATOM   291 O  OP2   . DG  B 2 4  ? 11.140  -15.183 7.988   1.00 92.65  ? 15  DG  B OP2   1 
ATOM   292 O  "O5'" . DG  B 2 4  ? 9.042   -13.877 8.352   1.00 102.55 ? 15  DG  B "O5'" 1 
ATOM   293 C  "C5'" . DG  B 2 4  ? 7.842   -13.532 9.043   1.00 99.33  ? 15  DG  B "C5'" 1 
ATOM   294 C  "C4'" . DG  B 2 4  ? 6.737   -13.160 8.064   1.00 104.58 ? 15  DG  B "C4'" 1 
ATOM   295 O  "O4'" . DG  B 2 4  ? 6.644   -11.714 7.943   1.00 103.34 ? 15  DG  B "O4'" 1 
ATOM   296 C  "C3'" . DG  B 2 4  ? 6.931   -13.671 6.643   1.00 106.74 ? 15  DG  B "C3'" 1 
ATOM   297 O  "O3'" . DG  B 2 4  ? 5.667   -13.890 6.047   1.00 107.90 ? 15  DG  B "O3'" 1 
ATOM   298 C  "C2'" . DG  B 2 4  ? 7.660   -12.506 5.979   1.00 100.20 ? 15  DG  B "C2'" 1 
ATOM   299 C  "C1'" . DG  B 2 4  ? 6.948   -11.320 6.614   1.00 94.65  ? 15  DG  B "C1'" 1 
ATOM   300 N  N9    . DG  B 2 4  ? 7.757   -10.109 6.673   1.00 81.64  ? 15  DG  B N9    1 
ATOM   301 C  C8    . DG  B 2 4  ? 9.124   -10.026 6.809   1.00 81.91  ? 15  DG  B C8    1 
ATOM   302 N  N7    . DG  B 2 4  ? 9.569   -8.800  6.847   1.00 72.61  ? 15  DG  B N7    1 
ATOM   303 C  C5    . DG  B 2 4  ? 8.422   -8.022  6.737   1.00 80.71  ? 15  DG  B C5    1 
ATOM   304 C  C6    . DG  B 2 4  ? 8.272   -6.616  6.722   1.00 79.21  ? 15  DG  B C6    1 
ATOM   305 O  O6    . DG  B 2 4  ? 9.155   -5.749  6.801   1.00 82.57  ? 15  DG  B O6    1 
ATOM   306 N  N1    . DG  B 2 4  ? 6.936   -6.240  6.597   1.00 74.03  ? 15  DG  B N1    1 
ATOM   307 C  C2    . DG  B 2 4  ? 5.880   -7.115  6.497   1.00 80.48  ? 15  DG  B C2    1 
ATOM   308 N  N2    . DG  B 2 4  ? 4.662   -6.565  6.382   1.00 79.05  ? 15  DG  B N2    1 
ATOM   309 N  N3    . DG  B 2 4  ? 6.006   -8.435  6.509   1.00 84.06  ? 15  DG  B N3    1 
ATOM   310 C  C4    . DG  B 2 4  ? 7.300   -8.816  6.633   1.00 82.56  ? 15  DG  B C4    1 
ATOM   311 P  P     . DC  B 2 5  ? 5.536   -14.818 4.745   1.00 111.17 ? 16  DC  B P     1 
ATOM   312 O  OP1   . DC  B 2 5  ? 5.812   -16.208 5.170   1.00 118.04 ? 16  DC  B OP1   1 
ATOM   313 O  OP2   . DC  B 2 5  ? 6.344   -14.204 3.666   1.00 107.83 ? 16  DC  B OP2   1 
ATOM   314 O  "O5'" . DC  B 2 5  ? 3.987   -14.711 4.360   1.00 105.95 ? 16  DC  B "O5'" 1 
ATOM   315 C  "C5'" . DC  B 2 5  ? 3.217   -13.610 4.822   1.00 103.25 ? 16  DC  B "C5'" 1 
ATOM   316 C  "C4'" . DC  B 2 5  ? 2.935   -12.628 3.699   1.00 106.55 ? 16  DC  B "C4'" 1 
ATOM   317 O  "O4'" . DC  B 2 5  ? 3.806   -11.473 3.815   1.00 109.32 ? 16  DC  B "O4'" 1 
ATOM   318 C  "C3'" . DC  B 2 5  ? 3.141   -13.160 2.276   1.00 107.93 ? 16  DC  B "C3'" 1 
ATOM   319 O  "O3'" . DC  B 2 5  ? 2.114   -12.662 1.473   1.00 110.47 ? 16  DC  B "O3'" 1 
ATOM   320 C  "C2'" . DC  B 2 5  ? 4.475   -12.540 1.879   1.00 99.24  ? 16  DC  B "C2'" 1 
ATOM   321 C  "C1'" . DC  B 2 5  ? 4.345   -11.190 2.544   1.00 101.85 ? 16  DC  B "C1'" 1 
ATOM   322 N  N1    . DC  B 2 5  ? 5.627   -10.481 2.721   1.00 97.27  ? 16  DC  B N1    1 
ATOM   323 C  C2    . DC  B 2 5  ? 5.634   -9.083  2.798   1.00 95.06  ? 16  DC  B C2    1 
ATOM   324 O  O2    . DC  B 2 5  ? 4.563   -8.469  2.717   1.00 94.52  ? 16  DC  B O2    1 
ATOM   325 N  N3    . DC  B 2 5  ? 6.816   -8.441  2.961   1.00 89.64  ? 16  DC  B N3    1 
ATOM   326 C  C4    . DC  B 2 5  ? 7.949   -9.142  3.044   1.00 93.37  ? 16  DC  B C4    1 
ATOM   327 N  N4    . DC  B 2 5  ? 9.091   -8.466  3.207   1.00 91.88  ? 16  DC  B N4    1 
ATOM   328 C  C5    . DC  B 2 5  ? 7.961   -10.569 2.966   1.00 91.83  ? 16  DC  B C5    1 
ATOM   329 C  C6    . DC  B 2 5  ? 6.787   -11.191 2.805   1.00 92.85  ? 16  DC  B C6    1 
ATOM   330 P  P     . DA  B 2 6  ? 1.854   -13.237 0.000   1.00 128.39 ? 17  DA  B P     1 
ATOM   331 O  OP1   . DA  B 2 6  ? 1.076   -14.485 0.164   1.00 122.86 ? 17  DA  B OP1   1 
ATOM   332 O  OP2   . DA  B 2 6  ? 3.120   -13.244 -0.774  1.00 118.05 ? 17  DA  B OP2   1 
ATOM   333 O  "O5'" . DA  B 2 6  ? 0.898   -12.129 -0.625  1.00 117.55 ? 17  DA  B "O5'" 1 
ATOM   334 C  "C5'" . DA  B 2 6  ? -0.028  -11.463 0.222   1.00 106.32 ? 17  DA  B "C5'" 1 
ATOM   335 C  "C4'" . DA  B 2 6  ? -0.257  -10.028 -0.227  1.00 110.40 ? 17  DA  B "C4'" 1 
ATOM   336 O  "O4'" . DA  B 2 6  ? 0.904   -9.215  0.069   1.00 113.64 ? 17  DA  B "O4'" 1 
ATOM   337 C  "C3'" . DA  B 2 6  ? -0.523  -9.841  -1.705  1.00 115.38 ? 17  DA  B "C3'" 1 
ATOM   338 O  "O3'" . DA  B 2 6  ? -1.421  -8.758  -1.878  1.00 115.47 ? 17  DA  B "O3'" 1 
ATOM   339 C  "C2'" . DA  B 2 6  ? 0.869   -9.540  -2.273  1.00 107.88 ? 17  DA  B "C2'" 1 
ATOM   340 C  "C1'" . DA  B 2 6  ? 1.538   -8.793  -1.126  1.00 104.23 ? 17  DA  B "C1'" 1 
ATOM   341 N  N9    . DA  B 2 6  ? 2.954   -9.092  -0.976  1.00 104.50 ? 17  DA  B N9    1 
ATOM   342 C  C8    . DA  B 2 6  ? 3.533   -10.331 -0.962  1.00 107.83 ? 17  DA  B C8    1 
ATOM   343 N  N7    . DA  B 2 6  ? 4.831   -10.308 -0.769  1.00 107.03 ? 17  DA  B N7    1 
ATOM   344 C  C5    . DA  B 2 6  ? 5.123   -8.960  -0.629  1.00 103.84 ? 17  DA  B C5    1 
ATOM   345 C  C6    . DA  B 2 6  ? 6.329   -8.265  -0.398  1.00 102.30 ? 17  DA  B C6    1 
ATOM   346 N  N6    . DA  B 2 6  ? 7.518   -8.870  -0.269  1.00 98.82  ? 17  DA  B N6    1 
ATOM   347 N  N1    . DA  B 2 6  ? 6.268   -6.917  -0.311  1.00 98.90  ? 17  DA  B N1    1 
ATOM   348 C  C2    . DA  B 2 6  ? 5.078   -6.315  -0.443  1.00 96.50  ? 17  DA  B C2    1 
ATOM   349 N  N3    . DA  B 2 6  ? 3.880   -6.861  -0.662  1.00 94.59  ? 17  DA  B N3    1 
ATOM   350 C  C4    . DA  B 2 6  ? 3.973   -8.197  -0.745  1.00 101.60 ? 17  DA  B C4    1 
ATOM   351 P  P     . DC  B 2 7  ? -1.691  -8.151  -3.336  1.00 128.50 ? 18  DC  B P     1 
ATOM   352 O  OP1   . DC  B 2 7  ? -2.960  -7.388  -3.274  1.00 121.48 ? 18  DC  B OP1   1 
ATOM   353 O  OP2   . DC  B 2 7  ? -1.548  -9.250  -4.317  1.00 125.93 ? 18  DC  B OP2   1 
ATOM   354 O  "O5'" . DC  B 2 7  ? -0.481  -7.133  -3.532  1.00 101.65 ? 18  DC  B "O5'" 1 
ATOM   355 C  "C5'" . DC  B 2 7  ? -0.373  -6.387  -4.709  1.00 110.95 ? 18  DC  B "C5'" 1 
ATOM   356 C  "C4'" . DC  B 2 7  ? 0.581   -5.238  -4.500  1.00 110.13 ? 18  DC  B "C4'" 1 
ATOM   357 O  "O4'" . DC  B 2 7  ? 1.759   -5.707  -3.787  1.00 103.43 ? 18  DC  B "O4'" 1 
ATOM   358 C  "C3'" . DC  B 2 7  ? 1.088   -4.584  -5.784  1.00 116.07 ? 18  DC  B "C3'" 1 
ATOM   359 O  "O3'" . DC  B 2 7  ? 1.023   -3.167  -5.654  1.00 118.26 ? 18  DC  B "O3'" 1 
ATOM   360 C  "C2'" . DC  B 2 7  ? 2.530   -5.090  -5.884  1.00 116.12 ? 18  DC  B "C2'" 1 
ATOM   361 C  "C1'" . DC  B 2 7  ? 2.907   -5.201  -4.419  1.00 102.45 ? 18  DC  B "C1'" 1 
ATOM   362 N  N1    . DC  B 2 7  ? 4.057   -6.128  -4.138  1.00 103.00 ? 18  DC  B N1    1 
ATOM   363 C  C2    . DC  B 2 7  ? 5.280   -5.602  -3.697  1.00 100.83 ? 18  DC  B C2    1 
ATOM   364 O  O2    . DC  B 2 7  ? 5.394   -4.379  -3.555  1.00 105.27 ? 18  DC  B O2    1 
ATOM   365 N  N3    . DC  B 2 7  ? 6.307   -6.449  -3.438  1.00 95.66  ? 18  DC  B N3    1 
ATOM   366 C  C4    . DC  B 2 7  ? 6.147   -7.762  -3.602  1.00 105.28 ? 18  DC  B C4    1 
ATOM   367 N  N4    . DC  B 2 7  ? 7.191   -8.557  -3.334  1.00 111.35 ? 18  DC  B N4    1 
ATOM   368 C  C5    . DC  B 2 7  ? 4.909   -8.319  -4.048  1.00 104.00 ? 18  DC  B C5    1 
ATOM   369 C  C6    . DC  B 2 7  ? 3.901   -7.474  -4.300  1.00 103.21 ? 18  DC  B C6    1 
ATOM   370 P  P     . DT  B 2 8  ? 1.149   -2.217  -6.945  1.00 137.64 ? 19  DT  B P     1 
ATOM   371 O  OP1   . DT  B 2 8  ? 0.624   -0.879  -6.585  1.00 126.87 ? 19  DT  B OP1   1 
ATOM   372 O  OP2   . DT  B 2 8  ? 0.575   -2.939  -8.100  1.00 129.91 ? 19  DT  B OP2   1 
ATOM   373 O  "O5'" . DT  B 2 8  ? 2.725   -2.087  -7.160  1.00 120.14 ? 19  DT  B "O5'" 1 
ATOM   374 C  "C5'" . DT  B 2 8  ? 3.561   -1.865  -6.040  1.00 113.47 ? 19  DT  B "C5'" 1 
ATOM   375 C  "C4'" . DT  B 2 8  ? 4.519   -0.731  -6.300  1.00 119.35 ? 19  DT  B "C4'" 1 
ATOM   376 O  "O4'" . DT  B 2 8  ? 5.870   -1.187  -6.075  1.00 126.01 ? 19  DT  B "O4'" 1 
ATOM   377 C  "C3'" . DT  B 2 8  ? 4.527   -0.222  -7.718  1.00 116.25 ? 19  DT  B "C3'" 1 
ATOM   378 O  "O3'" . DT  B 2 8  ? 5.057   1.086   -7.730  1.00 114.25 ? 19  DT  B "O3'" 1 
ATOM   379 C  "C2'" . DT  B 2 8  ? 5.456   -1.223  -8.413  1.00 120.12 ? 19  DT  B "C2'" 1 
ATOM   380 C  "C1'" . DT  B 2 8  ? 6.444   -1.598  -7.301  1.00 120.12 ? 19  DT  B "C1'" 1 
ATOM   381 N  N1    . DT  B 2 8  ? 6.757   -3.076  -7.203  1.00 113.27 ? 19  DT  B N1    1 
ATOM   382 C  C2    . DT  B 2 8  ? 7.958   -3.472  -6.652  1.00 114.13 ? 19  DT  B C2    1 
ATOM   383 O  O2    . DT  B 2 8  ? 8.796   -2.684  -6.246  1.00 115.16 ? 19  DT  B O2    1 
ATOM   384 N  N3    . DT  B 2 8  ? 8.150   -4.830  -6.594  1.00 111.66 ? 19  DT  B N3    1 
ATOM   385 C  C4    . DT  B 2 8  ? 7.278   -5.817  -7.018  1.00 109.80 ? 19  DT  B C4    1 
ATOM   386 O  O4    . DT  B 2 8  ? 7.541   -7.016  -6.923  1.00 104.71 ? 19  DT  B O4    1 
ATOM   387 C  C5    . DT  B 2 8  ? 6.037   -5.342  -7.582  1.00 106.70 ? 19  DT  B C5    1 
ATOM   388 C  C7    . DT  B 2 8  ? 5.020   -6.324  -8.077  1.00 98.82  ? 19  DT  B C7    1 
ATOM   389 C  C6    . DT  B 2 8  ? 5.834   -4.009  -7.646  1.00 107.72 ? 19  DT  B C6    1 
ATOM   390 P  P     . DC  B 2 9  ? 5.025   1.965   -9.068  1.00 139.92 ? 20  DC  B P     1 
ATOM   391 O  OP1   . DC  B 2 9  ? 4.717   3.361   -8.685  1.00 138.47 ? 20  DC  B OP1   1 
ATOM   392 O  OP2   . DC  B 2 9  ? 4.157   1.265   -10.046 1.00 132.94 ? 20  DC  B OP2   1 
ATOM   393 O  "O5'" . DC  B 2 9  ? 6.539   1.906   -9.578  1.00 135.00 ? 20  DC  B "O5'" 1 
ATOM   394 C  "C5'" . DC  B 2 9  ? 7.598   2.214   -8.677  1.00 130.56 ? 20  DC  B "C5'" 1 
ATOM   395 C  "C4'" . DC  B 2 9  ? 8.917   1.646   -9.171  1.00 135.13 ? 20  DC  B "C4'" 1 
ATOM   396 O  "O4'" . DC  B 2 9  ? 8.892   0.194   -9.097  1.00 132.02 ? 20  DC  B "O4'" 1 
ATOM   397 C  "C3'" . DC  B 2 9  ? 9.264   1.973   -10.623 1.00 136.80 ? 20  DC  B "C3'" 1 
ATOM   398 O  "O3'" . DC  B 2 9  ? 10.657  2.170   -10.735 1.00 142.68 ? 20  DC  B "O3'" 1 
ATOM   399 C  "C2'" . DC  B 2 9  ? 8.837   0.709   -11.356 1.00 128.76 ? 20  DC  B "C2'" 1 
ATOM   400 C  "C1'" . DC  B 2 9  ? 9.275   -0.333  -10.348 1.00 128.31 ? 20  DC  B "C1'" 1 
ATOM   401 N  N1    . DC  B 2 9  ? 8.635   -1.664  -10.526 1.00 125.48 ? 20  DC  B N1    1 
ATOM   402 C  C2    . DC  B 2 9  ? 9.283   -2.810  -10.046 1.00 123.99 ? 20  DC  B C2    1 
ATOM   403 O  O2    . DC  B 2 9  ? 10.377  -2.689  -9.478  1.00 124.30 ? 20  DC  B O2    1 
ATOM   404 N  N3    . DC  B 2 9  ? 8.693   -4.019  -10.213 1.00 117.90 ? 20  DC  B N3    1 
ATOM   405 C  C4    . DC  B 2 9  ? 7.513   -4.106  -10.830 1.00 117.05 ? 20  DC  B C4    1 
ATOM   406 N  N4    . DC  B 2 9  ? 6.969   -5.321  -10.971 1.00 111.33 ? 20  DC  B N4    1 
ATOM   407 C  C5    . DC  B 2 9  ? 6.837   -2.950  -11.330 1.00 118.75 ? 20  DC  B C5    1 
ATOM   408 C  C6    . DC  B 2 9  ? 7.431   -1.762  -11.160 1.00 122.38 ? 20  DC  B C6    1 
ATOM   409 P  P     . DA  B 2 10 ? 11.232  3.391   -11.602 1.00 151.44 ? 21  DA  B P     1 
ATOM   410 O  OP1   . DA  B 2 10 ? 11.433  4.528   -10.675 1.00 156.09 ? 21  DA  B OP1   1 
ATOM   411 O  OP2   . DA  B 2 10 ? 10.354  3.552   -12.783 1.00 143.42 ? 21  DA  B OP2   1 
ATOM   412 O  "O5'" . DA  B 2 10 ? 12.665  2.868   -12.096 1.00 144.68 ? 21  DA  B "O5'" 1 
ATOM   413 C  "C5'" . DA  B 2 10 ? 13.734  2.729   -11.160 1.00 141.42 ? 21  DA  B "C5'" 1 
ATOM   414 C  "C4'" . DA  B 2 10 ? 14.242  1.297   -11.120 1.00 138.74 ? 21  DA  B "C4'" 1 
ATOM   415 O  "O4'" . DA  B 2 10 ? 13.129  0.383   -11.297 1.00 139.26 ? 21  DA  B "O4'" 1 
ATOM   416 C  "C3'" . DA  B 2 10 ? 15.254  0.935   -12.204 1.00 141.03 ? 21  DA  B "C3'" 1 
ATOM   417 O  "O3'" . DA  B 2 10 ? 16.190  -0.012  -11.698 1.00 139.31 ? 21  DA  B "O3'" 1 
ATOM   418 C  "C2'" . DA  B 2 10 ? 14.377  0.324   -13.292 1.00 140.24 ? 21  DA  B "C2'" 1 
ATOM   419 C  "C1'" . DA  B 2 10 ? 13.321  -0.396  -12.463 1.00 137.90 ? 21  DA  B "C1'" 1 
ATOM   420 N  N9    . DA  B 2 10 ? 12.035  -0.524  -13.143 1.00 135.64 ? 21  DA  B N9    1 
ATOM   421 C  C8    . DA  B 2 10 ? 11.307  0.480   -13.720 1.00 136.81 ? 21  DA  B C8    1 
ATOM   422 N  N7    . DA  B 2 10 ? 10.180  0.076   -14.257 1.00 133.47 ? 21  DA  B N7    1 
ATOM   423 C  C5    . DA  B 2 10 ? 10.165  -1.286  -14.012 1.00 128.32 ? 21  DA  B C5    1 
ATOM   424 C  C6    . DA  B 2 10 ? 9.236   -2.293  -14.329 1.00 123.18 ? 21  DA  B C6    1 
ATOM   425 N  N6    . DA  B 2 10 ? 8.097   -2.060  -14.988 1.00 119.34 ? 21  DA  B N6    1 
ATOM   426 N  N1    . DA  B 2 10 ? 9.524   -3.554  -13.940 1.00 125.47 ? 21  DA  B N1    1 
ATOM   427 C  C2    . DA  B 2 10 ? 10.667  -3.782  -13.278 1.00 125.92 ? 21  DA  B C2    1 
ATOM   428 N  N3    . DA  B 2 10 ? 11.615  -2.917  -12.924 1.00 128.18 ? 21  DA  B N3    1 
ATOM   429 C  C4    . DA  B 2 10 ? 11.300  -1.674  -13.325 1.00 131.95 ? 21  DA  B C4    1 
ATOM   430 P  P     . DC  C 3 1  ? 9.515   7.415   6.005   1.00 98.44  ? 1   DC  C P     1 
ATOM   431 O  OP1   . DC  C 3 1  ? 8.842   7.212   4.701   1.00 82.51  ? 1   DC  C OP1   1 
ATOM   432 O  OP2   . DC  C 3 1  ? 10.410  8.575   6.217   1.00 102.93 ? 1   DC  C OP2   1 
ATOM   433 O  "O5'" . DC  C 3 1  ? 8.405   7.489   7.142   1.00 77.94  ? 1   DC  C "O5'" 1 
ATOM   434 C  "C5'" . DC  C 3 1  ? 7.196   6.792   6.971   1.00 89.51  ? 1   DC  C "C5'" 1 
ATOM   435 C  "C4'" . DC  C 3 1  ? 6.709   6.242   8.291   1.00 83.25  ? 1   DC  C "C4'" 1 
ATOM   436 O  "O4'" . DC  C 3 1  ? 5.971   7.273   9.002   1.00 82.79  ? 1   DC  C "O4'" 1 
ATOM   437 C  "C3'" . DC  C 3 1  ? 5.744   5.074   8.162   1.00 81.06  ? 1   DC  C "C3'" 1 
ATOM   438 O  "O3'" . DC  C 3 1  ? 5.866   4.236   9.294   1.00 84.56  ? 1   DC  C "O3'" 1 
ATOM   439 C  "C2'" . DC  C 3 1  ? 4.400   5.785   8.145   1.00 80.66  ? 1   DC  C "C2'" 1 
ATOM   440 C  "C1'" . DC  C 3 1  ? 4.647   6.822   9.219   1.00 76.23  ? 1   DC  C "C1'" 1 
ATOM   441 N  N1    . DC  C 3 1  ? 3.723   7.993   9.188   1.00 67.71  ? 1   DC  C N1    1 
ATOM   442 C  C2    . DC  C 3 1  ? 2.769   8.140   10.204  1.00 74.07  ? 1   DC  C C2    1 
ATOM   443 O  O2    . DC  C 3 1  ? 2.698   7.280   11.093  1.00 79.82  ? 1   DC  C O2    1 
ATOM   444 N  N3    . DC  C 3 1  ? 1.945   9.214   10.184  1.00 64.75  ? 1   DC  C N3    1 
ATOM   445 C  C4    . DC  C 3 1  ? 2.054   10.115  9.211   1.00 70.36  ? 1   DC  C C4    1 
ATOM   446 N  N4    . DC  C 3 1  ? 1.218   11.160  9.235   1.00 74.52  ? 1   DC  C N4    1 
ATOM   447 C  C5    . DC  C 3 1  ? 3.022   9.985   8.169   1.00 63.10  ? 1   DC  C C5    1 
ATOM   448 C  C6    . DC  C 3 1  ? 3.828   8.919   8.197   1.00 62.11  ? 1   DC  C C6    1 
ATOM   449 P  P     . DA  C 3 2  ? 5.692   2.651   9.134   1.00 88.95  ? 2   DA  C P     1 
ATOM   450 O  OP1   . DA  C 3 2  ? 6.499   1.975   10.173  1.00 76.61  ? 2   DA  C OP1   1 
ATOM   451 O  OP2   . DA  C 3 2  ? 5.928   2.353   7.704   1.00 75.09  ? 2   DA  C OP2   1 
ATOM   452 O  "O5'" . DA  C 3 2  ? 4.153   2.401   9.472   1.00 73.71  ? 2   DA  C "O5'" 1 
ATOM   453 C  "C5'" . DA  C 3 2  ? 3.730   2.264   10.818  1.00 83.22  ? 2   DA  C "C5'" 1 
ATOM   454 C  "C4'" . DA  C 3 2  ? 2.222   2.242   10.877  1.00 87.86  ? 2   DA  C "C4'" 1 
ATOM   455 O  "O4'" . DA  C 3 2  ? 1.734   3.584   10.712  1.00 93.70  ? 2   DA  C "O4'" 1 
ATOM   456 C  "C3'" . DA  C 3 2  ? 1.590   1.438   9.762   1.00 78.25  ? 2   DA  C "C3'" 1 
ATOM   457 O  "O3'" . DA  C 3 2  ? 1.338   0.106   10.194  1.00 71.09  ? 2   DA  C "O3'" 1 
ATOM   458 C  "C2'" . DA  C 3 2  ? 0.302   2.187   9.420   1.00 76.62  ? 2   DA  C "C2'" 1 
ATOM   459 C  "C1'" . DA  C 3 2  ? 0.503   3.578   10.024  1.00 77.39  ? 2   DA  C "C1'" 1 
ATOM   460 N  N9    . DA  C 3 2  ? 0.542   4.646   9.034   1.00 64.29  ? 2   DA  C N9    1 
ATOM   461 C  C8    . DA  C 3 2  ? 1.324   4.706   7.917   1.00 67.28  ? 2   DA  C C8    1 
ATOM   462 N  N7    . DA  C 3 2  ? 1.161   5.804   7.213   1.00 61.58  ? 2   DA  C N7    1 
ATOM   463 C  C5    . DA  C 3 2  ? 0.208   6.512   7.926   1.00 64.73  ? 2   DA  C C5    1 
ATOM   464 C  C6    . DA  C 3 2  ? -0.404  7.758   7.706   1.00 58.64  ? 2   DA  C C6    1 
ATOM   465 N  N6    . DA  C 3 2  ? -0.120  8.538   6.663   1.00 62.35  ? 2   DA  C N6    1 
ATOM   466 N  N1    . DA  C 3 2  ? -1.319  8.174   8.606   1.00 61.79  ? 2   DA  C N1    1 
ATOM   467 C  C2    . DA  C 3 2  ? -1.598  7.388   9.653   1.00 64.78  ? 2   DA  C C2    1 
ATOM   468 N  N3    . DA  C 3 2  ? -1.090  6.194   9.965   1.00 63.45  ? 2   DA  C N3    1 
ATOM   469 C  C4    . DA  C 3 2  ? -0.183  5.812   9.052   1.00 64.64  ? 2   DA  C C4    1 
ATOM   470 P  P     . DA  C 3 3  ? 0.615   -0.222  11.596  1.00 85.46  ? 3   DA  C P     1 
ATOM   471 O  OP1   . DA  C 3 3  ? -0.614  0.582   11.752  1.00 81.29  ? 3   DA  C OP1   1 
ATOM   472 O  OP2   . DA  C 3 3  ? 1.636   -0.213  12.674  1.00 80.84  ? 3   DA  C OP2   1 
ATOM   473 O  "O5'" . DA  C 3 3  ? 0.126   -1.720  11.352  1.00 91.36  ? 3   DA  C "O5'" 1 
ATOM   474 C  "C5'" . DA  C 3 3  ? -0.357  -2.090  10.050  1.00 85.87  ? 3   DA  C "C5'" 1 
ATOM   475 C  "C4'" . DA  C 3 3  ? 0.084   -3.497  9.666   1.00 79.64  ? 3   DA  C "C4'" 1 
ATOM   476 O  "O4'" . DA  C 3 3  ? 1.288   -3.436  8.880   1.00 74.23  ? 3   DA  C "O4'" 1 
ATOM   477 C  "C3'" . DA  C 3 3  ? 0.447   -4.401  10.825  1.00 75.54  ? 3   DA  C "C3'" 1 
ATOM   478 O  "O3'" . DA  C 3 3  ? -0.705  -4.991  11.347  1.00 74.76  ? 3   DA  C "O3'" 1 
ATOM   479 C  "C2'" . DA  C 3 3  ? 1.342   -5.436  10.160  1.00 63.85  ? 3   DA  C "C2'" 1 
ATOM   480 C  "C1'" . DA  C 3 3  ? 2.064   -4.597  9.114   1.00 64.73  ? 3   DA  C "C1'" 1 
ATOM   481 N  N9    . DA  C 3 3  ? 3.396   -4.172  9.501   1.00 66.17  ? 3   DA  C N9    1 
ATOM   482 C  C8    . DA  C 3 3  ? 3.807   -2.894  9.730   1.00 71.81  ? 3   DA  C C8    1 
ATOM   483 N  N7    . DA  C 3 3  ? 5.075   -2.792  10.039  1.00 65.81  ? 3   DA  C N7    1 
ATOM   484 C  C5    . DA  C 3 3  ? 5.525   -4.092  10.013  1.00 67.07  ? 3   DA  C C5    1 
ATOM   485 C  C6    . DA  C 3 3  ? 6.786   -4.651  10.251  1.00 75.47  ? 3   DA  C C6    1 
ATOM   486 N  N6    . DA  C 3 3  ? 7.860   -3.927  10.581  1.00 79.07  ? 3   DA  C N6    1 
ATOM   487 N  N1    . DA  C 3 3  ? 6.903   -5.991  10.138  1.00 78.24  ? 3   DA  C N1    1 
ATOM   488 C  C2    . DA  C 3 3  ? 5.823   -6.710  9.805   1.00 78.48  ? 3   DA  C C2    1 
ATOM   489 N  N3    . DA  C 3 3  ? 4.583   -6.293  9.555   1.00 75.48  ? 3   DA  C N3    1 
ATOM   490 C  C4    . DA  C 3 3  ? 4.503   -4.958  9.677   1.00 72.09  ? 3   DA  C C4    1 
ATOM   491 P  P     . DG  C 3 4  ? -0.757  -5.348  12.904  1.00 75.47  ? 4   DG  C P     1 
ATOM   492 O  OP1   . DG  C 3 4  ? -2.156  -5.710  13.228  1.00 78.01  ? 4   DG  C OP1   1 
ATOM   493 O  OP2   . DG  C 3 4  ? -0.124  -4.222  13.624  1.00 87.64  ? 4   DG  C OP2   1 
ATOM   494 O  "O5'" . DG  C 3 4  ? 0.225   -6.610  13.036  1.00 74.34  ? 4   DG  C "O5'" 1 
ATOM   495 C  "C5'" . DG  C 3 4  ? -0.200  -7.896  12.602  1.00 73.57  ? 4   DG  C "C5'" 1 
ATOM   496 C  "C4'" . DG  C 3 4  ? 0.958   -8.873  12.636  1.00 82.00  ? 4   DG  C "C4'" 1 
ATOM   497 O  "O4'" . DG  C 3 4  ? 2.063   -8.303  11.906  1.00 83.44  ? 4   DG  C "O4'" 1 
ATOM   498 C  "C3'" . DG  C 3 4  ? 1.499   -9.167  14.025  1.00 89.28  ? 4   DG  C "C3'" 1 
ATOM   499 O  "O3'" . DG  C 3 4  ? 0.879   -10.323 14.550  1.00 92.55  ? 4   DG  C "O3'" 1 
ATOM   500 C  "C2'" . DG  C 3 4  ? 2.983   -9.415  13.787  1.00 77.48  ? 4   DG  C "C2'" 1 
ATOM   501 C  "C1'" . DG  C 3 4  ? 3.283   -8.554  12.577  1.00 78.99  ? 4   DG  C "C1'" 1 
ATOM   502 N  N9    . DG  C 3 4  ? 3.903   -7.281  12.899  1.00 66.88  ? 4   DG  C N9    1 
ATOM   503 C  C8    . DG  C 3 4  ? 3.282   -6.064  12.996  1.00 69.44  ? 4   DG  C C8    1 
ATOM   504 N  N7    . DG  C 3 4  ? 4.100   -5.086  13.268  1.00 77.17  ? 4   DG  C N7    1 
ATOM   505 C  C5    . DG  C 3 4  ? 5.344   -5.699  13.361  1.00 72.65  ? 4   DG  C C5    1 
ATOM   506 C  C6    . DG  C 3 4  ? 6.615   -5.144  13.648  1.00 78.83  ? 4   DG  C C6    1 
ATOM   507 O  O6    . DG  C 3 4  ? 6.907   -3.961  13.884  1.00 80.53  ? 4   DG  C O6    1 
ATOM   508 N  N1    . DG  C 3 4  ? 7.614   -6.118  13.645  1.00 78.26  ? 4   DG  C N1    1 
ATOM   509 C  C2    . DG  C 3 4  ? 7.404   -7.458  13.403  1.00 77.89  ? 4   DG  C C2    1 
ATOM   510 N  N2    . DG  C 3 4  ? 8.489   -8.244  13.445  1.00 72.13  ? 4   DG  C N2    1 
ATOM   511 N  N3    . DG  C 3 4  ? 6.216   -7.990  13.140  1.00 70.81  ? 4   DG  C N3    1 
ATOM   512 C  C4    . DG  C 3 4  ? 5.235   -7.051  13.134  1.00 70.09  ? 4   DG  C C4    1 
ATOM   513 P  P     . DT  C 3 5  ? 1.062   -10.674 16.105  1.00 110.82 ? 5   DT  C P     1 
ATOM   514 O  OP1   . DT  C 3 5  ? 0.207   -11.841 16.423  1.00 117.53 ? 5   DT  C OP1   1 
ATOM   515 O  OP2   . DT  C 3 5  ? 0.901   -9.402  16.839  1.00 96.09  ? 5   DT  C OP2   1 
ATOM   516 O  "O5'" . DT  C 3 5  ? 2.603   -11.071 16.247  1.00 91.19  ? 5   DT  C "O5'" 1 
ATOM   517 C  "C5'" . DT  C 3 5  ? 3.072   -12.313 15.757  1.00 86.91  ? 5   DT  C "C5'" 1 
ATOM   518 C  "C4'" . DT  C 3 5  ? 4.508   -12.522 16.185  1.00 84.18  ? 5   DT  C "C4'" 1 
ATOM   519 O  "O4'" . DT  C 3 5  ? 5.338   -11.525 15.557  1.00 83.86  ? 5   DT  C "O4'" 1 
ATOM   520 C  "C3'" . DT  C 3 5  ? 4.757   -12.315 17.663  1.00 90.01  ? 5   DT  C "C3'" 1 
ATOM   521 O  "O3'" . DT  C 3 5  ? 4.457   -13.491 18.379  1.00 91.60  ? 5   DT  C "O3'" 1 
ATOM   522 C  "C2'" . DT  C 3 5  ? 6.247   -12.015 17.690  1.00 80.32  ? 5   DT  C "C2'" 1 
ATOM   523 C  "C1'" . DT  C 3 5  ? 6.458   -11.263 16.383  1.00 68.36  ? 5   DT  C "C1'" 1 
ATOM   524 N  N1    . DT  C 3 5  ? 6.610   -9.789  16.564  1.00 69.11  ? 5   DT  C N1    1 
ATOM   525 C  C2    . DT  C 3 5  ? 7.872   -9.269  16.737  1.00 75.31  ? 5   DT  C C2    1 
ATOM   526 O  O2    . DT  C 3 5  ? 8.878   -9.955  16.755  1.00 78.95  ? 5   DT  C O2    1 
ATOM   527 N  N3    . DT  C 3 5  ? 7.918   -7.909  16.890  1.00 77.27  ? 5   DT  C N3    1 
ATOM   528 C  C4    . DT  C 3 5  ? 6.849   -7.033  16.891  1.00 77.05  ? 5   DT  C C4    1 
ATOM   529 O  O4    . DT  C 3 5  ? 6.991   -5.821  17.036  1.00 80.75  ? 5   DT  C O4    1 
ATOM   530 C  C5    . DT  C 3 5  ? 5.553   -7.640  16.708  1.00 70.24  ? 5   DT  C C5    1 
ATOM   531 C  C7    . DT  C 3 5  ? 4.326   -6.785  16.694  1.00 69.96  ? 5   DT  C C7    1 
ATOM   532 C  C6    . DT  C 3 5  ? 5.495   -8.976  16.555  1.00 72.48  ? 5   DT  C C6    1 
ATOM   533 O  "O5'" . DT  D 4 1  ? 3.624   -8.565  -22.974 1.00 149.52 ? 1   DT  D "O5'" 1 
ATOM   534 C  "C5'" . DT  D 4 1  ? 2.972   -9.508  -22.132 1.00 150.30 ? 1   DT  D "C5'" 1 
ATOM   535 C  "C4'" . DT  D 4 1  ? 3.841   -10.734 -21.928 1.00 153.30 ? 1   DT  D "C4'" 1 
ATOM   536 O  "O4'" . DT  D 4 1  ? 5.235   -10.366 -22.101 1.00 152.96 ? 1   DT  D "O4'" 1 
ATOM   537 C  "C3'" . DT  D 4 1  ? 3.757   -11.355 -20.539 1.00 152.22 ? 1   DT  D "C3'" 1 
ATOM   538 O  "O3'" . DT  D 4 1  ? 4.023   -12.747 -20.614 1.00 151.71 ? 1   DT  D "O3'" 1 
ATOM   539 C  "C2'" . DT  D 4 1  ? 4.863   -10.620 -19.798 1.00 151.62 ? 1   DT  D "C2'" 1 
ATOM   540 C  "C1'" . DT  D 4 1  ? 5.929   -10.535 -20.880 1.00 149.81 ? 1   DT  D "C1'" 1 
ATOM   541 N  N1    . DT  D 4 1  ? 6.863   -9.392  -20.708 1.00 147.70 ? 1   DT  D N1    1 
ATOM   542 C  C2    . DT  D 4 1  ? 8.184   -9.644  -20.421 1.00 146.89 ? 1   DT  D C2    1 
ATOM   543 O  O2    . DT  D 4 1  ? 8.638   -10.770 -20.298 1.00 143.30 ? 1   DT  D O2    1 
ATOM   544 N  N3    . DT  D 4 1  ? 8.963   -8.524  -20.281 1.00 145.57 ? 1   DT  D N3    1 
ATOM   545 C  C4    . DT  D 4 1  ? 8.559   -7.205  -20.399 1.00 141.60 ? 1   DT  D C4    1 
ATOM   546 O  O4    . DT  D 4 1  ? 9.336   -6.263  -20.255 1.00 133.33 ? 1   DT  D O4    1 
ATOM   547 C  C5    . DT  D 4 1  ? 7.159   -7.012  -20.700 1.00 140.25 ? 1   DT  D C5    1 
ATOM   548 C  C7    . DT  D 4 1  ? 6.602   -5.630  -20.846 1.00 138.79 ? 1   DT  D C7    1 
ATOM   549 C  C6    . DT  D 4 1  ? 6.388   -8.102  -20.839 1.00 142.48 ? 1   DT  D C6    1 
ATOM   550 P  P     . DC  D 4 2  ? 4.077   -13.626 -19.271 1.00 157.14 ? 2   DC  D P     1 
ATOM   551 O  OP1   . DC  D 4 2  ? 3.844   -15.039 -19.642 1.00 160.59 ? 2   DC  D OP1   1 
ATOM   552 O  OP2   . DC  D 4 2  ? 3.189   -12.974 -18.285 1.00 160.29 ? 2   DC  D OP2   1 
ATOM   553 O  "O5'" . DC  D 4 2  ? 5.594   -13.495 -18.779 1.00 147.77 ? 2   DC  D "O5'" 1 
ATOM   554 C  "C5'" . DC  D 4 2  ? 5.950   -13.945 -17.487 1.00 145.63 ? 2   DC  D "C5'" 1 
ATOM   555 C  "C4'" . DC  D 4 2  ? 7.413   -14.323 -17.429 1.00 144.93 ? 2   DC  D "C4'" 1 
ATOM   556 O  "O4'" . DC  D 4 2  ? 8.221   -13.196 -17.859 1.00 139.82 ? 2   DC  D "O4'" 1 
ATOM   557 C  "C3'" . DC  D 4 2  ? 7.918   -14.669 -16.035 1.00 151.14 ? 2   DC  D "C3'" 1 
ATOM   558 O  "O3'" . DC  D 4 2  ? 8.989   -15.591 -16.128 1.00 161.45 ? 2   DC  D "O3'" 1 
ATOM   559 C  "C2'" . DC  D 4 2  ? 8.404   -13.319 -15.540 1.00 147.70 ? 2   DC  D "C2'" 1 
ATOM   560 C  "C1'" . DC  D 4 2  ? 9.071   -12.806 -16.799 1.00 140.91 ? 2   DC  D "C1'" 1 
ATOM   561 N  N1    . DC  D 4 2  ? 9.222   -11.345 -16.831 1.00 139.66 ? 2   DC  D N1    1 
ATOM   562 C  C2    . DC  D 4 2  ? 10.480  -10.781 -16.617 1.00 142.59 ? 2   DC  D C2    1 
ATOM   563 O  O2    . DC  D 4 2  ? 11.444  -11.525 -16.403 1.00 143.09 ? 2   DC  D O2    1 
ATOM   564 N  N3    . DC  D 4 2  ? 10.608  -9.433  -16.652 1.00 141.65 ? 2   DC  D N3    1 
ATOM   565 C  C4    . DC  D 4 2  ? 9.540   -8.669  -16.887 1.00 140.05 ? 2   DC  D C4    1 
ATOM   566 N  N4    . DC  D 4 2  ? 9.712   -7.345  -16.913 1.00 136.09 ? 2   DC  D N4    1 
ATOM   567 C  C5    . DC  D 4 2  ? 8.247   -9.229  -17.105 1.00 140.09 ? 2   DC  D C5    1 
ATOM   568 C  C6    . DC  D 4 2  ? 8.136   -10.559 -17.070 1.00 139.99 ? 2   DC  D C6    1 
ATOM   569 P  P     . DT  D 4 3  ? 9.629   -16.214 -14.792 1.00 180.17 ? 3   DT  D P     1 
ATOM   570 O  OP1   . DT  D 4 3  ? 10.428  -17.398 -15.179 1.00 181.67 ? 3   DT  D OP1   1 
ATOM   571 O  OP2   . DT  D 4 3  ? 8.541   -16.353 -13.800 1.00 177.12 ? 3   DT  D OP2   1 
ATOM   572 O  "O5'" . DT  D 4 3  ? 10.645  -15.091 -14.281 1.00 160.82 ? 3   DT  D "O5'" 1 
ATOM   573 C  "C5'" . DT  D 4 3  ? 11.177  -15.174 -12.968 1.00 155.98 ? 3   DT  D "C5'" 1 
ATOM   574 C  "C4'" . DT  D 4 3  ? 12.474  -14.401 -12.867 1.00 155.42 ? 3   DT  D "C4'" 1 
ATOM   575 O  "O4'" . DT  D 4 3  ? 12.301  -13.085 -13.462 1.00 153.78 ? 3   DT  D "O4'" 1 
ATOM   576 C  "C3'" . DT  D 4 3  ? 12.965  -14.156 -11.443 1.00 159.23 ? 3   DT  D "C3'" 1 
ATOM   577 O  "O3'" . DT  D 4 3  ? 14.391  -14.237 -11.410 1.00 165.92 ? 3   DT  D "O3'" 1 
ATOM   578 C  "C2'" . DT  D 4 3  ? 12.464  -12.741 -11.161 1.00 156.98 ? 3   DT  D "C2'" 1 
ATOM   579 C  "C1'" . DT  D 4 3  ? 12.653  -12.093 -12.521 1.00 154.89 ? 3   DT  D "C1'" 1 
ATOM   580 N  N1    . DT  D 4 3  ? 11.802  -10.880 -12.756 1.00 148.23 ? 3   DT  D N1    1 
ATOM   581 C  C2    . DT  D 4 3  ? 12.393  -9.635  -12.769 1.00 145.19 ? 3   DT  D C2    1 
ATOM   582 O  O2    . DT  D 4 3  ? 13.585  -9.460  -12.581 1.00 146.78 ? 3   DT  D O2    1 
ATOM   583 N  N3    . DT  D 4 3  ? 11.536  -8.594  -13.005 1.00 136.67 ? 3   DT  D N3    1 
ATOM   584 C  C4    . DT  D 4 3  ? 10.175  -8.669  -13.230 1.00 135.75 ? 3   DT  D C4    1 
ATOM   585 O  O4    . DT  D 4 3  ? 9.489   -7.673  -13.433 1.00 131.37 ? 3   DT  D O4    1 
ATOM   586 C  C5    . DT  D 4 3  ? 9.617   -10.003 -13.208 1.00 137.96 ? 3   DT  D C5    1 
ATOM   587 C  C7    . DT  D 4 3  ? 8.150   -10.208 -13.439 1.00 132.92 ? 3   DT  D C7    1 
ATOM   588 C  C6    . DT  D 4 3  ? 10.447  -11.031 -12.977 1.00 142.08 ? 3   DT  D C6    1 
ATOM   589 P  P     . DG  D 4 4  ? 15.211  -13.854 -10.080 1.00 173.02 ? 4   DG  D P     1 
ATOM   590 O  OP1   . DG  D 4 4  ? 16.504  -14.574 -10.127 1.00 167.28 ? 4   DG  D OP1   1 
ATOM   591 O  OP2   . DG  D 4 4  ? 14.310  -14.036 -8.919  1.00 166.55 ? 4   DG  D OP2   1 
ATOM   592 O  "O5'" . DG  D 4 4  ? 15.497  -12.288 -10.248 1.00 162.01 ? 4   DG  D "O5'" 1 
ATOM   593 C  "C5'" . DG  D 4 4  ? 16.823  -11.784 -10.127 1.00 159.69 ? 4   DG  D "C5'" 1 
ATOM   594 C  "C4'" . DG  D 4 4  ? 16.861  -10.615 -9.161  1.00 158.81 ? 4   DG  D "C4'" 1 
ATOM   595 O  "O4'" . DG  D 4 4  ? 15.682  -9.787  -9.359  1.00 157.13 ? 4   DG  D "O4'" 1 
ATOM   596 C  "C3'" . DG  D 4 4  ? 16.855  -11.001 -7.684  1.00 152.16 ? 4   DG  D "C3'" 1 
ATOM   597 O  "O3'" . DG  D 4 4  ? 17.618  -10.067 -6.939  1.00 152.42 ? 4   DG  D "O3'" 1 
ATOM   598 C  "C2'" . DG  D 4 4  ? 15.377  -10.920 -7.328  1.00 150.80 ? 4   DG  D "C2'" 1 
ATOM   599 C  "C1'" . DG  D 4 4  ? 14.937  -9.722  -8.159  1.00 150.05 ? 4   DG  D "C1'" 1 
ATOM   600 N  N9    . DG  D 4 4  ? 13.509  -9.732  -8.485  1.00 145.79 ? 4   DG  D N9    1 
ATOM   601 C  C8    . DG  D 4 4  ? 12.669  -10.820 -8.477  1.00 145.75 ? 4   DG  D C8    1 
ATOM   602 N  N7    . DG  D 4 4  ? 11.440  -10.534 -8.806  1.00 141.34 ? 4   DG  D N7    1 
ATOM   603 C  C5    . DG  D 4 4  ? 11.459  -9.165  -9.039  1.00 138.92 ? 4   DG  D C5    1 
ATOM   604 C  C6    . DG  D 4 4  ? 10.413  -8.293  -9.427  1.00 134.08 ? 4   DG  D C6    1 
ATOM   605 O  O6    . DG  D 4 4  ? 9.225   -8.570  -9.647  1.00 126.14 ? 4   DG  D O6    1 
ATOM   606 N  N1    . DG  D 4 4  ? 10.859  -6.978  -9.556  1.00 130.68 ? 4   DG  D N1    1 
ATOM   607 C  C2    . DG  D 4 4  ? 12.152  -6.561  -9.337  1.00 135.32 ? 4   DG  D C2    1 
ATOM   608 N  N2    . DG  D 4 4  ? 12.391  -5.251  -9.510  1.00 126.45 ? 4   DG  D N2    1 
ATOM   609 N  N3    . DG  D 4 4  ? 13.143  -7.370  -8.974  1.00 139.72 ? 4   DG  D N3    1 
ATOM   610 C  C4    . DG  D 4 4  ? 12.725  -8.654  -8.844  1.00 140.65 ? 4   DG  D C4    1 
ATOM   611 P  P     . DA  D 4 5  ? 18.273  -10.490 -5.534  1.00 166.75 ? 5   DA  D P     1 
ATOM   612 O  OP1   . DA  D 4 5  ? 19.567  -11.152 -5.815  1.00 159.30 ? 5   DA  D OP1   1 
ATOM   613 O  OP2   . DA  D 4 5  ? 17.239  -11.202 -4.751  1.00 161.04 ? 5   DA  D OP2   1 
ATOM   614 O  "O5'" . DA  D 4 5  ? 18.555  -9.091  -4.812  1.00 156.56 ? 5   DA  D "O5'" 1 
ATOM   615 C  "C5'" . DA  D 4 5  ? 19.323  -8.091  -5.473  1.00 151.93 ? 5   DA  D "C5'" 1 
ATOM   616 C  "C4'" . DA  D 4 5  ? 18.687  -6.719  -5.319  1.00 147.63 ? 5   DA  D "C4'" 1 
ATOM   617 O  "O4'" . DA  D 4 5  ? 17.322  -6.756  -5.813  1.00 145.06 ? 5   DA  D "O4'" 1 
ATOM   618 C  "C3'" . DA  D 4 5  ? 18.595  -6.199  -3.890  1.00 149.44 ? 5   DA  D "C3'" 1 
ATOM   619 O  "O3'" . DA  D 4 5  ? 18.721  -4.779  -3.891  1.00 154.78 ? 5   DA  D "O3'" 1 
ATOM   620 C  "C2'" . DA  D 4 5  ? 17.197  -6.640  -3.471  1.00 143.21 ? 5   DA  D "C2'" 1 
ATOM   621 C  "C1'" . DA  D 4 5  ? 16.422  -6.446  -4.766  1.00 139.81 ? 5   DA  D "C1'" 1 
ATOM   622 N  N9    . DA  D 4 5  ? 15.264  -7.324  -4.886  1.00 139.56 ? 5   DA  D N9    1 
ATOM   623 C  C8    . DA  D 4 5  ? 15.237  -8.677  -4.696  1.00 141.68 ? 5   DA  D C8    1 
ATOM   624 N  N7    . DA  D 4 5  ? 14.052  -9.214  -4.876  1.00 143.11 ? 5   DA  D N7    1 
ATOM   625 C  C5    . DA  D 4 5  ? 13.246  -8.139  -5.214  1.00 138.19 ? 5   DA  D C5    1 
ATOM   626 C  C6    . DA  D 4 5  ? 11.873  -8.041  -5.532  1.00 134.06 ? 5   DA  D C6    1 
ATOM   627 N  N6    . DA  D 4 5  ? 11.045  -9.093  -5.561  1.00 129.49 ? 5   DA  D N6    1 
ATOM   628 N  N1    . DA  D 4 5  ? 11.385  -6.816  -5.821  1.00 126.97 ? 5   DA  D N1    1 
ATOM   629 C  C2    . DA  D 4 5  ? 12.216  -5.766  -5.794  1.00 124.07 ? 5   DA  D C2    1 
ATOM   630 N  N3    . DA  D 4 5  ? 13.521  -5.734  -5.510  1.00 127.30 ? 5   DA  D N3    1 
ATOM   631 C  C4    . DA  D 4 5  ? 13.978  -6.964  -5.226  1.00 135.45 ? 5   DA  D C4    1 
ATOM   632 P  P     . DG  D 4 6  ? 18.971  -3.976  -2.519  1.00 159.05 ? 6   DG  D P     1 
ATOM   633 O  OP1   . DG  D 4 6  ? 20.251  -3.241  -2.644  1.00 157.85 ? 6   DG  D OP1   1 
ATOM   634 O  OP2   . DG  D 4 6  ? 18.771  -4.910  -1.390  1.00 151.88 ? 6   DG  D OP2   1 
ATOM   635 O  "O5'" . DG  D 4 6  ? 17.782  -2.910  -2.493  1.00 143.62 ? 6   DG  D "O5'" 1 
ATOM   636 C  "C5'" . DG  D 4 6  ? 16.492  -3.293  -2.924  1.00 135.46 ? 6   DG  D "C5'" 1 
ATOM   637 C  "C4'" . DG  D 4 6  ? 15.547  -2.117  -2.908  1.00 132.86 ? 6   DG  D "C4'" 1 
ATOM   638 O  "O4'" . DG  D 4 6  ? 14.252  -2.539  -3.380  1.00 127.33 ? 6   DG  D "O4'" 1 
ATOM   639 C  "C3'" . DG  D 4 6  ? 15.308  -1.512  -1.537  1.00 130.10 ? 6   DG  D "C3'" 1 
ATOM   640 O  "O3'" . DG  D 4 6  ? 15.059  -0.120  -1.659  1.00 136.94 ? 6   DG  D "O3'" 1 
ATOM   641 C  "C2'" . DG  D 4 6  ? 14.084  -2.271  -1.016  1.00 117.57 ? 6   DG  D "C2'" 1 
ATOM   642 C  "C1'" . DG  D 4 6  ? 13.393  -2.782  -2.287  1.00 118.69 ? 6   DG  D "C1'" 1 
ATOM   643 N  N9    . DG  D 4 6  ? 13.092  -4.210  -2.232  1.00 117.50 ? 6   DG  D N9    1 
ATOM   644 C  C8    . DG  D 4 6  ? 13.958  -5.225  -1.905  1.00 119.52 ? 6   DG  D C8    1 
ATOM   645 N  N7    . DG  D 4 6  ? 13.406  -6.407  -1.922  1.00 122.57 ? 6   DG  D N7    1 
ATOM   646 C  C5    . DG  D 4 6  ? 12.087  -6.162  -2.279  1.00 117.72 ? 6   DG  D C5    1 
ATOM   647 C  C6    . DG  D 4 6  ? 11.006  -7.064  -2.457  1.00 117.23 ? 6   DG  D C6    1 
ATOM   648 O  O6    . DG  D 4 6  ? 11.004  -8.298  -2.332  1.00 118.79 ? 6   DG  D O6    1 
ATOM   649 N  N1    . DG  D 4 6  ? 9.838   -6.398  -2.818  1.00 110.33 ? 6   DG  D N1    1 
ATOM   650 C  C2    . DG  D 4 6  ? 9.726   -5.037  -2.985  1.00 107.10 ? 6   DG  D C2    1 
ATOM   651 N  N2    . DG  D 4 6  ? 8.516   -4.581  -3.335  1.00 104.54 ? 6   DG  D N2    1 
ATOM   652 N  N3    . DG  D 4 6  ? 10.728  -4.181  -2.820  1.00 103.07 ? 6   DG  D N3    1 
ATOM   653 C  C4    . DG  D 4 6  ? 11.875  -4.812  -2.470  1.00 113.92 ? 6   DG  D C4    1 
ATOM   654 P  P     . DT  D 4 7  ? 14.786  0.771   -0.350  1.00 135.01 ? 7   DT  D P     1 
ATOM   655 O  OP1   . DT  D 4 7  ? 15.173  2.169   -0.654  1.00 130.40 ? 7   DT  D OP1   1 
ATOM   656 O  OP2   . DT  D 4 7  ? 15.390  0.070   0.804   1.00 132.85 ? 7   DT  D OP2   1 
ATOM   657 O  "O5'" . DT  D 4 7  ? 13.203  0.702   -0.181  1.00 124.40 ? 7   DT  D "O5'" 1 
ATOM   658 C  "C5'" . DT  D 4 7  ? 12.379  0.890   -1.310  1.00 116.47 ? 7   DT  D "C5'" 1 
ATOM   659 C  "C4'" . DT  D 4 7  ? 10.919  0.745   -0.941  1.00 116.87 ? 7   DT  D "C4'" 1 
ATOM   660 O  "O4'" . DT  D 4 7  ? 10.524  -0.640  -1.000  1.00 114.39 ? 7   DT  D "O4'" 1 
ATOM   661 C  "C3'" . DT  D 4 7  ? 10.541  1.236   0.461   1.00 111.31 ? 7   DT  D "C3'" 1 
ATOM   662 O  "O3'" . DT  D 4 7  ? 9.563   2.260   0.324   1.00 113.92 ? 7   DT  D "O3'" 1 
ATOM   663 C  "C2'" . DT  D 4 7  ? 9.983   -0.024  1.158   1.00 98.56  ? 7   DT  D "C2'" 1 
ATOM   664 C  "C1'" . DT  D 4 7  ? 9.528   -0.839  -0.038  1.00 100.87 ? 7   DT  D "C1'" 1 
ATOM   665 N  N1    . DT  D 4 7  ? 9.394   -2.303  0.192   1.00 96.89  ? 7   DT  D N1    1 
ATOM   666 C  C2    . DT  D 4 7  ? 8.165   -2.892  0.003   1.00 99.43  ? 7   DT  D C2    1 
ATOM   667 O  O2    . DT  D 4 7  ? 7.168   -2.265  -0.306  1.00 97.61  ? 7   DT  D O2    1 
ATOM   668 N  N3    . DT  D 4 7  ? 8.138   -4.246  0.202   1.00 97.43  ? 7   DT  D N3    1 
ATOM   669 C  C4    . DT  D 4 7  ? 9.197   -5.056  0.553   1.00 96.18  ? 7   DT  D C4    1 
ATOM   670 O  O4    . DT  D 4 7  ? 9.072   -6.268  0.707   1.00 97.68  ? 7   DT  D O4    1 
ATOM   671 C  C5    . DT  D 4 7  ? 10.463  -4.378  0.723   1.00 97.76  ? 7   DT  D C5    1 
ATOM   672 C  C7    . DT  D 4 7  ? 11.686  -5.157  1.105   1.00 103.42 ? 7   DT  D C7    1 
ATOM   673 C  C6    . DT  D 4 7  ? 10.503  -3.049  0.528   1.00 94.62  ? 7   DT  D C6    1 
ATOM   674 P  P     . DG  D 4 8  ? 8.862   2.923   1.605   1.00 121.40 ? 8   DG  D P     1 
ATOM   675 O  OP1   . DG  D 4 8  ? 8.565   4.333   1.253   1.00 98.00  ? 8   DG  D OP1   1 
ATOM   676 O  OP2   . DG  D 4 8  ? 9.704   2.630   2.787   1.00 125.88 ? 8   DG  D OP2   1 
ATOM   677 O  "O5'" . DG  D 4 8  ? 7.483   2.114   1.729   1.00 107.53 ? 8   DG  D "O5'" 1 
ATOM   678 C  "C5'" . DG  D 4 8  ? 6.761   1.771   0.550   1.00 93.39  ? 8   DG  D "C5'" 1 
ATOM   679 C  "C4'" . DG  D 4 8  ? 5.347   1.305   0.867   1.00 91.86  ? 8   DG  D "C4'" 1 
ATOM   680 O  "O4'" . DG  D 4 8  ? 5.331   -0.122  1.111   1.00 98.54  ? 8   DG  D "O4'" 1 
ATOM   681 C  "C3'" . DG  D 4 8  ? 4.700   1.918   2.092   1.00 93.15  ? 8   DG  D "C3'" 1 
ATOM   682 O  "O3'" . DG  D 4 8  ? 3.299   1.912   1.908   1.00 96.31  ? 8   DG  D "O3'" 1 
ATOM   683 C  "C2'" . DG  D 4 8  ? 5.120   0.954   3.202   1.00 87.73  ? 8   DG  D "C2'" 1 
ATOM   684 C  "C1'" . DG  D 4 8  ? 5.057   -0.386  2.481   1.00 88.20  ? 8   DG  D "C1'" 1 
ATOM   685 N  N9    . DG  D 4 8  ? 6.044   -1.359  2.926   1.00 86.73  ? 8   DG  D N9    1 
ATOM   686 C  C8    . DG  D 4 8  ? 7.360   -1.121  3.242   1.00 88.04  ? 8   DG  D C8    1 
ATOM   687 N  N7    . DG  D 4 8  ? 8.017   -2.199  3.566   1.00 86.24  ? 8   DG  D N7    1 
ATOM   688 C  C5    . DG  D 4 8  ? 7.082   -3.217  3.439   1.00 83.10  ? 8   DG  D C5    1 
ATOM   689 C  C6    . DG  D 4 8  ? 7.217   -4.607  3.653   1.00 85.79  ? 8   DG  D C6    1 
ATOM   690 O  O6    . DG  D 4 8  ? 8.225   -5.232  4.011   1.00 87.49  ? 8   DG  D O6    1 
ATOM   691 N  N1    . DG  D 4 8  ? 6.025   -5.286  3.409   1.00 79.38  ? 8   DG  D N1    1 
ATOM   692 C  C2    . DG  D 4 8  ? 4.853   -4.690  3.008   1.00 80.71  ? 8   DG  D C2    1 
ATOM   693 N  N2    . DG  D 4 8  ? 3.807   -5.506  2.821   1.00 81.71  ? 8   DG  D N2    1 
ATOM   694 N  N3    . DG  D 4 8  ? 4.714   -3.388  2.803   1.00 81.11  ? 8   DG  D N3    1 
ATOM   695 C  C4    . DG  D 4 8  ? 5.867   -2.717  3.037   1.00 81.33  ? 8   DG  D C4    1 
ATOM   696 P  P     . DC  D 4 9  ? 2.328   2.469   3.054   1.00 97.31  ? 9   DC  D P     1 
ATOM   697 O  OP1   . DC  D 4 9  ? 1.031   2.826   2.435   1.00 86.43  ? 9   DC  D OP1   1 
ATOM   698 O  OP2   . DC  D 4 9  ? 3.093   3.513   3.764   1.00 85.31  ? 9   DC  D OP2   1 
ATOM   699 O  "O5'" . DC  D 4 9  ? 2.121   1.208   4.025   1.00 95.33  ? 9   DC  D "O5'" 1 
ATOM   700 C  "C5'" . DC  D 4 9  ? 1.622   -0.019  3.496   1.00 92.27  ? 9   DC  D "C5'" 1 
ATOM   701 C  "C4'" . DC  D 4 9  ? 1.362   -1.035  4.598   1.00 96.32  ? 9   DC  D "C4'" 1 
ATOM   702 O  "O4'" . DC  D 4 9  ? 2.569   -1.801  4.873   1.00 99.55  ? 9   DC  D "O4'" 1 
ATOM   703 C  "C3'" . DC  D 4 9  ? 0.919   -0.452  5.943   1.00 80.30  ? 9   DC  D "C3'" 1 
ATOM   704 O  "O3'" . DC  D 4 9  ? -0.076  -1.272  6.505   1.00 82.50  ? 9   DC  D "O3'" 1 
ATOM   705 C  "C2'" . DC  D 4 9  ? 2.197   -0.528  6.768   1.00 77.32  ? 9   DC  D "C2'" 1 
ATOM   706 C  "C1'" . DC  D 4 9  ? 2.767   -1.838  6.266   1.00 73.73  ? 9   DC  D "C1'" 1 
ATOM   707 N  N1    . DC  D 4 9  ? 4.211   -2.002  6.539   1.00 75.14  ? 9   DC  D N1    1 
ATOM   708 C  C2    . DC  D 4 9  ? 4.742   -3.287  6.686   1.00 74.89  ? 9   DC  D C2    1 
ATOM   709 O  O2    . DC  D 4 9  ? 3.992   -4.266  6.581   1.00 73.81  ? 9   DC  D O2    1 
ATOM   710 N  N3    . DC  D 4 9  ? 6.064   -3.423  6.940   1.00 71.36  ? 9   DC  D N3    1 
ATOM   711 C  C4    . DC  D 4 9  ? 6.834   -2.340  7.047   1.00 73.88  ? 9   DC  D C4    1 
ATOM   712 N  N4    . DC  D 4 9  ? 8.132   -2.521  7.297   1.00 83.95  ? 9   DC  D N4    1 
ATOM   713 C  C5    . DC  D 4 9  ? 6.310   -1.023  6.901   1.00 67.88  ? 9   DC  D C5    1 
ATOM   714 C  C6    . DC  D 4 9  ? 5.006   -0.901  6.652   1.00 67.49  ? 9   DC  D C6    1 
ATOM   715 P  P     . DC  D 4 10 ? -1.626  -0.946  6.272   1.00 91.69  ? 10  DC  D P     1 
ATOM   716 O  OP1   . DC  D 4 10 ? -2.421  -1.955  7.013   1.00 88.52  ? 10  DC  D OP1   1 
ATOM   717 O  OP2   . DC  D 4 10 ? -1.828  -0.740  4.824   1.00 96.79  ? 10  DC  D OP2   1 
ATOM   718 O  "O5'" . DC  D 4 10 ? -1.831  0.468   6.968   1.00 92.08  ? 10  DC  D "O5'" 1 
ATOM   719 C  "C5'" . DC  D 4 10 ? -3.093  1.072   6.921   1.00 91.04  ? 10  DC  D "C5'" 1 
ATOM   720 C  "C4'" . DC  D 4 10 ? -3.518  1.531   8.297   1.00 82.09  ? 10  DC  D "C4'" 1 
ATOM   721 O  "O4'" . DC  D 4 10 ? -2.630  2.577   8.745   1.00 74.03  ? 10  DC  D "O4'" 1 
ATOM   722 C  "C3'" . DC  D 4 10 ? -4.921  2.105   8.342   1.00 90.02  ? 10  DC  D "C3'" 1 
ATOM   723 O  "O3'" . DC  D 4 10 ? -5.782  1.172   8.932   1.00 99.10  ? 10  DC  D "O3'" 1 
ATOM   724 C  "C2'" . DC  D 4 10 ? -4.792  3.361   9.191   1.00 75.69  ? 10  DC  D "C2'" 1 
ATOM   725 C  "C1'" . DC  D 4 10 ? -3.346  3.766   8.959   1.00 69.00  ? 10  DC  D "C1'" 1 
ATOM   726 N  N1    . DC  D 4 10 ? -3.101  4.686   7.785   1.00 63.69  ? 10  DC  D N1    1 
ATOM   727 C  C2    . DC  D 4 10 ? -3.816  5.893   7.653   1.00 67.41  ? 10  DC  D C2    1 
ATOM   728 O  O2    . DC  D 4 10 ? -4.682  6.191   8.486   1.00 69.81  ? 10  DC  D O2    1 
ATOM   729 N  N3    . DC  D 4 10 ? -3.542  6.703   6.601   1.00 63.07  ? 10  DC  D N3    1 
ATOM   730 C  C4    . DC  D 4 10 ? -2.601  6.365   5.721   1.00 63.05  ? 10  DC  D C4    1 
ATOM   731 N  N4    . DC  D 4 10 ? -2.366  7.199   4.699   1.00 60.22  ? 10  DC  D N4    1 
ATOM   732 C  C5    . DC  D 4 10 ? -1.860  5.153   5.845   1.00 64.31  ? 10  DC  D C5    1 
ATOM   733 C  C6    . DC  D 4 10 ? -2.133  4.360   6.883   1.00 60.24  ? 10  DC  D C6    1 
ATOM   734 P  P     . DG  D 4 11 ? -7.056  0.666   8.108   1.00 113.51 ? 11  DG  D P     1 
ATOM   735 O  OP1   . DG  D 4 11 ? -7.797  -0.293  8.961   1.00 107.69 ? 11  DG  D OP1   1 
ATOM   736 O  OP2   . DG  D 4 11 ? -6.536  0.251   6.784   1.00 99.53  ? 11  DG  D OP2   1 
ATOM   737 O  "O5'" . DG  D 4 11 ? -7.929  1.999   7.910   1.00 97.62  ? 11  DG  D "O5'" 1 
ATOM   738 C  "C5'" . DG  D 4 11 ? -8.403  2.722   9.051   1.00 96.51  ? 11  DG  D "C5'" 1 
ATOM   739 C  "C4'" . DG  D 4 11 ? -8.973  4.070   8.642   1.00 98.82  ? 11  DG  D "C4'" 1 
ATOM   740 O  "O4'" . DG  D 4 11 ? -7.902  4.928   8.200   1.00 91.74  ? 11  DG  D "O4'" 1 
ATOM   741 C  "C3'" . DG  D 4 11 ? -9.941  4.020   7.480   1.00 105.67 ? 11  DG  D "C3'" 1 
ATOM   742 O  "O3'" . DG  D 4 11 ? -11.256 3.827   7.962   1.00 107.75 ? 11  DG  D "O3'" 1 
ATOM   743 C  "C2'" . DG  D 4 11 ? -9.790  5.396   6.836   1.00 100.03 ? 11  DG  D "C2'" 1 
ATOM   744 C  "C1'" . DG  D 4 11 ? -8.364  5.801   7.188   1.00 82.39  ? 11  DG  D "C1'" 1 
ATOM   745 N  N9    . DG  D 4 11 ? -7.437  5.726   6.070   1.00 77.78  ? 11  DG  D N9    1 
ATOM   746 C  C8    . DG  D 4 11 ? -6.696  4.635   5.689   1.00 76.76  ? 11  DG  D C8    1 
ATOM   747 N  N7    . DG  D 4 11 ? -5.932  4.863   4.656   1.00 74.25  ? 11  DG  D N7    1 
ATOM   748 C  C5    . DG  D 4 11 ? -6.183  6.190   4.331   1.00 71.49  ? 11  DG  D C5    1 
ATOM   749 C  C6    . DG  D 4 11 ? -5.644  6.992   3.295   1.00 75.06  ? 11  DG  D C6    1 
ATOM   750 O  O6    . DG  D 4 11 ? -4.814  6.677   2.431   1.00 73.15  ? 11  DG  D O6    1 
ATOM   751 N  N1    . DG  D 4 11 ? -6.165  8.286   3.317   1.00 80.07  ? 11  DG  D N1    1 
ATOM   752 C  C2    . DG  D 4 11 ? -7.089  8.744   4.229   1.00 86.13  ? 11  DG  D C2    1 
ATOM   753 N  N2    . DG  D 4 11 ? -7.471  10.025  4.095   1.00 85.91  ? 11  DG  D N2    1 
ATOM   754 N  N3    . DG  D 4 11 ? -7.606  7.999   5.205   1.00 77.40  ? 11  DG  D N3    1 
ATOM   755 C  C4    . DG  D 4 11 ? -7.107  6.738   5.193   1.00 75.41  ? 11  DG  D C4    1 
ATOM   756 P  P     . DT  D 4 12 ? -12.433 3.475   6.932   1.00 124.46 ? 12  DT  D P     1 
ATOM   757 O  OP1   . DT  D 4 12 ? -13.566 2.944   7.724   1.00 121.17 ? 12  DT  D OP1   1 
ATOM   758 O  OP2   . DT  D 4 12 ? -11.837 2.676   5.837   1.00 105.98 ? 12  DT  D OP2   1 
ATOM   759 O  "O5'" . DT  D 4 12 ? -12.829 4.891   6.301   1.00 114.90 ? 12  DT  D "O5'" 1 
ATOM   760 C  "C5'" . DT  D 4 12 ? -13.243 5.958   7.138   1.00 111.24 ? 12  DT  D "C5'" 1 
ATOM   761 C  "C4'" . DT  D 4 12 ? -13.217 7.263   6.371   1.00 111.83 ? 12  DT  D "C4'" 1 
ATOM   762 O  "O4'" . DT  D 4 12 ? -11.946 7.389   5.685   1.00 102.70 ? 12  DT  D "O4'" 1 
ATOM   763 C  "C3'" . DT  D 4 12 ? -14.295 7.397   5.293   1.00 121.11 ? 12  DT  D "C3'" 1 
ATOM   764 O  "O3'" . DT  D 4 12 ? -14.883 8.680   5.352   1.00 128.08 ? 12  DT  D "O3'" 1 
ATOM   765 C  "C2'" . DT  D 4 12 ? -13.527 7.200   3.989   1.00 114.49 ? 12  DT  D "C2'" 1 
ATOM   766 C  "C1'" . DT  D 4 12 ? -12.169 7.765   4.350   1.00 101.49 ? 12  DT  D "C1'" 1 
ATOM   767 N  N1    . DT  D 4 12 ? -11.074 7.218   3.512   1.00 93.26  ? 12  DT  D N1    1 
ATOM   768 C  C2    . DT  D 4 12 ? -10.362 8.068   2.700   1.00 95.39  ? 12  DT  D C2    1 
ATOM   769 O  O2    . DT  D 4 12 ? -10.573 9.264   2.642   1.00 102.96 ? 12  DT  D O2    1 
ATOM   770 N  N3    . DT  D 4 12 ? -9.384  7.463   1.956   1.00 91.11  ? 12  DT  D N3    1 
ATOM   771 C  C4    . DT  D 4 12 ? -9.059  6.120   1.942   1.00 90.11  ? 12  DT  D C4    1 
ATOM   772 O  O4    . DT  D 4 12 ? -8.160  5.667   1.236   1.00 89.32  ? 12  DT  D O4    1 
ATOM   773 C  C5    . DT  D 4 12 ? -9.850  5.285   2.812   1.00 90.80  ? 12  DT  D C5    1 
ATOM   774 C  C7    . DT  D 4 12 ? -9.591  3.810   2.881   1.00 91.82  ? 12  DT  D C7    1 
ATOM   775 C  C6    . DT  D 4 12 ? -10.811 5.868   3.544   1.00 93.91  ? 12  DT  D C6    1 
ATOM   776 P  P     . DC  D 4 13 ? -16.380 8.898   4.817   1.00 139.98 ? 13  DC  D P     1 
ATOM   777 O  OP1   . DC  D 4 13 ? -17.292 8.643   5.957   1.00 129.67 ? 13  DC  D OP1   1 
ATOM   778 O  OP2   . DC  D 4 13 ? -16.528 8.125   3.563   1.00 134.50 ? 13  DC  D OP2   1 
ATOM   779 O  "O5'" . DC  D 4 13 ? -16.424 10.446  4.433   1.00 129.14 ? 13  DC  D "O5'" 1 
ATOM   780 C  "C5'" . DC  D 4 13 ? -15.215 11.156  4.252   1.00 126.58 ? 13  DC  D "C5'" 1 
ATOM   781 C  "C4'" . DC  D 4 13 ? -15.078 11.630  2.817   1.00 135.48 ? 13  DC  D "C4'" 1 
ATOM   782 O  "O4'" . DC  D 4 13 ? -14.019 10.899  2.153   1.00 131.56 ? 13  DC  D "O4'" 1 
ATOM   783 C  "C3'" . DC  D 4 13 ? -16.327 11.450  1.942   1.00 141.98 ? 13  DC  D "C3'" 1 
ATOM   784 O  "O3'" . DC  D 4 13 ? -16.694 12.706  1.367   1.00 151.78 ? 13  DC  D "O3'" 1 
ATOM   785 C  "C2'" . DC  D 4 13 ? -15.877 10.443  0.873   1.00 139.69 ? 13  DC  D "C2'" 1 
ATOM   786 C  "C1'" . DC  D 4 13 ? -14.393 10.726  0.813   1.00 131.17 ? 13  DC  D "C1'" 1 
ATOM   787 N  N1    . DC  D 4 13 ? -13.580 9.626   0.221   1.00 124.00 ? 13  DC  D N1    1 
ATOM   788 C  C2    . DC  D 4 13 ? -12.552 9.939   -0.679  1.00 126.82 ? 13  DC  D C2    1 
ATOM   789 O  O2    . DC  D 4 13 ? -12.344 11.123  -0.968  1.00 129.49 ? 13  DC  D O2    1 
ATOM   790 N  N3    . DC  D 4 13 ? -11.813 8.932   -1.209  1.00 122.07 ? 13  DC  D N3    1 
ATOM   791 C  C4    . DC  D 4 13 ? -12.070 7.668   -0.871  1.00 118.97 ? 13  DC  D C4    1 
ATOM   792 N  N4    . DC  D 4 13 ? -11.313 6.710   -1.419  1.00 113.31 ? 13  DC  D N4    1 
ATOM   793 C  C5    . DC  D 4 13 ? -13.112 7.330   0.045   1.00 113.24 ? 13  DC  D C5    1 
ATOM   794 C  C6    . DC  D 4 13 ? -13.835 8.331   0.562   1.00 116.40 ? 13  DC  D C6    1 
ATOM   795 P  P     . DT  D 4 14 ? -17.834 12.793  0.234   1.00 163.07 ? 14  DT  D P     1 
ATOM   796 O  OP1   . DT  D 4 14 ? -18.420 14.150  0.305   1.00 156.89 ? 14  DT  D OP1   1 
ATOM   797 O  OP2   . DT  D 4 14 ? -18.720 11.615  0.369   1.00 155.67 ? 14  DT  D OP2   1 
ATOM   798 O  "O5'" . DT  D 4 14 ? -17.021 12.671  -1.140  1.00 149.32 ? 14  DT  D "O5'" 1 
ATOM   799 C  "C5'" . DT  D 4 14 ? -15.935 13.551  -1.391  1.00 148.32 ? 14  DT  D "C5'" 1 
ATOM   800 C  "C4'" . DT  D 4 14 ? -15.405 13.386  -2.805  1.00 152.28 ? 14  DT  D "C4'" 1 
ATOM   801 O  "O4'" . DT  D 4 14 ? -14.719 12.112  -2.936  1.00 151.29 ? 14  DT  D "O4'" 1 
ATOM   802 C  "C3'" . DT  D 4 14 ? -16.465 13.411  -3.919  1.00 159.77 ? 14  DT  D "C3'" 1 
ATOM   803 O  "O3'" . DT  D 4 14 ? -16.058 14.314  -4.945  1.00 168.02 ? 14  DT  D "O3'" 1 
ATOM   804 C  "C2'" . DT  D 4 14 ? -16.474 11.967  -4.423  1.00 155.05 ? 14  DT  D "C2'" 1 
ATOM   805 C  "C1'" . DT  D 4 14 ? -15.023 11.592  -4.202  1.00 149.88 ? 14  DT  D "C1'" 1 
ATOM   806 N  N1    . DT  D 4 14 ? -14.760 10.129  -4.217  1.00 143.15 ? 14  DT  D N1    1 
ATOM   807 C  C2    . DT  D 4 14 ? -13.689 9.653   -4.937  1.00 144.69 ? 14  DT  D C2    1 
ATOM   808 O  O2    . DT  D 4 14 ? -12.932 10.377  -5.564  1.00 143.33 ? 14  DT  D O2    1 
ATOM   809 N  N3    . DT  D 4 14 ? -13.529 8.295   -4.897  1.00 142.34 ? 14  DT  D N3    1 
ATOM   810 C  C4    . DT  D 4 14 ? -14.319 7.380   -4.224  1.00 138.59 ? 14  DT  D C4    1 
ATOM   811 O  O4    . DT  D 4 14 ? -14.094 6.173   -4.249  1.00 132.36 ? 14  DT  D O4    1 
ATOM   812 C  C5    . DT  D 4 14 ? -15.429 7.945   -3.491  1.00 138.02 ? 14  DT  D C5    1 
ATOM   813 C  C7    . DT  D 4 14 ? -16.355 7.052   -2.721  1.00 129.35 ? 14  DT  D C7    1 
ATOM   814 C  C6    . DT  D 4 14 ? -15.595 9.277   -3.523  1.00 139.21 ? 14  DT  D C6    1 
ATOM   815 P  P     . DG  D 4 15 ? -17.094 14.799  -6.077  1.00 176.80 ? 15  DG  D P     1 
ATOM   816 O  OP1   . DG  D 4 15 ? -16.420 15.864  -6.857  1.00 170.76 ? 15  DG  D OP1   1 
ATOM   817 O  OP2   . DG  D 4 15 ? -18.394 15.062  -5.418  1.00 169.94 ? 15  DG  D OP2   1 
ATOM   818 O  "O5'" . DG  D 4 15 ? -17.257 13.527  -7.036  1.00 164.82 ? 15  DG  D "O5'" 1 
ATOM   819 C  "C5'" . DG  D 4 15 ? -17.444 13.708  -8.437  1.00 162.93 ? 15  DG  D "C5'" 1 
ATOM   820 C  "C4'" . DG  D 4 15 ? -16.133 13.515  -9.176  1.00 165.92 ? 15  DG  D "C4'" 1 
ATOM   821 O  "O4'" . DG  D 4 15 ? -15.180 12.875  -8.287  1.00 160.64 ? 15  DG  D "O4'" 1 
ATOM   822 C  "C3'" . DG  D 4 15 ? -16.218 12.619  -10.411 1.00 166.88 ? 15  DG  D "C3'" 1 
ATOM   823 O  "O3'" . DG  D 4 15 ? -16.397 13.418  -11.607 1.00 173.72 ? 15  DG  D "O3'" 1 
ATOM   824 C  "C2'" . DG  D 4 15 ? -14.889 11.873  -10.385 1.00 161.88 ? 15  DG  D "C2'" 1 
ATOM   825 C  "C1'" . DG  D 4 15 ? -14.662 11.711  -8.895  1.00 160.39 ? 15  DG  D "C1'" 1 
ATOM   826 N  N9    . DG  D 4 15 ? -15.330 10.545  -8.321  1.00 156.69 ? 15  DG  D N9    1 
ATOM   827 C  C8    . DG  D 4 15 ? -16.456 10.536  -7.531  1.00 153.73 ? 15  DG  D C8    1 
ATOM   828 N  N7    . DG  D 4 15 ? -16.819 9.341   -7.156  1.00 151.54 ? 15  DG  D N7    1 
ATOM   829 C  C5    . DG  D 4 15 ? -15.874 8.502   -7.731  1.00 152.78 ? 15  DG  D C5    1 
ATOM   830 C  C6    . DG  D 4 15 ? -15.749 7.091   -7.673  1.00 151.62 ? 15  DG  D C6    1 
ATOM   831 O  O6    . DG  D 4 15 ? -16.476 6.278   -7.083  1.00 149.25 ? 15  DG  D O6    1 
ATOM   832 N  N1    . DG  D 4 15 ? -14.646 6.640   -8.399  1.00 153.01 ? 15  DG  D N1    1 
ATOM   833 C  C2    . DG  D 4 15 ? -13.775 7.450   -9.090  1.00 153.50 ? 15  DG  D C2    1 
ATOM   834 N  N2    . DG  D 4 15 ? -12.769 6.832   -9.730  1.00 147.38 ? 15  DG  D N2    1 
ATOM   835 N  N3    . DG  D 4 15 ? -13.880 8.772   -9.151  1.00 155.38 ? 15  DG  D N3    1 
ATOM   836 C  C4    . DG  D 4 15 ? -14.950 9.227   -8.450  1.00 154.82 ? 15  DG  D C4    1 
ATOM   837 P  P     . DC  D 4 16 ? -15.159 13.884  -12.533 1.00 182.69 ? 16  DC  D P     1 
ATOM   838 O  OP1   . DC  D 4 16 ? -14.074 14.438  -11.689 1.00 172.88 ? 16  DC  D OP1   1 
ATOM   839 O  OP2   . DC  D 4 16 ? -15.742 14.748  -13.581 1.00 176.39 ? 16  DC  D OP2   1 
ATOM   840 O  "O5'" . DC  D 4 16 ? -14.672 12.546  -13.269 1.00 168.41 ? 16  DC  D "O5'" 1 
ATOM   841 C  "C5'" . DC  D 4 16 ? -13.992 12.626  -14.522 1.00 161.06 ? 16  DC  D "C5'" 1 
ATOM   842 C  "C4'" . DC  D 4 16 ? -12.896 11.579  -14.619 1.00 156.43 ? 16  DC  D "C4'" 1 
ATOM   843 O  "O4'" . DC  D 4 16 ? -13.028 10.634  -13.524 1.00 155.24 ? 16  DC  D "O4'" 1 
ATOM   844 C  "C3'" . DC  D 4 16 ? -12.915 10.740  -15.892 1.00 151.82 ? 16  DC  D "C3'" 1 
ATOM   845 O  "O3'" . DC  D 4 16 ? -11.588 10.375  -16.253 1.00 144.51 ? 16  DC  D "O3'" 1 
ATOM   846 C  "C2'" . DC  D 4 16 ? -13.734 9.526   -15.471 1.00 150.01 ? 16  DC  D "C2'" 1 
ATOM   847 C  "C1'" . DC  D 4 16 ? -13.266 9.336   -14.036 1.00 150.43 ? 16  DC  D "C1'" 1 
ATOM   848 N  N1    . DC  D 4 16 ? -14.266 8.666   -13.156 1.00 149.91 ? 16  DC  D N1    1 
ATOM   849 C  C2    . DC  D 4 16 ? -14.175 7.289   -12.921 1.00 148.80 ? 16  DC  D C2    1 
ATOM   850 O  O2    . DC  D 4 16 ? -13.269 6.644   -13.459 1.00 150.85 ? 16  DC  D O2    1 
ATOM   851 N  N3    . DC  D 4 16 ? -15.089 6.701   -12.109 1.00 145.61 ? 16  DC  D N3    1 
ATOM   852 C  C4    . DC  D 4 16 ? -16.052 7.433   -11.547 1.00 149.75 ? 16  DC  D C4    1 
ATOM   853 N  N4    . DC  D 4 16 ? -16.932 6.810   -10.756 1.00 148.76 ? 16  DC  D N4    1 
ATOM   854 C  C5    . DC  D 4 16 ? -16.158 8.837   -11.774 1.00 153.03 ? 16  DC  D C5    1 
ATOM   855 C  C6    . DC  D 4 16 ? -15.253 9.403   -12.577 1.00 151.94 ? 16  DC  D C6    1 
HETATM 856 AS AS    . CAC E 5 .  ? 5.387   -1.405  14.490  1.00 94.24  ? 101 CAC C AS    1 
HETATM 857 AS AS    . CAC F 5 .  ? -3.764  3.678   0.477   1.00 160.37 ? 101 CAC D AS    1 
HETATM 858 AS AS    . CAC G 5 .  ? 11.679  -2.853  5.699   1.00 204.01 ? 102 CAC D AS    1 
# 
loop_
_pdbx_poly_seq_scheme.asym_id 
_pdbx_poly_seq_scheme.entity_id 
_pdbx_poly_seq_scheme.seq_id 
_pdbx_poly_seq_scheme.mon_id 
_pdbx_poly_seq_scheme.ndb_seq_num 
_pdbx_poly_seq_scheme.pdb_seq_num 
_pdbx_poly_seq_scheme.auth_seq_num 
_pdbx_poly_seq_scheme.pdb_mon_id 
_pdbx_poly_seq_scheme.auth_mon_id 
_pdbx_poly_seq_scheme.pdb_strand_id 
_pdbx_poly_seq_scheme.pdb_ins_code 
_pdbx_poly_seq_scheme.hetero 
A 1 1  DG 1  1  1  DG DG A . n 
A 1 2  DA 2  2  2  DA DA A . n 
A 1 3  DG 3  3  3  DG DG A . n 
A 1 4  DC 4  4  4  DC DC A . n 
A 1 5  DA 5  5  5  DA DA A . n 
A 1 6  DG 6  6  6  DG DG A . n 
A 1 7  DA 7  7  7  DA DA A . n 
A 1 8  DC 8  8  8  DC DC A . n 
A 1 9  DG 9  9  9  DG DG A . n 
A 1 10 DT 10 10 10 DT DT A . n 
A 1 11 DG 11 11 11 DG DG A . n 
B 2 1  DA 1  12 12 DA DA B . n 
B 2 2  DC 2  13 13 DC DC B . n 
B 2 3  DT 3  14 14 DT DT B . n 
B 2 4  DG 4  15 15 DG DG B . n 
B 2 5  DC 5  16 16 DC DC B . n 
B 2 6  DA 6  17 17 DA DA B . n 
B 2 7  DC 7  18 18 DC DC B . n 
B 2 8  DT 8  19 19 DT DT B . n 
B 2 9  DC 9  20 20 DC DC B . n 
B 2 10 DA 10 21 21 DA DA B . n 
C 3 1  DC 1  1  1  DC DC C . n 
C 3 2  DA 2  2  2  DA DA C . n 
C 3 3  DA 3  3  3  DA DA C . n 
C 3 4  DG 4  4  4  DG DG C . n 
C 3 5  DT 5  5  5  DT DT C . n 
D 4 1  DT 1  1  1  DT DT D . n 
D 4 2  DC 2  2  2  DC DC D . n 
D 4 3  DT 3  3  3  DT DT D . n 
D 4 4  DG 4  4  4  DG DG D . n 
D 4 5  DA 5  5  5  DA DA D . n 
D 4 6  DG 6  6  6  DG DG D . n 
D 4 7  DT 7  7  7  DT DT D . n 
D 4 8  DG 8  8  8  DG DG D . n 
D 4 9  DC 9  9  9  DC DC D . n 
D 4 10 DC 10 10 10 DC DC D . n 
D 4 11 DG 11 11 11 DG DG D . n 
D 4 12 DT 12 12 12 DT DT D . n 
D 4 13 DC 13 13 13 DC DC D . n 
D 4 14 DT 14 14 14 DT DT D . n 
D 4 15 DG 15 15 15 DG DG D . n 
D 4 16 DC 16 16 16 DC DC D . n 
# 
loop_
_pdbx_nonpoly_scheme.asym_id 
_pdbx_nonpoly_scheme.entity_id 
_pdbx_nonpoly_scheme.mon_id 
_pdbx_nonpoly_scheme.ndb_seq_num 
_pdbx_nonpoly_scheme.pdb_seq_num 
_pdbx_nonpoly_scheme.auth_seq_num 
_pdbx_nonpoly_scheme.pdb_mon_id 
_pdbx_nonpoly_scheme.auth_mon_id 
_pdbx_nonpoly_scheme.pdb_strand_id 
_pdbx_nonpoly_scheme.pdb_ins_code 
E 5 CAC 1 101 2 CAC AS C . 
F 5 CAC 1 101 1 CAC AS D . 
G 5 CAC 1 102 3 CAC AS D . 
# 
_pdbx_struct_assembly.id                   1 
_pdbx_struct_assembly.details              author_defined_assembly 
_pdbx_struct_assembly.method_details       ? 
_pdbx_struct_assembly.oligomeric_details   tetrameric 
_pdbx_struct_assembly.oligomeric_count     4 
# 
_pdbx_struct_assembly_gen.assembly_id       1 
_pdbx_struct_assembly_gen.oper_expression   1 
_pdbx_struct_assembly_gen.asym_id_list      A,B,C,D,E,F,G 
# 
_pdbx_struct_oper_list.id                   1 
_pdbx_struct_oper_list.type                 'identity operation' 
_pdbx_struct_oper_list.name                 1_555 
_pdbx_struct_oper_list.symmetry_operation   x,y,z 
_pdbx_struct_oper_list.matrix[1][1]         1.0000000000 
_pdbx_struct_oper_list.matrix[1][2]         0.0000000000 
_pdbx_struct_oper_list.matrix[1][3]         0.0000000000 
_pdbx_struct_oper_list.vector[1]            0.0000000000 
_pdbx_struct_oper_list.matrix[2][1]         0.0000000000 
_pdbx_struct_oper_list.matrix[2][2]         1.0000000000 
_pdbx_struct_oper_list.matrix[2][3]         0.0000000000 
_pdbx_struct_oper_list.vector[2]            0.0000000000 
_pdbx_struct_oper_list.matrix[3][1]         0.0000000000 
_pdbx_struct_oper_list.matrix[3][2]         0.0000000000 
_pdbx_struct_oper_list.matrix[3][3]         1.0000000000 
_pdbx_struct_oper_list.vector[3]            0.0000000000 
# 
loop_
_pdbx_audit_revision_history.ordinal 
_pdbx_audit_revision_history.data_content_type 
_pdbx_audit_revision_history.major_revision 
_pdbx_audit_revision_history.minor_revision 
_pdbx_audit_revision_history.revision_date 
1 'Structure model' 1 0 2021-07-14 
2 'Structure model' 1 1 2022-07-06 
3 'Structure model' 1 2 2023-10-18 
# 
_pdbx_audit_revision_details.ordinal             1 
_pdbx_audit_revision_details.revision_ordinal    1 
_pdbx_audit_revision_details.data_content_type   'Structure model' 
_pdbx_audit_revision_details.provider            repository 
_pdbx_audit_revision_details.type                'Initial release' 
_pdbx_audit_revision_details.description         ? 
_pdbx_audit_revision_details.details             ? 
# 
loop_
_pdbx_audit_revision_group.ordinal 
_pdbx_audit_revision_group.revision_ordinal 
_pdbx_audit_revision_group.data_content_type 
_pdbx_audit_revision_group.group 
1 2 'Structure model' 'Database references'    
2 3 'Structure model' 'Data collection'        
3 3 'Structure model' 'Refinement description' 
# 
loop_
_pdbx_audit_revision_category.ordinal 
_pdbx_audit_revision_category.revision_ordinal 
_pdbx_audit_revision_category.data_content_type 
_pdbx_audit_revision_category.category 
1 2 'Structure model' citation                      
2 2 'Structure model' citation_author               
3 2 'Structure model' database_2                    
4 3 'Structure model' chem_comp_atom                
5 3 'Structure model' chem_comp_bond                
6 3 'Structure model' pdbx_initial_refinement_model 
# 
loop_
_pdbx_audit_revision_item.ordinal 
_pdbx_audit_revision_item.revision_ordinal 
_pdbx_audit_revision_item.data_content_type 
_pdbx_audit_revision_item.item 
1  2 'Structure model' '_citation.country'                   
2  2 'Structure model' '_citation.journal_abbrev'            
3  2 'Structure model' '_citation.journal_id_CSD'            
4  2 'Structure model' '_citation.journal_id_ISSN'           
5  2 'Structure model' '_citation.journal_volume'            
6  2 'Structure model' '_citation.page_first'                
7  2 'Structure model' '_citation.page_last'                 
8  2 'Structure model' '_citation.pdbx_database_id_DOI'      
9  2 'Structure model' '_citation.pdbx_database_id_PubMed'   
10 2 'Structure model' '_citation.title'                     
11 2 'Structure model' '_citation.year'                      
12 2 'Structure model' '_database_2.pdbx_DOI'                
13 2 'Structure model' '_database_2.pdbx_database_accession' 
# 
loop_
_software.citation_id 
_software.classification 
_software.compiler_name 
_software.compiler_version 
_software.contact_author 
_software.contact_author_email 
_software.date 
_software.description 
_software.dependencies 
_software.hardware 
_software.language 
_software.location 
_software.mods 
_software.name 
_software.os 
_software.os_version 
_software.type 
_software.version 
_software.pdbx_ordinal 
? 'data reduction'  ? ? ? ? ? ? ? ? ? ? ? HKL-2000    ? ? ? .           1 
? 'data scaling'    ? ? ? ? ? ? ? ? ? ? ? HKL-2000    ? ? ? .           2 
? refinement        ? ? ? ? ? ? ? ? ? ? ? PHENIX      ? ? ? 1.11.1_2575 3 
? 'data extraction' ? ? ? ? ? ? ? ? ? ? ? PDB_EXTRACT ? ? ? 3.25        4 
? phasing           ? ? ? ? ? ? ? ? ? ? ? PHASER      ? ? ? .           5 
# 
_pdbx_entry_details.entry_id                 6XEI 
_pdbx_entry_details.has_ligand_of_interest   N 
_pdbx_entry_details.compound_details         ? 
_pdbx_entry_details.source_details           ? 
_pdbx_entry_details.nonpolymer_details       ? 
_pdbx_entry_details.sequence_details         ? 
# 
loop_
_pdbx_unobs_or_zero_occ_atoms.id 
_pdbx_unobs_or_zero_occ_atoms.PDB_model_num 
_pdbx_unobs_or_zero_occ_atoms.polymer_flag 
_pdbx_unobs_or_zero_occ_atoms.occupancy_flag 
_pdbx_unobs_or_zero_occ_atoms.auth_asym_id 
_pdbx_unobs_or_zero_occ_atoms.auth_comp_id 
_pdbx_unobs_or_zero_occ_atoms.auth_seq_id 
_pdbx_unobs_or_zero_occ_atoms.PDB_ins_code 
_pdbx_unobs_or_zero_occ_atoms.auth_atom_id 
_pdbx_unobs_or_zero_occ_atoms.label_alt_id 
_pdbx_unobs_or_zero_occ_atoms.label_asym_id 
_pdbx_unobs_or_zero_occ_atoms.label_comp_id 
_pdbx_unobs_or_zero_occ_atoms.label_seq_id 
_pdbx_unobs_or_zero_occ_atoms.label_atom_id 
1  1 N 1 C CAC 101 ? O1 ? E CAC 1 O1 
2  1 N 1 C CAC 101 ? O2 ? E CAC 1 O2 
3  1 N 1 C CAC 101 ? C1 ? E CAC 1 C1 
4  1 N 1 C CAC 101 ? C2 ? E CAC 1 C2 
5  1 N 1 D CAC 101 ? O1 ? F CAC 1 O1 
6  1 N 1 D CAC 101 ? O2 ? F CAC 1 O2 
7  1 N 1 D CAC 101 ? C1 ? F CAC 1 C1 
8  1 N 1 D CAC 101 ? C2 ? F CAC 1 C2 
9  1 N 1 D CAC 102 ? O1 ? G CAC 1 O1 
10 1 N 1 D CAC 102 ? O2 ? G CAC 1 O2 
11 1 N 1 D CAC 102 ? C1 ? G CAC 1 C1 
12 1 N 1 D CAC 102 ? C2 ? G CAC 1 C2 
# 
loop_
_chem_comp_atom.comp_id 
_chem_comp_atom.atom_id 
_chem_comp_atom.type_symbol 
_chem_comp_atom.pdbx_aromatic_flag 
_chem_comp_atom.pdbx_stereo_config 
_chem_comp_atom.pdbx_ordinal 
CAC AS     AS N N 1   
CAC O1     O  N N 2   
CAC O2     O  N N 3   
CAC C1     C  N N 4   
CAC C2     C  N N 5   
CAC H11    H  N N 6   
CAC H12    H  N N 7   
CAC H13    H  N N 8   
CAC H21    H  N N 9   
CAC H22    H  N N 10  
CAC H23    H  N N 11  
DA  OP3    O  N N 12  
DA  P      P  N N 13  
DA  OP1    O  N N 14  
DA  OP2    O  N N 15  
DA  "O5'"  O  N N 16  
DA  "C5'"  C  N N 17  
DA  "C4'"  C  N R 18  
DA  "O4'"  O  N N 19  
DA  "C3'"  C  N S 20  
DA  "O3'"  O  N N 21  
DA  "C2'"  C  N N 22  
DA  "C1'"  C  N R 23  
DA  N9     N  Y N 24  
DA  C8     C  Y N 25  
DA  N7     N  Y N 26  
DA  C5     C  Y N 27  
DA  C6     C  Y N 28  
DA  N6     N  N N 29  
DA  N1     N  Y N 30  
DA  C2     C  Y N 31  
DA  N3     N  Y N 32  
DA  C4     C  Y N 33  
DA  HOP3   H  N N 34  
DA  HOP2   H  N N 35  
DA  "H5'"  H  N N 36  
DA  "H5''" H  N N 37  
DA  "H4'"  H  N N 38  
DA  "H3'"  H  N N 39  
DA  "HO3'" H  N N 40  
DA  "H2'"  H  N N 41  
DA  "H2''" H  N N 42  
DA  "H1'"  H  N N 43  
DA  H8     H  N N 44  
DA  H61    H  N N 45  
DA  H62    H  N N 46  
DA  H2     H  N N 47  
DC  OP3    O  N N 48  
DC  P      P  N N 49  
DC  OP1    O  N N 50  
DC  OP2    O  N N 51  
DC  "O5'"  O  N N 52  
DC  "C5'"  C  N N 53  
DC  "C4'"  C  N R 54  
DC  "O4'"  O  N N 55  
DC  "C3'"  C  N S 56  
DC  "O3'"  O  N N 57  
DC  "C2'"  C  N N 58  
DC  "C1'"  C  N R 59  
DC  N1     N  N N 60  
DC  C2     C  N N 61  
DC  O2     O  N N 62  
DC  N3     N  N N 63  
DC  C4     C  N N 64  
DC  N4     N  N N 65  
DC  C5     C  N N 66  
DC  C6     C  N N 67  
DC  HOP3   H  N N 68  
DC  HOP2   H  N N 69  
DC  "H5'"  H  N N 70  
DC  "H5''" H  N N 71  
DC  "H4'"  H  N N 72  
DC  "H3'"  H  N N 73  
DC  "HO3'" H  N N 74  
DC  "H2'"  H  N N 75  
DC  "H2''" H  N N 76  
DC  "H1'"  H  N N 77  
DC  H41    H  N N 78  
DC  H42    H  N N 79  
DC  H5     H  N N 80  
DC  H6     H  N N 81  
DG  OP3    O  N N 82  
DG  P      P  N N 83  
DG  OP1    O  N N 84  
DG  OP2    O  N N 85  
DG  "O5'"  O  N N 86  
DG  "C5'"  C  N N 87  
DG  "C4'"  C  N R 88  
DG  "O4'"  O  N N 89  
DG  "C3'"  C  N S 90  
DG  "O3'"  O  N N 91  
DG  "C2'"  C  N N 92  
DG  "C1'"  C  N R 93  
DG  N9     N  Y N 94  
DG  C8     C  Y N 95  
DG  N7     N  Y N 96  
DG  C5     C  Y N 97  
DG  C6     C  N N 98  
DG  O6     O  N N 99  
DG  N1     N  N N 100 
DG  C2     C  N N 101 
DG  N2     N  N N 102 
DG  N3     N  N N 103 
DG  C4     C  Y N 104 
DG  HOP3   H  N N 105 
DG  HOP2   H  N N 106 
DG  "H5'"  H  N N 107 
DG  "H5''" H  N N 108 
DG  "H4'"  H  N N 109 
DG  "H3'"  H  N N 110 
DG  "HO3'" H  N N 111 
DG  "H2'"  H  N N 112 
DG  "H2''" H  N N 113 
DG  "H1'"  H  N N 114 
DG  H8     H  N N 115 
DG  H1     H  N N 116 
DG  H21    H  N N 117 
DG  H22    H  N N 118 
DT  OP3    O  N N 119 
DT  P      P  N N 120 
DT  OP1    O  N N 121 
DT  OP2    O  N N 122 
DT  "O5'"  O  N N 123 
DT  "C5'"  C  N N 124 
DT  "C4'"  C  N R 125 
DT  "O4'"  O  N N 126 
DT  "C3'"  C  N S 127 
DT  "O3'"  O  N N 128 
DT  "C2'"  C  N N 129 
DT  "C1'"  C  N R 130 
DT  N1     N  N N 131 
DT  C2     C  N N 132 
DT  O2     O  N N 133 
DT  N3     N  N N 134 
DT  C4     C  N N 135 
DT  O4     O  N N 136 
DT  C5     C  N N 137 
DT  C7     C  N N 138 
DT  C6     C  N N 139 
DT  HOP3   H  N N 140 
DT  HOP2   H  N N 141 
DT  "H5'"  H  N N 142 
DT  "H5''" H  N N 143 
DT  "H4'"  H  N N 144 
DT  "H3'"  H  N N 145 
DT  "HO3'" H  N N 146 
DT  "H2'"  H  N N 147 
DT  "H2''" H  N N 148 
DT  "H1'"  H  N N 149 
DT  H3     H  N N 150 
DT  H71    H  N N 151 
DT  H72    H  N N 152 
DT  H73    H  N N 153 
DT  H6     H  N N 154 
# 
loop_
_chem_comp_bond.comp_id 
_chem_comp_bond.atom_id_1 
_chem_comp_bond.atom_id_2 
_chem_comp_bond.value_order 
_chem_comp_bond.pdbx_aromatic_flag 
_chem_comp_bond.pdbx_stereo_config 
_chem_comp_bond.pdbx_ordinal 
CAC AS    O1     doub N N 1   
CAC AS    O2     sing N N 2   
CAC AS    C1     sing N N 3   
CAC AS    C2     sing N N 4   
CAC C1    H11    sing N N 5   
CAC C1    H12    sing N N 6   
CAC C1    H13    sing N N 7   
CAC C2    H21    sing N N 8   
CAC C2    H22    sing N N 9   
CAC C2    H23    sing N N 10  
DA  OP3   P      sing N N 11  
DA  OP3   HOP3   sing N N 12  
DA  P     OP1    doub N N 13  
DA  P     OP2    sing N N 14  
DA  P     "O5'"  sing N N 15  
DA  OP2   HOP2   sing N N 16  
DA  "O5'" "C5'"  sing N N 17  
DA  "C5'" "C4'"  sing N N 18  
DA  "C5'" "H5'"  sing N N 19  
DA  "C5'" "H5''" sing N N 20  
DA  "C4'" "O4'"  sing N N 21  
DA  "C4'" "C3'"  sing N N 22  
DA  "C4'" "H4'"  sing N N 23  
DA  "O4'" "C1'"  sing N N 24  
DA  "C3'" "O3'"  sing N N 25  
DA  "C3'" "C2'"  sing N N 26  
DA  "C3'" "H3'"  sing N N 27  
DA  "O3'" "HO3'" sing N N 28  
DA  "C2'" "C1'"  sing N N 29  
DA  "C2'" "H2'"  sing N N 30  
DA  "C2'" "H2''" sing N N 31  
DA  "C1'" N9     sing N N 32  
DA  "C1'" "H1'"  sing N N 33  
DA  N9    C8     sing Y N 34  
DA  N9    C4     sing Y N 35  
DA  C8    N7     doub Y N 36  
DA  C8    H8     sing N N 37  
DA  N7    C5     sing Y N 38  
DA  C5    C6     sing Y N 39  
DA  C5    C4     doub Y N 40  
DA  C6    N6     sing N N 41  
DA  C6    N1     doub Y N 42  
DA  N6    H61    sing N N 43  
DA  N6    H62    sing N N 44  
DA  N1    C2     sing Y N 45  
DA  C2    N3     doub Y N 46  
DA  C2    H2     sing N N 47  
DA  N3    C4     sing Y N 48  
DC  OP3   P      sing N N 49  
DC  OP3   HOP3   sing N N 50  
DC  P     OP1    doub N N 51  
DC  P     OP2    sing N N 52  
DC  P     "O5'"  sing N N 53  
DC  OP2   HOP2   sing N N 54  
DC  "O5'" "C5'"  sing N N 55  
DC  "C5'" "C4'"  sing N N 56  
DC  "C5'" "H5'"  sing N N 57  
DC  "C5'" "H5''" sing N N 58  
DC  "C4'" "O4'"  sing N N 59  
DC  "C4'" "C3'"  sing N N 60  
DC  "C4'" "H4'"  sing N N 61  
DC  "O4'" "C1'"  sing N N 62  
DC  "C3'" "O3'"  sing N N 63  
DC  "C3'" "C2'"  sing N N 64  
DC  "C3'" "H3'"  sing N N 65  
DC  "O3'" "HO3'" sing N N 66  
DC  "C2'" "C1'"  sing N N 67  
DC  "C2'" "H2'"  sing N N 68  
DC  "C2'" "H2''" sing N N 69  
DC  "C1'" N1     sing N N 70  
DC  "C1'" "H1'"  sing N N 71  
DC  N1    C2     sing N N 72  
DC  N1    C6     sing N N 73  
DC  C2    O2     doub N N 74  
DC  C2    N3     sing N N 75  
DC  N3    C4     doub N N 76  
DC  C4    N4     sing N N 77  
DC  C4    C5     sing N N 78  
DC  N4    H41    sing N N 79  
DC  N4    H42    sing N N 80  
DC  C5    C6     doub N N 81  
DC  C5    H5     sing N N 82  
DC  C6    H6     sing N N 83  
DG  OP3   P      sing N N 84  
DG  OP3   HOP3   sing N N 85  
DG  P     OP1    doub N N 86  
DG  P     OP2    sing N N 87  
DG  P     "O5'"  sing N N 88  
DG  OP2   HOP2   sing N N 89  
DG  "O5'" "C5'"  sing N N 90  
DG  "C5'" "C4'"  sing N N 91  
DG  "C5'" "H5'"  sing N N 92  
DG  "C5'" "H5''" sing N N 93  
DG  "C4'" "O4'"  sing N N 94  
DG  "C4'" "C3'"  sing N N 95  
DG  "C4'" "H4'"  sing N N 96  
DG  "O4'" "C1'"  sing N N 97  
DG  "C3'" "O3'"  sing N N 98  
DG  "C3'" "C2'"  sing N N 99  
DG  "C3'" "H3'"  sing N N 100 
DG  "O3'" "HO3'" sing N N 101 
DG  "C2'" "C1'"  sing N N 102 
DG  "C2'" "H2'"  sing N N 103 
DG  "C2'" "H2''" sing N N 104 
DG  "C1'" N9     sing N N 105 
DG  "C1'" "H1'"  sing N N 106 
DG  N9    C8     sing Y N 107 
DG  N9    C4     sing Y N 108 
DG  C8    N7     doub Y N 109 
DG  C8    H8     sing N N 110 
DG  N7    C5     sing Y N 111 
DG  C5    C6     sing N N 112 
DG  C5    C4     doub Y N 113 
DG  C6    O6     doub N N 114 
DG  C6    N1     sing N N 115 
DG  N1    C2     sing N N 116 
DG  N1    H1     sing N N 117 
DG  C2    N2     sing N N 118 
DG  C2    N3     doub N N 119 
DG  N2    H21    sing N N 120 
DG  N2    H22    sing N N 121 
DG  N3    C4     sing N N 122 
DT  OP3   P      sing N N 123 
DT  OP3   HOP3   sing N N 124 
DT  P     OP1    doub N N 125 
DT  P     OP2    sing N N 126 
DT  P     "O5'"  sing N N 127 
DT  OP2   HOP2   sing N N 128 
DT  "O5'" "C5'"  sing N N 129 
DT  "C5'" "C4'"  sing N N 130 
DT  "C5'" "H5'"  sing N N 131 
DT  "C5'" "H5''" sing N N 132 
DT  "C4'" "O4'"  sing N N 133 
DT  "C4'" "C3'"  sing N N 134 
DT  "C4'" "H4'"  sing N N 135 
DT  "O4'" "C1'"  sing N N 136 
DT  "C3'" "O3'"  sing N N 137 
DT  "C3'" "C2'"  sing N N 138 
DT  "C3'" "H3'"  sing N N 139 
DT  "O3'" "HO3'" sing N N 140 
DT  "C2'" "C1'"  sing N N 141 
DT  "C2'" "H2'"  sing N N 142 
DT  "C2'" "H2''" sing N N 143 
DT  "C1'" N1     sing N N 144 
DT  "C1'" "H1'"  sing N N 145 
DT  N1    C2     sing N N 146 
DT  N1    C6     sing N N 147 
DT  C2    O2     doub N N 148 
DT  C2    N3     sing N N 149 
DT  N3    C4     sing N N 150 
DT  N3    H3     sing N N 151 
DT  C4    O4     doub N N 152 
DT  C4    C5     sing N N 153 
DT  C5    C7     sing N N 154 
DT  C5    C6     doub N N 155 
DT  C7    H71    sing N N 156 
DT  C7    H72    sing N N 157 
DT  C7    H73    sing N N 158 
DT  C6    H6     sing N N 159 
# 
loop_
_ndb_struct_conf_na.entry_id 
_ndb_struct_conf_na.feature 
6XEI 'double helix'        
6XEI 'a-form double helix' 
6XEI 'b-form double helix' 
# 
loop_
_ndb_struct_na_base_pair.model_number 
_ndb_struct_na_base_pair.i_label_asym_id 
_ndb_struct_na_base_pair.i_label_comp_id 
_ndb_struct_na_base_pair.i_label_seq_id 
_ndb_struct_na_base_pair.i_symmetry 
_ndb_struct_na_base_pair.j_label_asym_id 
_ndb_struct_na_base_pair.j_label_comp_id 
_ndb_struct_na_base_pair.j_label_seq_id 
_ndb_struct_na_base_pair.j_symmetry 
_ndb_struct_na_base_pair.shear 
_ndb_struct_na_base_pair.stretch 
_ndb_struct_na_base_pair.stagger 
_ndb_struct_na_base_pair.buckle 
_ndb_struct_na_base_pair.propeller 
_ndb_struct_na_base_pair.opening 
_ndb_struct_na_base_pair.pair_number 
_ndb_struct_na_base_pair.pair_name 
_ndb_struct_na_base_pair.i_auth_asym_id 
_ndb_struct_na_base_pair.i_auth_seq_id 
_ndb_struct_na_base_pair.i_PDB_ins_code 
_ndb_struct_na_base_pair.j_auth_asym_id 
_ndb_struct_na_base_pair.j_auth_seq_id 
_ndb_struct_na_base_pair.j_PDB_ins_code 
_ndb_struct_na_base_pair.hbond_type_28 
_ndb_struct_na_base_pair.hbond_type_12 
1 A DA 5  1_555 D DT 14 1_555 1.497  0.417  1.178  4.571  -25.953 -3.720  1  A_DA5:DT14_D A 5  ? D 14 ? ?  ? 
1 A DG 6  1_555 D DC 13 1_555 0.795  0.335  0.193  -2.396 -27.771 -19.071 2  A_DG6:DC13_D A 6  ? D 13 ? ?  1 
1 A DA 7  1_555 D DT 12 1_555 -1.070 0.400  -0.335 -5.418 -8.303  -8.567  3  A_DA7:DT12_D A 7  ? D 12 ? 20 1 
1 A DC 8  1_555 D DG 11 1_555 -1.511 0.495  -0.154 7.251  -8.018  8.147   4  A_DC8:DG11_D A 8  ? D 11 ? ?  1 
1 A DG 9  1_555 D DC 10 1_555 -0.026 -0.087 0.582  1.893  -4.556  -5.737  5  A_DG9:DC10_D A 9  ? D 10 ? 19 1 
1 A DT 10 1_555 C DA 2  1_555 -0.779 -0.123 0.271  1.860  -4.583  6.314   6  A_DT10:DA2_C A 10 ? C 2  ? 20 1 
1 A DG 11 1_555 C DC 1  1_555 1.011  0.008  0.066  5.514  -4.844  -5.963  7  A_DG11:DC1_C A 11 ? C 1  ? 19 1 
1 B DA 1  1_555 C DT 5  1_555 0.832  -0.027 0.445  6.084  -10.347 4.365   8  B_DA12:DT5_C B 12 ? C 5  ? 20 1 
1 B DC 2  1_555 C DG 4  1_555 -1.310 0.022  0.517  4.434  -16.610 1.705   9  B_DC13:DG4_C B 13 ? C 4  ? 19 1 
1 B DT 3  1_555 C DA 3  1_555 -1.255 -0.160 0.713  -1.527 -14.787 -9.516  10 B_DT14:DA3_C B 14 ? C 3  ? 20 1 
1 B DG 4  1_555 D DC 9  1_555 -0.339 0.012  0.619  4.074  -3.862  10.408  11 B_DG15:DC9_D B 15 ? D 9  ? 19 1 
1 B DC 5  1_555 D DG 8  1_555 0.848  0.047  0.665  8.734  -10.594 1.297   12 B_DC16:DG8_D B 16 ? D 8  ? 19 1 
1 B DA 6  1_555 D DT 7  1_555 1.476  0.148  0.414  4.630  -11.958 -9.069  13 B_DA17:DT7_D B 17 ? D 7  ? 20 1 
1 B DC 7  1_555 D DG 6  1_555 -1.294 0.514  -0.381 7.088  -8.414  10.820  14 B_DC18:DG6_D B 18 ? D 6  ? ?  1 
1 B DC 9  1_555 D DG 4  1_555 0.263  0.820  -0.441 5.036  -14.828 11.978  15 B_DC20:DG4_D B 20 ? D 4  ? ?  1 
# 
loop_
_ndb_struct_na_base_pair_step.model_number 
_ndb_struct_na_base_pair_step.i_label_asym_id_1 
_ndb_struct_na_base_pair_step.i_label_comp_id_1 
_ndb_struct_na_base_pair_step.i_label_seq_id_1 
_ndb_struct_na_base_pair_step.i_symmetry_1 
_ndb_struct_na_base_pair_step.j_label_asym_id_1 
_ndb_struct_na_base_pair_step.j_label_comp_id_1 
_ndb_struct_na_base_pair_step.j_label_seq_id_1 
_ndb_struct_na_base_pair_step.j_symmetry_1 
_ndb_struct_na_base_pair_step.i_label_asym_id_2 
_ndb_struct_na_base_pair_step.i_label_comp_id_2 
_ndb_struct_na_base_pair_step.i_label_seq_id_2 
_ndb_struct_na_base_pair_step.i_symmetry_2 
_ndb_struct_na_base_pair_step.j_label_asym_id_2 
_ndb_struct_na_base_pair_step.j_label_comp_id_2 
_ndb_struct_na_base_pair_step.j_label_seq_id_2 
_ndb_struct_na_base_pair_step.j_symmetry_2 
_ndb_struct_na_base_pair_step.shift 
_ndb_struct_na_base_pair_step.slide 
_ndb_struct_na_base_pair_step.rise 
_ndb_struct_na_base_pair_step.tilt 
_ndb_struct_na_base_pair_step.roll 
_ndb_struct_na_base_pair_step.twist 
_ndb_struct_na_base_pair_step.x_displacement 
_ndb_struct_na_base_pair_step.y_displacement 
_ndb_struct_na_base_pair_step.helical_rise 
_ndb_struct_na_base_pair_step.inclination 
_ndb_struct_na_base_pair_step.tip 
_ndb_struct_na_base_pair_step.helical_twist 
_ndb_struct_na_base_pair_step.step_number 
_ndb_struct_na_base_pair_step.step_name 
_ndb_struct_na_base_pair_step.i_auth_asym_id_1 
_ndb_struct_na_base_pair_step.i_auth_seq_id_1 
_ndb_struct_na_base_pair_step.i_PDB_ins_code_1 
_ndb_struct_na_base_pair_step.j_auth_asym_id_1 
_ndb_struct_na_base_pair_step.j_auth_seq_id_1 
_ndb_struct_na_base_pair_step.j_PDB_ins_code_1 
_ndb_struct_na_base_pair_step.i_auth_asym_id_2 
_ndb_struct_na_base_pair_step.i_auth_seq_id_2 
_ndb_struct_na_base_pair_step.i_PDB_ins_code_2 
_ndb_struct_na_base_pair_step.j_auth_asym_id_2 
_ndb_struct_na_base_pair_step.j_auth_seq_id_2 
_ndb_struct_na_base_pair_step.j_PDB_ins_code_2 
1 A DA 5  1_555 D DT 14 1_555 A DG 6  1_555 D DC 13 1_555 -0.805 -0.687 3.534 -2.039  -0.942 26.159 -1.236 1.171  3.607 -2.076 
4.494   26.254 1  AA_DA5DG6:DC13DT14_DD A 5  ? D 14 ? A 6  ? D 13 ? 
1 A DG 6  1_555 D DC 13 1_555 A DA 7  1_555 D DT 12 1_555 0.191  -0.738 3.276 1.329   4.186  31.799 -2.077 -0.110 3.161 7.594  
-2.411  32.093 2  AA_DG6DA7:DT12DC13_DD A 6  ? D 13 ? A 7  ? D 12 ? 
1 A DA 7  1_555 D DT 12 1_555 A DC 8  1_555 D DG 11 1_555 0.424  -0.822 3.095 -3.648  0.016  30.292 -1.565 -1.487 3.024 0.030  
6.949   30.505 3  AA_DA7DC8:DG11DT12_DD A 7  ? D 12 ? A 8  ? D 11 ? 
1 A DC 8  1_555 D DG 11 1_555 A DG 9  1_555 D DC 10 1_555 -0.638 -1.580 3.372 -11.874 0.581  39.467 -2.315 -0.452 3.395 0.838  
17.117  41.150 4  AA_DC8DG9:DC10DG11_DD A 8  ? D 11 ? A 9  ? D 10 ? 
1 A DG 9  1_555 D DC 10 1_555 A DT 10 1_555 C DA 2  1_555 -0.553 -1.721 3.253 3.242   2.119  20.486 -5.624 2.858  2.939 5.889  
-9.011  20.845 5  AA_DG9DT10:DA2DC10_CD A 9  ? D 10 ? A 10 ? C 2  ? 
1 A DT 10 1_555 C DA 2  1_555 A DG 11 1_555 C DC 1  1_555 -0.661 1.210  3.403 -1.736  2.530  47.699 1.281  0.670  3.479 3.125  
2.144   47.792 6  AA_DT10DG11:DC1DA2_CC A 10 ? C 2  ? A 11 ? C 1  ? 
1 B DA 1  1_555 C DT 5  1_555 B DC 2  1_555 C DG 4  1_555 0.633  -1.651 3.217 -2.655  -0.882 19.460 -4.418 -3.113 3.173 -2.591 
7.803   19.658 7  BB_DA12DC13:DG4DT5_CC B 12 ? C 5  ? B 13 ? C 4  ? 
1 B DC 2  1_555 C DG 4  1_555 B DT 3  1_555 C DA 3  1_555 -0.551 -1.341 3.484 -2.697  -0.597 39.206 -1.918 0.475  3.532 -0.889 
4.014   39.299 8  BB_DC13DT14:DA3DG4_CC B 13 ? C 4  ? B 14 ? C 3  ? 
1 B DT 3  1_555 C DA 3  1_555 B DG 4  1_555 D DC 9  1_555 0.400  -1.006 2.935 1.287   -1.641 32.862 -1.522 -0.508 2.993 -2.897 
-2.272  32.927 9  BB_DT14DG15:DC9DA3_DC B 14 ? C 3  ? B 15 ? D 9  ? 
1 B DG 4  1_555 D DC 9  1_555 B DC 5  1_555 D DG 8  1_555 -1.073 0.536  3.459 -1.298  2.542  33.949 0.483  1.611  3.526 4.345  
2.218   34.065 10 BB_DG15DC16:DG8DC9_DD B 15 ? D 9  ? B 16 ? D 8  ? 
1 B DC 5  1_555 D DG 8  1_555 B DA 6  1_555 D DT 7  1_555 -0.766 0.696  3.372 -0.356  -0.244 44.798 0.935  0.972  3.374 -0.320 
0.467   44.800 11 BB_DC16DA17:DT7DG8_DD B 16 ? D 8  ? B 17 ? D 7  ? 
1 B DA 6  1_555 D DT 7  1_555 B DC 7  1_555 D DG 6  1_555 1.049  -1.356 3.140 5.661   1.314  17.529 -4.943 -0.184 3.207 4.166  
-17.947 18.460 12 BB_DA17DC18:DG6DT7_DD B 17 ? D 7  ? B 18 ? D 6  ? 
1 B DC 7  1_555 D DG 6  1_555 B DC 9  1_555 D DG 4  1_555 -0.105 1.808  6.758 6.578   5.539  78.225 1.109  0.461  6.829 4.378  
-5.199  78.621 13 BB_DC18DC20:DG4DG6_DD B 18 ? D 6  ? B 20 ? D 4  ? 
# 
loop_
_pdbx_audit_support.funding_organization 
_pdbx_audit_support.country 
_pdbx_audit_support.grant_number 
_pdbx_audit_support.ordinal 
'National Science Foundation (NSF, United States)'                                         'United States' 1360635     1 
'National Institutes of Health/National Institute of General Medical Sciences (NIH/NIGMS)' 'United States' R01GM104960 2 
'National Science Foundation (NSF, United States)'                                         'United States' NSF2004250  3 
# 
_pdbx_entity_nonpoly.entity_id   5 
_pdbx_entity_nonpoly.name        'CACODYLATE ION' 
_pdbx_entity_nonpoly.comp_id     CAC 
# 
_pdbx_initial_refinement_model.id               1 
_pdbx_initial_refinement_model.entity_id_list   ? 
_pdbx_initial_refinement_model.type             'experimental model' 
_pdbx_initial_refinement_model.source_name      PDB 
_pdbx_initial_refinement_model.accession_code   6X8C 
_pdbx_initial_refinement_model.details          ? 
# 
_pdbx_struct_assembly_auth_evidence.id                     1 
_pdbx_struct_assembly_auth_evidence.assembly_id            1 
_pdbx_struct_assembly_auth_evidence.experimental_support   none 
_pdbx_struct_assembly_auth_evidence.details                ? 
# 
